data_1HYM
# 
_entry.id   1HYM 
# 
_audit_conform.dict_name       mmcif_pdbx.dic 
_audit_conform.dict_version    5.398 
_audit_conform.dict_location   http://mmcif.pdb.org/dictionaries/ascii/mmcif_pdbx.dic 
# 
loop_
_database_2.database_id 
_database_2.database_code 
_database_2.pdbx_database_accession 
_database_2.pdbx_DOI 
PDB   1HYM         pdb_00001hym 10.2210/pdb1hym/pdb 
WWPDB D_1000174074 ?            ?                   
# 
loop_
_pdbx_audit_revision_history.ordinal 
_pdbx_audit_revision_history.data_content_type 
_pdbx_audit_revision_history.major_revision 
_pdbx_audit_revision_history.minor_revision 
_pdbx_audit_revision_history.revision_date 
1 'Structure model' 1 0 1995-09-15 
2 'Structure model' 1 1 2008-03-24 
3 'Structure model' 1 2 2011-07-13 
4 'Structure model' 1 3 2017-11-29 
5 'Structure model' 1 4 2024-11-06 
# 
_pdbx_audit_revision_details.ordinal             1 
_pdbx_audit_revision_details.revision_ordinal    1 
_pdbx_audit_revision_details.data_content_type   'Structure model' 
_pdbx_audit_revision_details.provider            repository 
_pdbx_audit_revision_details.type                'Initial release' 
_pdbx_audit_revision_details.description         ? 
_pdbx_audit_revision_details.details             ? 
# 
loop_
_pdbx_audit_revision_group.ordinal 
_pdbx_audit_revision_group.revision_ordinal 
_pdbx_audit_revision_group.data_content_type 
_pdbx_audit_revision_group.group 
1 2 'Structure model' 'Version format compliance' 
2 3 'Structure model' 'Version format compliance' 
3 4 'Structure model' 'Derived calculations'      
4 4 'Structure model' Other                       
5 5 'Structure model' 'Data collection'           
6 5 'Structure model' 'Database references'       
7 5 'Structure model' 'Derived calculations'      
8 5 'Structure model' 'Structure summary'         
# 
loop_
_pdbx_audit_revision_category.ordinal 
_pdbx_audit_revision_category.revision_ordinal 
_pdbx_audit_revision_category.data_content_type 
_pdbx_audit_revision_category.category 
1  4 'Structure model' pdbx_database_status      
2  4 'Structure model' pdbx_struct_assembly      
3  4 'Structure model' pdbx_struct_oper_list     
4  4 'Structure model' struct_conf               
5  4 'Structure model' struct_conf_type          
6  5 'Structure model' chem_comp_atom            
7  5 'Structure model' chem_comp_bond            
8  5 'Structure model' database_2                
9  5 'Structure model' pdbx_entry_details        
10 5 'Structure model' pdbx_modification_feature 
11 5 'Structure model' struct_conn               
# 
loop_
_pdbx_audit_revision_item.ordinal 
_pdbx_audit_revision_item.revision_ordinal 
_pdbx_audit_revision_item.data_content_type 
_pdbx_audit_revision_item.item 
1 4 'Structure model' '_pdbx_database_status.process_site'  
2 5 'Structure model' '_database_2.pdbx_DOI'                
3 5 'Structure model' '_database_2.pdbx_database_accession' 
4 5 'Structure model' '_struct_conn.pdbx_leaving_atom_flag' 
# 
_pdbx_database_status.status_code                     REL 
_pdbx_database_status.entry_id                        1HYM 
_pdbx_database_status.recvd_initial_deposition_date   1995-06-12 
_pdbx_database_status.deposit_site                    ? 
_pdbx_database_status.process_site                    BNL 
_pdbx_database_status.SG_entry                        . 
_pdbx_database_status.pdb_format_compatible           Y 
_pdbx_database_status.status_code_mr                  ? 
_pdbx_database_status.status_code_sf                  ? 
_pdbx_database_status.status_code_cs                  ? 
_pdbx_database_status.methods_development_category    ? 
_pdbx_database_status.status_code_nmr_data            ? 
# 
loop_
_audit_author.name 
_audit_author.pdbx_ordinal 
'Cai, M.'            1 
'Gong, Y.'           2 
'Prakash, O.'        3 
'Krishnamoorthi, R.' 4 
# 
loop_
_citation.id 
_citation.title 
_citation.journal_abbrev 
_citation.journal_volume 
_citation.page_first 
_citation.page_last 
_citation.year 
_citation.journal_id_ASTM 
_citation.country 
_citation.journal_id_ISSN 
_citation.journal_id_CSD 
_citation.book_publisher 
_citation.pdbx_database_id_PubMed 
_citation.pdbx_database_id_DOI 
primary 
'Reactive-site hydrolyzed Cucurbita maxima trypsin inhibitor-V: function, thermodynamic stability, and NMR solution structure.' 
Biochemistry 34  12087 12094 1995 BICHAW US 0006-2960 0033 ? 7547948 10.1021/bi00038a001 
1       'Three-Dimensional Solution Structure of Cucurbita Maxima Trypsin Inhibitor-V Determined by NMR Spectroscopy' Biochemistry 
34  5201  ?     1995 BICHAW US 0006-2960 0033 ? ?       ?                   
2       'A New Protein Inhibitor of Trypsin and Activated Hageman Factor from Pumpkin (Cucurbita Maxima) Seeds' 'FEBS Lett.' 273 
163   ?     1990 FEBLAL NE 0014-5793 0165 ? ?       ?                   
# 
loop_
_citation_author.citation_id 
_citation_author.name 
_citation_author.ordinal 
_citation_author.identifier_ORCID 
primary 'Cai, M.'            1  ? 
primary 'Gong, Y.'           2  ? 
primary 'Prakash, O.'        3  ? 
primary 'Krishnamoorthi, R.' 4  ? 
1       'Cai, M.'            5  ? 
1       'Gong, Y.'           6  ? 
1       'Kao, J.L.F.'        7  ? 
1       'Krishnamoorthi, R.' 8  ? 
2       'Krishnamoorthi, R.' 9  ? 
2       'Gong, Y.'           10 ? 
2       'Richardson, M.'     11 ? 
# 
loop_
_entity.id 
_entity.type 
_entity.src_method 
_entity.pdbx_description 
_entity.formula_weight 
_entity.pdbx_number_of_molecules 
_entity.pdbx_ec 
_entity.pdbx_mutation 
_entity.pdbx_fragment 
_entity.details 
1 polymer nat 'HYDROLYZED CUCURBITA MAXIMA TRYPSIN INHIBITOR V' 4574.263 1 ? ? ? ? 
2 polymer nat 'HYDROLYZED CUCURBITA MAXIMA TRYPSIN INHIBITOR V' 2844.391 1 ? ? ? ? 
# 
loop_
_entity_name_com.entity_id 
_entity_name_com.name 
1 CMTI-V 
2 CMTI-V 
# 
loop_
_entity_poly.entity_id 
_entity_poly.type 
_entity_poly.nstd_linkage 
_entity_poly.nstd_monomer 
_entity_poly.pdbx_seq_one_letter_code 
_entity_poly.pdbx_seq_one_letter_code_can 
_entity_poly.pdbx_strand_id 
_entity_poly.pdbx_target_identifier 
1 'polypeptide(L)' no yes '(ACE)SSCPGKSSWPHLVGVGGSVAKAIIERQNPNVKAVILEEGTPVTK' XSSCPGKSSWPHLVGVGGSVAKAIIERQNPNVKAVILEEGTPVTK A ? 
2 'polypeptide(L)' no no  DFRCNRVRIWVNKRGLVVSPPRIG                            DFRCNRVRIWVNKRGLVVSPPRIG                      B ? 
# 
loop_
_entity_poly_seq.entity_id 
_entity_poly_seq.num 
_entity_poly_seq.mon_id 
_entity_poly_seq.hetero 
1 1  ACE n 
1 2  SER n 
1 3  SER n 
1 4  CYS n 
1 5  PRO n 
1 6  GLY n 
1 7  LYS n 
1 8  SER n 
1 9  SER n 
1 10 TRP n 
1 11 PRO n 
1 12 HIS n 
1 13 LEU n 
1 14 VAL n 
1 15 GLY n 
1 16 VAL n 
1 17 GLY n 
1 18 GLY n 
1 19 SER n 
1 20 VAL n 
1 21 ALA n 
1 22 LYS n 
1 23 ALA n 
1 24 ILE n 
1 25 ILE n 
1 26 GLU n 
1 27 ARG n 
1 28 GLN n 
1 29 ASN n 
1 30 PRO n 
1 31 ASN n 
1 32 VAL n 
1 33 LYS n 
1 34 ALA n 
1 35 VAL n 
1 36 ILE n 
1 37 LEU n 
1 38 GLU n 
1 39 GLU n 
1 40 GLY n 
1 41 THR n 
1 42 PRO n 
1 43 VAL n 
1 44 THR n 
1 45 LYS n 
2 1  ASP n 
2 2  PHE n 
2 3  ARG n 
2 4  CYS n 
2 5  ASN n 
2 6  ARG n 
2 7  VAL n 
2 8  ARG n 
2 9  ILE n 
2 10 TRP n 
2 11 VAL n 
2 12 ASN n 
2 13 LYS n 
2 14 ARG n 
2 15 GLY n 
2 16 LEU n 
2 17 VAL n 
2 18 VAL n 
2 19 SER n 
2 20 PRO n 
2 21 PRO n 
2 22 ARG n 
2 23 ILE n 
2 24 GLY n 
# 
loop_
_entity_src_nat.entity_id 
_entity_src_nat.pdbx_src_id 
_entity_src_nat.pdbx_alt_source_flag 
_entity_src_nat.pdbx_beg_seq_num 
_entity_src_nat.pdbx_end_seq_num 
_entity_src_nat.common_name 
_entity_src_nat.pdbx_organism_scientific 
_entity_src_nat.pdbx_ncbi_taxonomy_id 
_entity_src_nat.genus 
_entity_src_nat.species 
_entity_src_nat.strain 
_entity_src_nat.tissue 
_entity_src_nat.tissue_fraction 
_entity_src_nat.pdbx_secretion 
_entity_src_nat.pdbx_fragment 
_entity_src_nat.pdbx_variant 
_entity_src_nat.pdbx_cell_line 
_entity_src_nat.pdbx_atcc 
_entity_src_nat.pdbx_cellular_location 
_entity_src_nat.pdbx_organ 
_entity_src_nat.pdbx_organelle 
_entity_src_nat.pdbx_cell 
_entity_src_nat.pdbx_plasmid_name 
_entity_src_nat.pdbx_plasmid_details 
_entity_src_nat.details 
1 1 sample ? ? 'winter squash' 'Cucurbita maxima' 3661 Cucurbita ? ? SEED ? ? ? ? ? ? ? ? ? ? ? ? ? 
2 1 sample ? ? 'winter squash' 'Cucurbita maxima' 3661 Cucurbita ? ? SEED ? ? ? ? ? ? ? ? ? ? ? ? ? 
# 
loop_
_chem_comp.id 
_chem_comp.type 
_chem_comp.mon_nstd_flag 
_chem_comp.name 
_chem_comp.pdbx_synonyms 
_chem_comp.formula 
_chem_comp.formula_weight 
ACE non-polymer         . 'ACETYL GROUP'  ? 'C2 H4 O'        44.053  
ALA 'L-peptide linking' y ALANINE         ? 'C3 H7 N O2'     89.093  
ARG 'L-peptide linking' y ARGININE        ? 'C6 H15 N4 O2 1' 175.209 
ASN 'L-peptide linking' y ASPARAGINE      ? 'C4 H8 N2 O3'    132.118 
ASP 'L-peptide linking' y 'ASPARTIC ACID' ? 'C4 H7 N O4'     133.103 
CYS 'L-peptide linking' y CYSTEINE        ? 'C3 H7 N O2 S'   121.158 
GLN 'L-peptide linking' y GLUTAMINE       ? 'C5 H10 N2 O3'   146.144 
GLU 'L-peptide linking' y 'GLUTAMIC ACID' ? 'C5 H9 N O4'     147.129 
GLY 'peptide linking'   y GLYCINE         ? 'C2 H5 N O2'     75.067  
HIS 'L-peptide linking' y HISTIDINE       ? 'C6 H10 N3 O2 1' 156.162 
ILE 'L-peptide linking' y ISOLEUCINE      ? 'C6 H13 N O2'    131.173 
LEU 'L-peptide linking' y LEUCINE         ? 'C6 H13 N O2'    131.173 
LYS 'L-peptide linking' y LYSINE          ? 'C6 H15 N2 O2 1' 147.195 
PHE 'L-peptide linking' y PHENYLALANINE   ? 'C9 H11 N O2'    165.189 
PRO 'L-peptide linking' y PROLINE         ? 'C5 H9 N O2'     115.130 
SER 'L-peptide linking' y SERINE          ? 'C3 H7 N O3'     105.093 
THR 'L-peptide linking' y THREONINE       ? 'C4 H9 N O3'     119.119 
TRP 'L-peptide linking' y TRYPTOPHAN      ? 'C11 H12 N2 O2'  204.225 
VAL 'L-peptide linking' y VALINE          ? 'C5 H11 N O2'    117.146 
# 
loop_
_pdbx_poly_seq_scheme.asym_id 
_pdbx_poly_seq_scheme.entity_id 
_pdbx_poly_seq_scheme.seq_id 
_pdbx_poly_seq_scheme.mon_id 
_pdbx_poly_seq_scheme.ndb_seq_num 
_pdbx_poly_seq_scheme.pdb_seq_num 
_pdbx_poly_seq_scheme.auth_seq_num 
_pdbx_poly_seq_scheme.pdb_mon_id 
_pdbx_poly_seq_scheme.auth_mon_id 
_pdbx_poly_seq_scheme.pdb_strand_id 
_pdbx_poly_seq_scheme.pdb_ins_code 
_pdbx_poly_seq_scheme.hetero 
A 1 1  ACE 1  0  0  ACE ACE A . n 
A 1 2  SER 2  1  1  SER SER A . n 
A 1 3  SER 3  2  2  SER SER A . n 
A 1 4  CYS 4  3  3  CYS CYS A . n 
A 1 5  PRO 5  4  4  PRO PRO A . n 
A 1 6  GLY 6  5  5  GLY GLY A . n 
A 1 7  LYS 7  6  6  LYS LYS A . n 
A 1 8  SER 8  7  7  SER SER A . n 
A 1 9  SER 9  8  8  SER SER A . n 
A 1 10 TRP 10 9  9  TRP TRP A . n 
A 1 11 PRO 11 10 10 PRO PRO A . n 
A 1 12 HIS 12 11 11 HIS HIS A . n 
A 1 13 LEU 13 12 12 LEU LEU A . n 
A 1 14 VAL 14 13 13 VAL VAL A . n 
A 1 15 GLY 15 14 14 GLY GLY A . n 
A 1 16 VAL 16 15 15 VAL VAL A . n 
A 1 17 GLY 17 16 16 GLY GLY A . n 
A 1 18 GLY 18 17 17 GLY GLY A . n 
A 1 19 SER 19 18 18 SER SER A . n 
A 1 20 VAL 20 19 19 VAL VAL A . n 
A 1 21 ALA 21 20 20 ALA ALA A . n 
A 1 22 LYS 22 21 21 LYS LYS A . n 
A 1 23 ALA 23 22 22 ALA ALA A . n 
A 1 24 ILE 24 23 23 ILE ILE A . n 
A 1 25 ILE 25 24 24 ILE ILE A . n 
A 1 26 GLU 26 25 25 GLU GLU A . n 
A 1 27 ARG 27 26 26 ARG ARG A . n 
A 1 28 GLN 28 27 27 GLN GLN A . n 
A 1 29 ASN 29 28 28 ASN ASN A . n 
A 1 30 PRO 30 29 29 PRO PRO A . n 
A 1 31 ASN 31 30 30 ASN ASN A . n 
A 1 32 VAL 32 31 31 VAL VAL A . n 
A 1 33 LYS 33 32 32 LYS LYS A . n 
A 1 34 ALA 34 33 33 ALA ALA A . n 
A 1 35 VAL 35 34 34 VAL VAL A . n 
A 1 36 ILE 36 35 35 ILE ILE A . n 
A 1 37 LEU 37 36 36 LEU LEU A . n 
A 1 38 GLU 38 37 37 GLU GLU A . n 
A 1 39 GLU 39 38 38 GLU GLU A . n 
A 1 40 GLY 40 39 39 GLY GLY A . n 
A 1 41 THR 41 40 40 THR THR A . n 
A 1 42 PRO 42 41 41 PRO PRO A . n 
A 1 43 VAL 43 42 42 VAL VAL A . n 
A 1 44 THR 44 43 43 THR THR A . n 
A 1 45 LYS 45 44 44 LYS LYS A . n 
B 2 1  ASP 1  45 45 ASP ASP B . n 
B 2 2  PHE 2  46 46 PHE PHE B . n 
B 2 3  ARG 3  47 47 ARG ARG B . n 
B 2 4  CYS 4  48 48 CYS CYS B . n 
B 2 5  ASN 5  49 49 ASN ASN B . n 
B 2 6  ARG 6  50 50 ARG ARG B . n 
B 2 7  VAL 7  51 51 VAL VAL B . n 
B 2 8  ARG 8  52 52 ARG ARG B . n 
B 2 9  ILE 9  53 53 ILE ILE B . n 
B 2 10 TRP 10 54 54 TRP TRP B . n 
B 2 11 VAL 11 55 55 VAL VAL B . n 
B 2 12 ASN 12 56 56 ASN ASN B . n 
B 2 13 LYS 13 57 57 LYS LYS B . n 
B 2 14 ARG 14 58 58 ARG ARG B . n 
B 2 15 GLY 15 59 59 GLY GLY B . n 
B 2 16 LEU 16 60 60 LEU LEU B . n 
B 2 17 VAL 17 61 61 VAL VAL B . n 
B 2 18 VAL 18 62 62 VAL VAL B . n 
B 2 19 SER 19 63 63 SER SER B . n 
B 2 20 PRO 20 64 64 PRO PRO B . n 
B 2 21 PRO 21 65 65 PRO PRO B . n 
B 2 22 ARG 22 66 66 ARG ARG B . n 
B 2 23 ILE 23 67 67 ILE ILE B . n 
B 2 24 GLY 24 68 68 GLY GLY B . n 
# 
_cell.entry_id           1HYM 
_cell.length_a           1.000 
_cell.length_b           1.000 
_cell.length_c           1.000 
_cell.angle_alpha        90.00 
_cell.angle_beta         90.00 
_cell.angle_gamma        90.00 
_cell.Z_PDB              1 
_cell.pdbx_unique_axis   ? 
# 
_symmetry.entry_id                         1HYM 
_symmetry.space_group_name_H-M             'P 1' 
_symmetry.pdbx_full_space_group_name_H-M   ? 
_symmetry.cell_setting                     ? 
_symmetry.Int_Tables_number                1 
# 
_exptl.entry_id          1HYM 
_exptl.method            'SOLUTION NMR' 
_exptl.crystals_number   ? 
# 
_struct.entry_id                  1HYM 
_struct.title                     'HYDROLYZED TRYPSIN INHIBITOR (CMTI-V, MINIMIZED AVERAGE NMR STRUCTURE)' 
_struct.pdbx_model_details        ? 
_struct.pdbx_CASP_flag            ? 
_struct.pdbx_model_type_details   ? 
# 
_struct_keywords.entry_id        1HYM 
_struct_keywords.pdbx_keywords   'HYDROLASE (SERINE PROTEINASE)' 
_struct_keywords.text            'HYDROLASE (SERINE PROTEINASE)' 
# 
loop_
_struct_asym.id 
_struct_asym.pdbx_blank_PDB_chainid_flag 
_struct_asym.pdbx_modified 
_struct_asym.entity_id 
_struct_asym.details 
A N N 1 ? 
B N N 2 ? 
# 
loop_
_struct_ref.id 
_struct_ref.db_name 
_struct_ref.db_code 
_struct_ref.pdbx_db_accession 
_struct_ref.entity_id 
_struct_ref.pdbx_align_begin 
_struct_ref.pdbx_db_isoform 
_struct_ref.pdbx_seq_one_letter_code 
1 UNP ITH5_CUCMA P19873 1 1  ? ? 
2 UNP ITH5_CUCMA P19873 2 45 ? ? 
# 
loop_
_struct_ref_seq.align_id 
_struct_ref_seq.ref_id 
_struct_ref_seq.pdbx_PDB_id_code 
_struct_ref_seq.pdbx_strand_id 
_struct_ref_seq.seq_align_beg 
_struct_ref_seq.pdbx_seq_align_beg_ins_code 
_struct_ref_seq.seq_align_end 
_struct_ref_seq.pdbx_seq_align_end_ins_code 
_struct_ref_seq.pdbx_db_accession 
_struct_ref_seq.db_align_beg 
_struct_ref_seq.pdbx_db_align_beg_ins_code 
_struct_ref_seq.db_align_end 
_struct_ref_seq.pdbx_db_align_end_ins_code 
_struct_ref_seq.pdbx_auth_seq_align_beg 
_struct_ref_seq.pdbx_auth_seq_align_end 
1 1 1HYM A 2 ? 45 ? P19873 1  ? 44 ? 1  44 
2 2 1HYM B 1 ? 24 ? P19873 45 ? 68 ? 45 68 
# 
_pdbx_struct_assembly.id                   1 
_pdbx_struct_assembly.details              author_defined_assembly 
_pdbx_struct_assembly.method_details       ? 
_pdbx_struct_assembly.oligomeric_details   dimeric 
_pdbx_struct_assembly.oligomeric_count     2 
# 
_pdbx_struct_assembly_gen.assembly_id       1 
_pdbx_struct_assembly_gen.oper_expression   1 
_pdbx_struct_assembly_gen.asym_id_list      A,B 
# 
_pdbx_struct_oper_list.id                   1 
_pdbx_struct_oper_list.type                 'identity operation' 
_pdbx_struct_oper_list.name                 1_555 
_pdbx_struct_oper_list.symmetry_operation   x,y,z 
_pdbx_struct_oper_list.matrix[1][1]         1.0000000000 
_pdbx_struct_oper_list.matrix[1][2]         0.0000000000 
_pdbx_struct_oper_list.matrix[1][3]         0.0000000000 
_pdbx_struct_oper_list.vector[1]            0.0000000000 
_pdbx_struct_oper_list.matrix[2][1]         0.0000000000 
_pdbx_struct_oper_list.matrix[2][2]         1.0000000000 
_pdbx_struct_oper_list.matrix[2][3]         0.0000000000 
_pdbx_struct_oper_list.vector[2]            0.0000000000 
_pdbx_struct_oper_list.matrix[3][1]         0.0000000000 
_pdbx_struct_oper_list.matrix[3][2]         0.0000000000 
_pdbx_struct_oper_list.matrix[3][3]         1.0000000000 
_pdbx_struct_oper_list.vector[3]            0.0000000000 
# 
_struct_biol.id   1 
# 
_struct_conf.conf_type_id            HELX_P 
_struct_conf.id                      HELX_P1 
_struct_conf.pdbx_PDB_helix_id       A 
_struct_conf.beg_label_comp_id       SER 
_struct_conf.beg_label_asym_id       A 
_struct_conf.beg_label_seq_id        19 
_struct_conf.pdbx_beg_PDB_ins_code   ? 
_struct_conf.end_label_comp_id       ASN 
_struct_conf.end_label_asym_id       A 
_struct_conf.end_label_seq_id        29 
_struct_conf.pdbx_end_PDB_ins_code   ? 
_struct_conf.beg_auth_comp_id        SER 
_struct_conf.beg_auth_asym_id        A 
_struct_conf.beg_auth_seq_id         18 
_struct_conf.end_auth_comp_id        ASN 
_struct_conf.end_auth_asym_id        A 
_struct_conf.end_auth_seq_id         28 
_struct_conf.pdbx_PDB_helix_class    1 
_struct_conf.details                 ? 
_struct_conf.pdbx_PDB_helix_length   11 
# 
_struct_conf_type.id          HELX_P 
_struct_conf_type.criteria    ? 
_struct_conf_type.reference   ? 
# 
loop_
_struct_conn.id 
_struct_conn.conn_type_id 
_struct_conn.pdbx_leaving_atom_flag 
_struct_conn.pdbx_PDB_id 
_struct_conn.ptnr1_label_asym_id 
_struct_conn.ptnr1_label_comp_id 
_struct_conn.ptnr1_label_seq_id 
_struct_conn.ptnr1_label_atom_id 
_struct_conn.pdbx_ptnr1_label_alt_id 
_struct_conn.pdbx_ptnr1_PDB_ins_code 
_struct_conn.pdbx_ptnr1_standard_comp_id 
_struct_conn.ptnr1_symmetry 
_struct_conn.ptnr2_label_asym_id 
_struct_conn.ptnr2_label_comp_id 
_struct_conn.ptnr2_label_seq_id 
_struct_conn.ptnr2_label_atom_id 
_struct_conn.pdbx_ptnr2_label_alt_id 
_struct_conn.pdbx_ptnr2_PDB_ins_code 
_struct_conn.ptnr1_auth_asym_id 
_struct_conn.ptnr1_auth_comp_id 
_struct_conn.ptnr1_auth_seq_id 
_struct_conn.ptnr2_auth_asym_id 
_struct_conn.ptnr2_auth_comp_id 
_struct_conn.ptnr2_auth_seq_id 
_struct_conn.ptnr2_symmetry 
_struct_conn.pdbx_ptnr3_label_atom_id 
_struct_conn.pdbx_ptnr3_label_seq_id 
_struct_conn.pdbx_ptnr3_label_comp_id 
_struct_conn.pdbx_ptnr3_label_asym_id 
_struct_conn.pdbx_ptnr3_label_alt_id 
_struct_conn.pdbx_ptnr3_PDB_ins_code 
_struct_conn.details 
_struct_conn.pdbx_dist_value 
_struct_conn.pdbx_value_order 
_struct_conn.pdbx_role 
disulf1 disulf ?    ? A CYS 4 SG ? ? ? 1_555 B CYS 4 SG ? ? A CYS 3 B CYS 48 1_555 ? ? ? ? ? ? ? 2.020 ? ? 
covale1 covale both ? A ACE 1 C  ? ? ? 1_555 A SER 2 N  ? ? A ACE 0 A SER 1  1_555 ? ? ? ? ? ? ? 1.305 ? ? 
# 
loop_
_struct_conn_type.id 
_struct_conn_type.criteria 
_struct_conn_type.reference 
disulf ? ? 
covale ? ? 
# 
loop_
_pdbx_modification_feature.ordinal 
_pdbx_modification_feature.label_comp_id 
_pdbx_modification_feature.label_asym_id 
_pdbx_modification_feature.label_seq_id 
_pdbx_modification_feature.label_alt_id 
_pdbx_modification_feature.modified_residue_label_comp_id 
_pdbx_modification_feature.modified_residue_label_asym_id 
_pdbx_modification_feature.modified_residue_label_seq_id 
_pdbx_modification_feature.modified_residue_label_alt_id 
_pdbx_modification_feature.auth_comp_id 
_pdbx_modification_feature.auth_asym_id 
_pdbx_modification_feature.auth_seq_id 
_pdbx_modification_feature.PDB_ins_code 
_pdbx_modification_feature.symmetry 
_pdbx_modification_feature.modified_residue_auth_comp_id 
_pdbx_modification_feature.modified_residue_auth_asym_id 
_pdbx_modification_feature.modified_residue_auth_seq_id 
_pdbx_modification_feature.modified_residue_PDB_ins_code 
_pdbx_modification_feature.modified_residue_symmetry 
_pdbx_modification_feature.comp_id_linking_atom 
_pdbx_modification_feature.modified_residue_id_linking_atom 
_pdbx_modification_feature.modified_residue_id 
_pdbx_modification_feature.ref_pcm_id 
_pdbx_modification_feature.ref_comp_id 
_pdbx_modification_feature.type 
_pdbx_modification_feature.category 
1 ACE A 1 ? SER A 2 ? ACE A 0 ? 1_555 SER A 1  ? 1_555 .  .  SER 6 ACE None 'Terminal acetylation' 
2 CYS A 4 ? CYS B 4 ? CYS A 3 ? 1_555 CYS B 48 ? 1_555 SG SG .   . .   None 'Disulfide bridge'     
# 
loop_
_struct_sheet.id 
_struct_sheet.type 
_struct_sheet.number_strands 
_struct_sheet.details 
S1 ? 2 ? 
S2 ? 2 ? 
S3 ? 2 ? 
# 
loop_
_struct_sheet_order.sheet_id 
_struct_sheet_order.range_id_1 
_struct_sheet_order.range_id_2 
_struct_sheet_order.offset 
_struct_sheet_order.sense 
S1 1 2 ? anti-parallel 
S2 1 2 ? anti-parallel 
S3 1 2 ? parallel      
# 
loop_
_struct_sheet_range.sheet_id 
_struct_sheet_range.id 
_struct_sheet_range.beg_label_comp_id 
_struct_sheet_range.beg_label_asym_id 
_struct_sheet_range.beg_label_seq_id 
_struct_sheet_range.pdbx_beg_PDB_ins_code 
_struct_sheet_range.end_label_comp_id 
_struct_sheet_range.end_label_asym_id 
_struct_sheet_range.end_label_seq_id 
_struct_sheet_range.pdbx_end_PDB_ins_code 
_struct_sheet_range.beg_auth_comp_id 
_struct_sheet_range.beg_auth_asym_id 
_struct_sheet_range.beg_auth_seq_id 
_struct_sheet_range.end_auth_comp_id 
_struct_sheet_range.end_auth_asym_id 
_struct_sheet_range.end_auth_seq_id 
S1 1 SER A 8  ? TRP A 10 ? SER A 7  TRP A 9  
S1 2 ARG B 22 ? ILE B 23 ? ARG B 66 ILE B 67 
S2 1 TRP B 10 ? ASN B 12 ? TRP B 54 ASN B 56 
S2 2 LEU B 16 ? VAL B 18 ? LEU B 60 VAL B 62 
S3 1 ARG B 6  ? ASN B 12 ? ARG B 50 ASN B 56 
S3 2 LYS A 33 ? GLU A 39 ? LYS A 32 GLU A 38 
# 
loop_
_pdbx_struct_sheet_hbond.sheet_id 
_pdbx_struct_sheet_hbond.range_id_1 
_pdbx_struct_sheet_hbond.range_id_2 
_pdbx_struct_sheet_hbond.range_1_label_atom_id 
_pdbx_struct_sheet_hbond.range_1_label_comp_id 
_pdbx_struct_sheet_hbond.range_1_label_asym_id 
_pdbx_struct_sheet_hbond.range_1_label_seq_id 
_pdbx_struct_sheet_hbond.range_1_PDB_ins_code 
_pdbx_struct_sheet_hbond.range_1_auth_atom_id 
_pdbx_struct_sheet_hbond.range_1_auth_comp_id 
_pdbx_struct_sheet_hbond.range_1_auth_asym_id 
_pdbx_struct_sheet_hbond.range_1_auth_seq_id 
_pdbx_struct_sheet_hbond.range_2_label_atom_id 
_pdbx_struct_sheet_hbond.range_2_label_comp_id 
_pdbx_struct_sheet_hbond.range_2_label_asym_id 
_pdbx_struct_sheet_hbond.range_2_label_seq_id 
_pdbx_struct_sheet_hbond.range_2_PDB_ins_code 
_pdbx_struct_sheet_hbond.range_2_auth_atom_id 
_pdbx_struct_sheet_hbond.range_2_auth_comp_id 
_pdbx_struct_sheet_hbond.range_2_auth_asym_id 
_pdbx_struct_sheet_hbond.range_2_auth_seq_id 
S1 1 2 O SER A 8  ? O SER A 7  N ILE B 23 ? N ILE B 67 
S2 1 2 N TRP B 10 ? N TRP B 54 O VAL B 18 ? O VAL B 62 
S3 1 2 O ASN B 12 ? O ASN B 56 N GLU A 39 ? N GLU A 38 
# 
_pdbx_entry_details.entry_id                   1HYM 
_pdbx_entry_details.compound_details           ? 
_pdbx_entry_details.source_details             ? 
_pdbx_entry_details.nonpolymer_details         ? 
_pdbx_entry_details.sequence_details           ? 
_pdbx_entry_details.has_ligand_of_interest     ? 
_pdbx_entry_details.has_protein_modification   Y 
# 
loop_
_pdbx_validate_close_contact.id 
_pdbx_validate_close_contact.PDB_model_num 
_pdbx_validate_close_contact.auth_atom_id_1 
_pdbx_validate_close_contact.auth_asym_id_1 
_pdbx_validate_close_contact.auth_comp_id_1 
_pdbx_validate_close_contact.auth_seq_id_1 
_pdbx_validate_close_contact.PDB_ins_code_1 
_pdbx_validate_close_contact.label_alt_id_1 
_pdbx_validate_close_contact.auth_atom_id_2 
_pdbx_validate_close_contact.auth_asym_id_2 
_pdbx_validate_close_contact.auth_comp_id_2 
_pdbx_validate_close_contact.auth_seq_id_2 
_pdbx_validate_close_contact.PDB_ins_code_2 
_pdbx_validate_close_contact.label_alt_id_2 
_pdbx_validate_close_contact.dist 
1 1 HD13 A LEU 36 ? ? HA   B TRP 54 ? ? 1.26 
2 1 HB3  A ASN 28 ? ? HG23 A VAL 31 ? ? 1.27 
3 1 HA   A GLU 37 ? ? HG21 B VAL 55 ? ? 1.30 
4 1 HB2  A LYS 6  ? ? HG2  A GLN 27 ? ? 1.31 
5 1 HG11 A VAL 13 ? ? HA   B VAL 62 ? ? 1.33 
# 
loop_
_pdbx_validate_rmsd_bond.id 
_pdbx_validate_rmsd_bond.PDB_model_num 
_pdbx_validate_rmsd_bond.auth_atom_id_1 
_pdbx_validate_rmsd_bond.auth_asym_id_1 
_pdbx_validate_rmsd_bond.auth_comp_id_1 
_pdbx_validate_rmsd_bond.auth_seq_id_1 
_pdbx_validate_rmsd_bond.PDB_ins_code_1 
_pdbx_validate_rmsd_bond.label_alt_id_1 
_pdbx_validate_rmsd_bond.auth_atom_id_2 
_pdbx_validate_rmsd_bond.auth_asym_id_2 
_pdbx_validate_rmsd_bond.auth_comp_id_2 
_pdbx_validate_rmsd_bond.auth_seq_id_2 
_pdbx_validate_rmsd_bond.PDB_ins_code_2 
_pdbx_validate_rmsd_bond.label_alt_id_2 
_pdbx_validate_rmsd_bond.bond_value 
_pdbx_validate_rmsd_bond.bond_target_value 
_pdbx_validate_rmsd_bond.bond_deviation 
_pdbx_validate_rmsd_bond.bond_standard_deviation 
_pdbx_validate_rmsd_bond.linker_flag 
1 1 CG A HIS 11 ? ? ND1 A HIS 11 ? ? 1.267 1.369 -0.102 0.015 N 
2 1 CG B TRP 54 ? ? CD2 B TRP 54 ? ? 1.328 1.432 -0.104 0.017 N 
# 
loop_
_pdbx_validate_rmsd_angle.id 
_pdbx_validate_rmsd_angle.PDB_model_num 
_pdbx_validate_rmsd_angle.auth_atom_id_1 
_pdbx_validate_rmsd_angle.auth_asym_id_1 
_pdbx_validate_rmsd_angle.auth_comp_id_1 
_pdbx_validate_rmsd_angle.auth_seq_id_1 
_pdbx_validate_rmsd_angle.PDB_ins_code_1 
_pdbx_validate_rmsd_angle.label_alt_id_1 
_pdbx_validate_rmsd_angle.auth_atom_id_2 
_pdbx_validate_rmsd_angle.auth_asym_id_2 
_pdbx_validate_rmsd_angle.auth_comp_id_2 
_pdbx_validate_rmsd_angle.auth_seq_id_2 
_pdbx_validate_rmsd_angle.PDB_ins_code_2 
_pdbx_validate_rmsd_angle.label_alt_id_2 
_pdbx_validate_rmsd_angle.auth_atom_id_3 
_pdbx_validate_rmsd_angle.auth_asym_id_3 
_pdbx_validate_rmsd_angle.auth_comp_id_3 
_pdbx_validate_rmsd_angle.auth_seq_id_3 
_pdbx_validate_rmsd_angle.PDB_ins_code_3 
_pdbx_validate_rmsd_angle.label_alt_id_3 
_pdbx_validate_rmsd_angle.angle_value 
_pdbx_validate_rmsd_angle.angle_target_value 
_pdbx_validate_rmsd_angle.angle_deviation 
_pdbx_validate_rmsd_angle.angle_standard_deviation 
_pdbx_validate_rmsd_angle.linker_flag 
1 1 CG  A TRP 9  ? ? CD1 A TRP 9  ? ? NE1 A TRP 9  ? ? 103.60 110.10 -6.50 1.00 N 
2 1 CD1 A TRP 9  ? ? NE1 A TRP 9  ? ? CE2 A TRP 9  ? ? 115.10 109.00 6.10  0.90 N 
3 1 NE1 A TRP 9  ? ? CE2 A TRP 9  ? ? CZ2 A TRP 9  ? ? 139.13 130.40 8.73  1.10 N 
4 1 NE1 A TRP 9  ? ? CE2 A TRP 9  ? ? CD2 A TRP 9  ? ? 100.92 107.30 -6.38 1.00 N 
5 1 CG  B TRP 54 ? ? CD1 B TRP 54 ? ? NE1 B TRP 54 ? ? 103.57 110.10 -6.53 1.00 N 
6 1 CD1 B TRP 54 ? ? NE1 B TRP 54 ? ? CE2 B TRP 54 ? ? 115.06 109.00 6.06  0.90 N 
7 1 NE1 B TRP 54 ? ? CE2 B TRP 54 ? ? CZ2 B TRP 54 ? ? 139.28 130.40 8.88  1.10 N 
8 1 NE1 B TRP 54 ? ? CE2 B TRP 54 ? ? CD2 B TRP 54 ? ? 100.81 107.30 -6.49 1.00 N 
# 
loop_
_pdbx_validate_torsion.id 
_pdbx_validate_torsion.PDB_model_num 
_pdbx_validate_torsion.auth_comp_id 
_pdbx_validate_torsion.auth_asym_id 
_pdbx_validate_torsion.auth_seq_id 
_pdbx_validate_torsion.PDB_ins_code 
_pdbx_validate_torsion.label_alt_id 
_pdbx_validate_torsion.phi 
_pdbx_validate_torsion.psi 
1  1 PRO A 4  ? ? -56.97  -170.68 
2  1 LYS A 6  ? ? -53.84  100.03  
3  1 PRO A 10 ? ? -66.62  -113.98 
4  1 HIS A 11 ? ? -155.00 67.76   
5  1 LEU A 12 ? ? -79.95  29.68   
6  1 VAL A 15 ? ? -84.32  43.11   
7  1 PRO A 29 ? ? -59.26  1.17    
8  1 PRO A 41 ? ? -58.21  106.75  
9  1 THR A 43 ? ? -45.15  105.43  
10 1 ARG B 58 ? ? -52.01  -9.96   
11 1 ILE B 67 ? ? -81.76  -96.67  
# 
loop_
_pdbx_validate_planes.id 
_pdbx_validate_planes.PDB_model_num 
_pdbx_validate_planes.auth_comp_id 
_pdbx_validate_planes.auth_asym_id 
_pdbx_validate_planes.auth_seq_id 
_pdbx_validate_planes.PDB_ins_code 
_pdbx_validate_planes.label_alt_id 
_pdbx_validate_planes.rmsd 
_pdbx_validate_planes.type 
1 1 ARG A 26 ? ? 0.175 'SIDE CHAIN' 
2 1 ARG B 47 ? ? 0.239 'SIDE CHAIN' 
3 1 ARG B 52 ? ? 0.256 'SIDE CHAIN' 
4 1 ARG B 58 ? ? 0.128 'SIDE CHAIN' 
# 
_pdbx_nmr_ensemble.entry_id                             1HYM 
_pdbx_nmr_ensemble.conformers_calculated_total_number   ? 
_pdbx_nmr_ensemble.conformers_submitted_total_number    1 
_pdbx_nmr_ensemble.conformer_selection_criteria         ? 
# 
loop_
_chem_comp_atom.comp_id 
_chem_comp_atom.atom_id 
_chem_comp_atom.type_symbol 
_chem_comp_atom.pdbx_aromatic_flag 
_chem_comp_atom.pdbx_stereo_config 
_chem_comp_atom.pdbx_ordinal 
ACE C    C N N 1   
ACE O    O N N 2   
ACE CH3  C N N 3   
ACE H    H N N 4   
ACE H1   H N N 5   
ACE H2   H N N 6   
ACE H3   H N N 7   
ALA N    N N N 8   
ALA CA   C N S 9   
ALA C    C N N 10  
ALA O    O N N 11  
ALA CB   C N N 12  
ALA OXT  O N N 13  
ALA H    H N N 14  
ALA H2   H N N 15  
ALA HA   H N N 16  
ALA HB1  H N N 17  
ALA HB2  H N N 18  
ALA HB3  H N N 19  
ALA HXT  H N N 20  
ARG N    N N N 21  
ARG CA   C N S 22  
ARG C    C N N 23  
ARG O    O N N 24  
ARG CB   C N N 25  
ARG CG   C N N 26  
ARG CD   C N N 27  
ARG NE   N N N 28  
ARG CZ   C N N 29  
ARG NH1  N N N 30  
ARG NH2  N N N 31  
ARG OXT  O N N 32  
ARG H    H N N 33  
ARG H2   H N N 34  
ARG HA   H N N 35  
ARG HB2  H N N 36  
ARG HB3  H N N 37  
ARG HG2  H N N 38  
ARG HG3  H N N 39  
ARG HD2  H N N 40  
ARG HD3  H N N 41  
ARG HE   H N N 42  
ARG HH11 H N N 43  
ARG HH12 H N N 44  
ARG HH21 H N N 45  
ARG HH22 H N N 46  
ARG HXT  H N N 47  
ASN N    N N N 48  
ASN CA   C N S 49  
ASN C    C N N 50  
ASN O    O N N 51  
ASN CB   C N N 52  
ASN CG   C N N 53  
ASN OD1  O N N 54  
ASN ND2  N N N 55  
ASN OXT  O N N 56  
ASN H    H N N 57  
ASN H2   H N N 58  
ASN HA   H N N 59  
ASN HB2  H N N 60  
ASN HB3  H N N 61  
ASN HD21 H N N 62  
ASN HD22 H N N 63  
ASN HXT  H N N 64  
ASP N    N N N 65  
ASP CA   C N S 66  
ASP C    C N N 67  
ASP O    O N N 68  
ASP CB   C N N 69  
ASP CG   C N N 70  
ASP OD1  O N N 71  
ASP OD2  O N N 72  
ASP OXT  O N N 73  
ASP H    H N N 74  
ASP H2   H N N 75  
ASP HA   H N N 76  
ASP HB2  H N N 77  
ASP HB3  H N N 78  
ASP HD2  H N N 79  
ASP HXT  H N N 80  
CYS N    N N N 81  
CYS CA   C N R 82  
CYS C    C N N 83  
CYS O    O N N 84  
CYS CB   C N N 85  
CYS SG   S N N 86  
CYS OXT  O N N 87  
CYS H    H N N 88  
CYS H2   H N N 89  
CYS HA   H N N 90  
CYS HB2  H N N 91  
CYS HB3  H N N 92  
CYS HG   H N N 93  
CYS HXT  H N N 94  
GLN N    N N N 95  
GLN CA   C N S 96  
GLN C    C N N 97  
GLN O    O N N 98  
GLN CB   C N N 99  
GLN CG   C N N 100 
GLN CD   C N N 101 
GLN OE1  O N N 102 
GLN NE2  N N N 103 
GLN OXT  O N N 104 
GLN H    H N N 105 
GLN H2   H N N 106 
GLN HA   H N N 107 
GLN HB2  H N N 108 
GLN HB3  H N N 109 
GLN HG2  H N N 110 
GLN HG3  H N N 111 
GLN HE21 H N N 112 
GLN HE22 H N N 113 
GLN HXT  H N N 114 
GLU N    N N N 115 
GLU CA   C N S 116 
GLU C    C N N 117 
GLU O    O N N 118 
GLU CB   C N N 119 
GLU CG   C N N 120 
GLU CD   C N N 121 
GLU OE1  O N N 122 
GLU OE2  O N N 123 
GLU OXT  O N N 124 
GLU H    H N N 125 
GLU H2   H N N 126 
GLU HA   H N N 127 
GLU HB2  H N N 128 
GLU HB3  H N N 129 
GLU HG2  H N N 130 
GLU HG3  H N N 131 
GLU HE2  H N N 132 
GLU HXT  H N N 133 
GLY N    N N N 134 
GLY CA   C N N 135 
GLY C    C N N 136 
GLY O    O N N 137 
GLY OXT  O N N 138 
GLY H    H N N 139 
GLY H2   H N N 140 
GLY HA2  H N N 141 
GLY HA3  H N N 142 
GLY HXT  H N N 143 
HIS N    N N N 144 
HIS CA   C N S 145 
HIS C    C N N 146 
HIS O    O N N 147 
HIS CB   C N N 148 
HIS CG   C Y N 149 
HIS ND1  N Y N 150 
HIS CD2  C Y N 151 
HIS CE1  C Y N 152 
HIS NE2  N Y N 153 
HIS OXT  O N N 154 
HIS H    H N N 155 
HIS H2   H N N 156 
HIS HA   H N N 157 
HIS HB2  H N N 158 
HIS HB3  H N N 159 
HIS HD1  H N N 160 
HIS HD2  H N N 161 
HIS HE1  H N N 162 
HIS HE2  H N N 163 
HIS HXT  H N N 164 
ILE N    N N N 165 
ILE CA   C N S 166 
ILE C    C N N 167 
ILE O    O N N 168 
ILE CB   C N S 169 
ILE CG1  C N N 170 
ILE CG2  C N N 171 
ILE CD1  C N N 172 
ILE OXT  O N N 173 
ILE H    H N N 174 
ILE H2   H N N 175 
ILE HA   H N N 176 
ILE HB   H N N 177 
ILE HG12 H N N 178 
ILE HG13 H N N 179 
ILE HG21 H N N 180 
ILE HG22 H N N 181 
ILE HG23 H N N 182 
ILE HD11 H N N 183 
ILE HD12 H N N 184 
ILE HD13 H N N 185 
ILE HXT  H N N 186 
LEU N    N N N 187 
LEU CA   C N S 188 
LEU C    C N N 189 
LEU O    O N N 190 
LEU CB   C N N 191 
LEU CG   C N N 192 
LEU CD1  C N N 193 
LEU CD2  C N N 194 
LEU OXT  O N N 195 
LEU H    H N N 196 
LEU H2   H N N 197 
LEU HA   H N N 198 
LEU HB2  H N N 199 
LEU HB3  H N N 200 
LEU HG   H N N 201 
LEU HD11 H N N 202 
LEU HD12 H N N 203 
LEU HD13 H N N 204 
LEU HD21 H N N 205 
LEU HD22 H N N 206 
LEU HD23 H N N 207 
LEU HXT  H N N 208 
LYS N    N N N 209 
LYS CA   C N S 210 
LYS C    C N N 211 
LYS O    O N N 212 
LYS CB   C N N 213 
LYS CG   C N N 214 
LYS CD   C N N 215 
LYS CE   C N N 216 
LYS NZ   N N N 217 
LYS OXT  O N N 218 
LYS H    H N N 219 
LYS H2   H N N 220 
LYS HA   H N N 221 
LYS HB2  H N N 222 
LYS HB3  H N N 223 
LYS HG2  H N N 224 
LYS HG3  H N N 225 
LYS HD2  H N N 226 
LYS HD3  H N N 227 
LYS HE2  H N N 228 
LYS HE3  H N N 229 
LYS HZ1  H N N 230 
LYS HZ2  H N N 231 
LYS HZ3  H N N 232 
LYS HXT  H N N 233 
PHE N    N N N 234 
PHE CA   C N S 235 
PHE C    C N N 236 
PHE O    O N N 237 
PHE CB   C N N 238 
PHE CG   C Y N 239 
PHE CD1  C Y N 240 
PHE CD2  C Y N 241 
PHE CE1  C Y N 242 
PHE CE2  C Y N 243 
PHE CZ   C Y N 244 
PHE OXT  O N N 245 
PHE H    H N N 246 
PHE H2   H N N 247 
PHE HA   H N N 248 
PHE HB2  H N N 249 
PHE HB3  H N N 250 
PHE HD1  H N N 251 
PHE HD2  H N N 252 
PHE HE1  H N N 253 
PHE HE2  H N N 254 
PHE HZ   H N N 255 
PHE HXT  H N N 256 
PRO N    N N N 257 
PRO CA   C N S 258 
PRO C    C N N 259 
PRO O    O N N 260 
PRO CB   C N N 261 
PRO CG   C N N 262 
PRO CD   C N N 263 
PRO OXT  O N N 264 
PRO H    H N N 265 
PRO HA   H N N 266 
PRO HB2  H N N 267 
PRO HB3  H N N 268 
PRO HG2  H N N 269 
PRO HG3  H N N 270 
PRO HD2  H N N 271 
PRO HD3  H N N 272 
PRO HXT  H N N 273 
SER N    N N N 274 
SER CA   C N S 275 
SER C    C N N 276 
SER O    O N N 277 
SER CB   C N N 278 
SER OG   O N N 279 
SER OXT  O N N 280 
SER H    H N N 281 
SER H2   H N N 282 
SER HA   H N N 283 
SER HB2  H N N 284 
SER HB3  H N N 285 
SER HG   H N N 286 
SER HXT  H N N 287 
THR N    N N N 288 
THR CA   C N S 289 
THR C    C N N 290 
THR O    O N N 291 
THR CB   C N R 292 
THR OG1  O N N 293 
THR CG2  C N N 294 
THR OXT  O N N 295 
THR H    H N N 296 
THR H2   H N N 297 
THR HA   H N N 298 
THR HB   H N N 299 
THR HG1  H N N 300 
THR HG21 H N N 301 
THR HG22 H N N 302 
THR HG23 H N N 303 
THR HXT  H N N 304 
TRP N    N N N 305 
TRP CA   C N S 306 
TRP C    C N N 307 
TRP O    O N N 308 
TRP CB   C N N 309 
TRP CG   C Y N 310 
TRP CD1  C Y N 311 
TRP CD2  C Y N 312 
TRP NE1  N Y N 313 
TRP CE2  C Y N 314 
TRP CE3  C Y N 315 
TRP CZ2  C Y N 316 
TRP CZ3  C Y N 317 
TRP CH2  C Y N 318 
TRP OXT  O N N 319 
TRP H    H N N 320 
TRP H2   H N N 321 
TRP HA   H N N 322 
TRP HB2  H N N 323 
TRP HB3  H N N 324 
TRP HD1  H N N 325 
TRP HE1  H N N 326 
TRP HE3  H N N 327 
TRP HZ2  H N N 328 
TRP HZ3  H N N 329 
TRP HH2  H N N 330 
TRP HXT  H N N 331 
VAL N    N N N 332 
VAL CA   C N S 333 
VAL C    C N N 334 
VAL O    O N N 335 
VAL CB   C N N 336 
VAL CG1  C N N 337 
VAL CG2  C N N 338 
VAL OXT  O N N 339 
VAL H    H N N 340 
VAL H2   H N N 341 
VAL HA   H N N 342 
VAL HB   H N N 343 
VAL HG11 H N N 344 
VAL HG12 H N N 345 
VAL HG13 H N N 346 
VAL HG21 H N N 347 
VAL HG22 H N N 348 
VAL HG23 H N N 349 
VAL HXT  H N N 350 
# 
loop_
_chem_comp_bond.comp_id 
_chem_comp_bond.atom_id_1 
_chem_comp_bond.atom_id_2 
_chem_comp_bond.value_order 
_chem_comp_bond.pdbx_aromatic_flag 
_chem_comp_bond.pdbx_stereo_config 
_chem_comp_bond.pdbx_ordinal 
ACE C   O    doub N N 1   
ACE C   CH3  sing N N 2   
ACE C   H    sing N N 3   
ACE CH3 H1   sing N N 4   
ACE CH3 H2   sing N N 5   
ACE CH3 H3   sing N N 6   
ALA N   CA   sing N N 7   
ALA N   H    sing N N 8   
ALA N   H2   sing N N 9   
ALA CA  C    sing N N 10  
ALA CA  CB   sing N N 11  
ALA CA  HA   sing N N 12  
ALA C   O    doub N N 13  
ALA C   OXT  sing N N 14  
ALA CB  HB1  sing N N 15  
ALA CB  HB2  sing N N 16  
ALA CB  HB3  sing N N 17  
ALA OXT HXT  sing N N 18  
ARG N   CA   sing N N 19  
ARG N   H    sing N N 20  
ARG N   H2   sing N N 21  
ARG CA  C    sing N N 22  
ARG CA  CB   sing N N 23  
ARG CA  HA   sing N N 24  
ARG C   O    doub N N 25  
ARG C   OXT  sing N N 26  
ARG CB  CG   sing N N 27  
ARG CB  HB2  sing N N 28  
ARG CB  HB3  sing N N 29  
ARG CG  CD   sing N N 30  
ARG CG  HG2  sing N N 31  
ARG CG  HG3  sing N N 32  
ARG CD  NE   sing N N 33  
ARG CD  HD2  sing N N 34  
ARG CD  HD3  sing N N 35  
ARG NE  CZ   sing N N 36  
ARG NE  HE   sing N N 37  
ARG CZ  NH1  sing N N 38  
ARG CZ  NH2  doub N N 39  
ARG NH1 HH11 sing N N 40  
ARG NH1 HH12 sing N N 41  
ARG NH2 HH21 sing N N 42  
ARG NH2 HH22 sing N N 43  
ARG OXT HXT  sing N N 44  
ASN N   CA   sing N N 45  
ASN N   H    sing N N 46  
ASN N   H2   sing N N 47  
ASN CA  C    sing N N 48  
ASN CA  CB   sing N N 49  
ASN CA  HA   sing N N 50  
ASN C   O    doub N N 51  
ASN C   OXT  sing N N 52  
ASN CB  CG   sing N N 53  
ASN CB  HB2  sing N N 54  
ASN CB  HB3  sing N N 55  
ASN CG  OD1  doub N N 56  
ASN CG  ND2  sing N N 57  
ASN ND2 HD21 sing N N 58  
ASN ND2 HD22 sing N N 59  
ASN OXT HXT  sing N N 60  
ASP N   CA   sing N N 61  
ASP N   H    sing N N 62  
ASP N   H2   sing N N 63  
ASP CA  C    sing N N 64  
ASP CA  CB   sing N N 65  
ASP CA  HA   sing N N 66  
ASP C   O    doub N N 67  
ASP C   OXT  sing N N 68  
ASP CB  CG   sing N N 69  
ASP CB  HB2  sing N N 70  
ASP CB  HB3  sing N N 71  
ASP CG  OD1  doub N N 72  
ASP CG  OD2  sing N N 73  
ASP OD2 HD2  sing N N 74  
ASP OXT HXT  sing N N 75  
CYS N   CA   sing N N 76  
CYS N   H    sing N N 77  
CYS N   H2   sing N N 78  
CYS CA  C    sing N N 79  
CYS CA  CB   sing N N 80  
CYS CA  HA   sing N N 81  
CYS C   O    doub N N 82  
CYS C   OXT  sing N N 83  
CYS CB  SG   sing N N 84  
CYS CB  HB2  sing N N 85  
CYS CB  HB3  sing N N 86  
CYS SG  HG   sing N N 87  
CYS OXT HXT  sing N N 88  
GLN N   CA   sing N N 89  
GLN N   H    sing N N 90  
GLN N   H2   sing N N 91  
GLN CA  C    sing N N 92  
GLN CA  CB   sing N N 93  
GLN CA  HA   sing N N 94  
GLN C   O    doub N N 95  
GLN C   OXT  sing N N 96  
GLN CB  CG   sing N N 97  
GLN CB  HB2  sing N N 98  
GLN CB  HB3  sing N N 99  
GLN CG  CD   sing N N 100 
GLN CG  HG2  sing N N 101 
GLN CG  HG3  sing N N 102 
GLN CD  OE1  doub N N 103 
GLN CD  NE2  sing N N 104 
GLN NE2 HE21 sing N N 105 
GLN NE2 HE22 sing N N 106 
GLN OXT HXT  sing N N 107 
GLU N   CA   sing N N 108 
GLU N   H    sing N N 109 
GLU N   H2   sing N N 110 
GLU CA  C    sing N N 111 
GLU CA  CB   sing N N 112 
GLU CA  HA   sing N N 113 
GLU C   O    doub N N 114 
GLU C   OXT  sing N N 115 
GLU CB  CG   sing N N 116 
GLU CB  HB2  sing N N 117 
GLU CB  HB3  sing N N 118 
GLU CG  CD   sing N N 119 
GLU CG  HG2  sing N N 120 
GLU CG  HG3  sing N N 121 
GLU CD  OE1  doub N N 122 
GLU CD  OE2  sing N N 123 
GLU OE2 HE2  sing N N 124 
GLU OXT HXT  sing N N 125 
GLY N   CA   sing N N 126 
GLY N   H    sing N N 127 
GLY N   H2   sing N N 128 
GLY CA  C    sing N N 129 
GLY CA  HA2  sing N N 130 
GLY CA  HA3  sing N N 131 
GLY C   O    doub N N 132 
GLY C   OXT  sing N N 133 
GLY OXT HXT  sing N N 134 
HIS N   CA   sing N N 135 
HIS N   H    sing N N 136 
HIS N   H2   sing N N 137 
HIS CA  C    sing N N 138 
HIS CA  CB   sing N N 139 
HIS CA  HA   sing N N 140 
HIS C   O    doub N N 141 
HIS C   OXT  sing N N 142 
HIS CB  CG   sing N N 143 
HIS CB  HB2  sing N N 144 
HIS CB  HB3  sing N N 145 
HIS CG  ND1  sing Y N 146 
HIS CG  CD2  doub Y N 147 
HIS ND1 CE1  doub Y N 148 
HIS ND1 HD1  sing N N 149 
HIS CD2 NE2  sing Y N 150 
HIS CD2 HD2  sing N N 151 
HIS CE1 NE2  sing Y N 152 
HIS CE1 HE1  sing N N 153 
HIS NE2 HE2  sing N N 154 
HIS OXT HXT  sing N N 155 
ILE N   CA   sing N N 156 
ILE N   H    sing N N 157 
ILE N   H2   sing N N 158 
ILE CA  C    sing N N 159 
ILE CA  CB   sing N N 160 
ILE CA  HA   sing N N 161 
ILE C   O    doub N N 162 
ILE C   OXT  sing N N 163 
ILE CB  CG1  sing N N 164 
ILE CB  CG2  sing N N 165 
ILE CB  HB   sing N N 166 
ILE CG1 CD1  sing N N 167 
ILE CG1 HG12 sing N N 168 
ILE CG1 HG13 sing N N 169 
ILE CG2 HG21 sing N N 170 
ILE CG2 HG22 sing N N 171 
ILE CG2 HG23 sing N N 172 
ILE CD1 HD11 sing N N 173 
ILE CD1 HD12 sing N N 174 
ILE CD1 HD13 sing N N 175 
ILE OXT HXT  sing N N 176 
LEU N   CA   sing N N 177 
LEU N   H    sing N N 178 
LEU N   H2   sing N N 179 
LEU CA  C    sing N N 180 
LEU CA  CB   sing N N 181 
LEU CA  HA   sing N N 182 
LEU C   O    doub N N 183 
LEU C   OXT  sing N N 184 
LEU CB  CG   sing N N 185 
LEU CB  HB2  sing N N 186 
LEU CB  HB3  sing N N 187 
LEU CG  CD1  sing N N 188 
LEU CG  CD2  sing N N 189 
LEU CG  HG   sing N N 190 
LEU CD1 HD11 sing N N 191 
LEU CD1 HD12 sing N N 192 
LEU CD1 HD13 sing N N 193 
LEU CD2 HD21 sing N N 194 
LEU CD2 HD22 sing N N 195 
LEU CD2 HD23 sing N N 196 
LEU OXT HXT  sing N N 197 
LYS N   CA   sing N N 198 
LYS N   H    sing N N 199 
LYS N   H2   sing N N 200 
LYS CA  C    sing N N 201 
LYS CA  CB   sing N N 202 
LYS CA  HA   sing N N 203 
LYS C   O    doub N N 204 
LYS C   OXT  sing N N 205 
LYS CB  CG   sing N N 206 
LYS CB  HB2  sing N N 207 
LYS CB  HB3  sing N N 208 
LYS CG  CD   sing N N 209 
LYS CG  HG2  sing N N 210 
LYS CG  HG3  sing N N 211 
LYS CD  CE   sing N N 212 
LYS CD  HD2  sing N N 213 
LYS CD  HD3  sing N N 214 
LYS CE  NZ   sing N N 215 
LYS CE  HE2  sing N N 216 
LYS CE  HE3  sing N N 217 
LYS NZ  HZ1  sing N N 218 
LYS NZ  HZ2  sing N N 219 
LYS NZ  HZ3  sing N N 220 
LYS OXT HXT  sing N N 221 
PHE N   CA   sing N N 222 
PHE N   H    sing N N 223 
PHE N   H2   sing N N 224 
PHE CA  C    sing N N 225 
PHE CA  CB   sing N N 226 
PHE CA  HA   sing N N 227 
PHE C   O    doub N N 228 
PHE C   OXT  sing N N 229 
PHE CB  CG   sing N N 230 
PHE CB  HB2  sing N N 231 
PHE CB  HB3  sing N N 232 
PHE CG  CD1  doub Y N 233 
PHE CG  CD2  sing Y N 234 
PHE CD1 CE1  sing Y N 235 
PHE CD1 HD1  sing N N 236 
PHE CD2 CE2  doub Y N 237 
PHE CD2 HD2  sing N N 238 
PHE CE1 CZ   doub Y N 239 
PHE CE1 HE1  sing N N 240 
PHE CE2 CZ   sing Y N 241 
PHE CE2 HE2  sing N N 242 
PHE CZ  HZ   sing N N 243 
PHE OXT HXT  sing N N 244 
PRO N   CA   sing N N 245 
PRO N   CD   sing N N 246 
PRO N   H    sing N N 247 
PRO CA  C    sing N N 248 
PRO CA  CB   sing N N 249 
PRO CA  HA   sing N N 250 
PRO C   O    doub N N 251 
PRO C   OXT  sing N N 252 
PRO CB  CG   sing N N 253 
PRO CB  HB2  sing N N 254 
PRO CB  HB3  sing N N 255 
PRO CG  CD   sing N N 256 
PRO CG  HG2  sing N N 257 
PRO CG  HG3  sing N N 258 
PRO CD  HD2  sing N N 259 
PRO CD  HD3  sing N N 260 
PRO OXT HXT  sing N N 261 
SER N   CA   sing N N 262 
SER N   H    sing N N 263 
SER N   H2   sing N N 264 
SER CA  C    sing N N 265 
SER CA  CB   sing N N 266 
SER CA  HA   sing N N 267 
SER C   O    doub N N 268 
SER C   OXT  sing N N 269 
SER CB  OG   sing N N 270 
SER CB  HB2  sing N N 271 
SER CB  HB3  sing N N 272 
SER OG  HG   sing N N 273 
SER OXT HXT  sing N N 274 
THR N   CA   sing N N 275 
THR N   H    sing N N 276 
THR N   H2   sing N N 277 
THR CA  C    sing N N 278 
THR CA  CB   sing N N 279 
THR CA  HA   sing N N 280 
THR C   O    doub N N 281 
THR C   OXT  sing N N 282 
THR CB  OG1  sing N N 283 
THR CB  CG2  sing N N 284 
THR CB  HB   sing N N 285 
THR OG1 HG1  sing N N 286 
THR CG2 HG21 sing N N 287 
THR CG2 HG22 sing N N 288 
THR CG2 HG23 sing N N 289 
THR OXT HXT  sing N N 290 
TRP N   CA   sing N N 291 
TRP N   H    sing N N 292 
TRP N   H2   sing N N 293 
TRP CA  C    sing N N 294 
TRP CA  CB   sing N N 295 
TRP CA  HA   sing N N 296 
TRP C   O    doub N N 297 
TRP C   OXT  sing N N 298 
TRP CB  CG   sing N N 299 
TRP CB  HB2  sing N N 300 
TRP CB  HB3  sing N N 301 
TRP CG  CD1  doub Y N 302 
TRP CG  CD2  sing Y N 303 
TRP CD1 NE1  sing Y N 304 
TRP CD1 HD1  sing N N 305 
TRP CD2 CE2  doub Y N 306 
TRP CD2 CE3  sing Y N 307 
TRP NE1 CE2  sing Y N 308 
TRP NE1 HE1  sing N N 309 
TRP CE2 CZ2  sing Y N 310 
TRP CE3 CZ3  doub Y N 311 
TRP CE3 HE3  sing N N 312 
TRP CZ2 CH2  doub Y N 313 
TRP CZ2 HZ2  sing N N 314 
TRP CZ3 CH2  sing Y N 315 
TRP CZ3 HZ3  sing N N 316 
TRP CH2 HH2  sing N N 317 
TRP OXT HXT  sing N N 318 
VAL N   CA   sing N N 319 
VAL N   H    sing N N 320 
VAL N   H2   sing N N 321 
VAL CA  C    sing N N 322 
VAL CA  CB   sing N N 323 
VAL CA  HA   sing N N 324 
VAL C   O    doub N N 325 
VAL C   OXT  sing N N 326 
VAL CB  CG1  sing N N 327 
VAL CB  CG2  sing N N 328 
VAL CB  HB   sing N N 329 
VAL CG1 HG11 sing N N 330 
VAL CG1 HG12 sing N N 331 
VAL CG1 HG13 sing N N 332 
VAL CG2 HG21 sing N N 333 
VAL CG2 HG22 sing N N 334 
VAL CG2 HG23 sing N N 335 
VAL OXT HXT  sing N N 336 
# 
_atom_sites.entry_id                    1HYM 
_atom_sites.fract_transf_matrix[1][1]   1.000000 
_atom_sites.fract_transf_matrix[1][2]   0.000000 
_atom_sites.fract_transf_matrix[1][3]   0.000000 
_atom_sites.fract_transf_matrix[2][1]   0.000000 
_atom_sites.fract_transf_matrix[2][2]   1.000000 
_atom_sites.fract_transf_matrix[2][3]   0.000000 
_atom_sites.fract_transf_matrix[3][1]   0.000000 
_atom_sites.fract_transf_matrix[3][2]   0.000000 
_atom_sites.fract_transf_matrix[3][3]   1.000000 
_atom_sites.fract_transf_vector[1]      0.00000 
_atom_sites.fract_transf_vector[2]      0.00000 
_atom_sites.fract_transf_vector[3]      0.00000 
# 
loop_
_atom_type.symbol 
C 
H 
N 
O 
S 
# 
loop_
_atom_site.group_PDB 
_atom_site.id 
_atom_site.type_symbol 
_atom_site.label_atom_id 
_atom_site.label_alt_id 
_atom_site.label_comp_id 
_atom_site.label_asym_id 
_atom_site.label_entity_id 
_atom_site.label_seq_id 
_atom_site.pdbx_PDB_ins_code 
_atom_site.Cartn_x 
_atom_site.Cartn_y 
_atom_site.Cartn_z 
_atom_site.occupancy 
_atom_site.B_iso_or_equiv 
_atom_site.pdbx_formal_charge 
_atom_site.auth_seq_id 
_atom_site.auth_comp_id 
_atom_site.auth_asym_id 
_atom_site.auth_atom_id 
_atom_site.pdbx_PDB_model_num 
HETATM 1    C C    . ACE A 1 1  ? -20.423 -3.175  11.739  1.00 5.01 ? 0  ACE A C    1 
HETATM 2    O O    . ACE A 1 1  ? -21.238 -2.274  11.769  1.00 5.16 ? 0  ACE A O    1 
HETATM 3    C CH3  . ACE A 1 1  ? -20.525 -4.312  12.758  1.00 5.96 ? 0  ACE A CH3  1 
HETATM 4    H H1   . ACE A 1 1  ? -19.916 -4.079  13.619  1.00 6.20 ? 0  ACE A H1   1 
HETATM 5    H H2   . ACE A 1 1  ? -21.553 -4.429  13.066  1.00 6.25 ? 0  ACE A H2   1 
HETATM 6    H H3   . ACE A 1 1  ? -20.177 -5.230  12.309  1.00 6.43 ? 0  ACE A H3   1 
ATOM   7    N N    . SER A 1 2  ? -19.444 -3.241  10.879  1.00 4.49 ? 1  SER A N    1 
ATOM   8    C CA   . SER A 1 2  ? -19.291 -2.166  9.864   1.00 4.01 ? 1  SER A CA   1 
ATOM   9    C C    . SER A 1 2  ? -18.230 -2.566  8.842   1.00 3.11 ? 1  SER A C    1 
ATOM   10   O O    . SER A 1 2  ? -17.603 -3.594  9.005   1.00 3.37 ? 1  SER A O    1 
ATOM   11   C CB   . SER A 1 2  ? -18.852 -0.897  10.601  1.00 4.66 ? 1  SER A CB   1 
ATOM   12   O OG   . SER A 1 2  ? -17.437 -1.023  10.651  1.00 5.40 ? 1  SER A OG   1 
ATOM   13   H H    . SER A 1 2  ? -18.816 -3.993  10.902  1.00 4.77 ? 1  SER A H    1 
ATOM   14   H HA   . SER A 1 2  ? -20.249 -2.030  9.372   1.00 4.40 ? 1  SER A HA   1 
ATOM   15   H HB2  . SER A 1 2  ? -19.110 -0.008  10.047  1.00 4.98 ? 1  SER A HB2  1 
ATOM   16   H HB3  . SER A 1 2  ? -19.250 -0.867  11.606  1.00 4.72 ? 1  SER A HB3  1 
ATOM   17   H HG   . SER A 1 2  ? -17.164 -0.934  11.567  1.00 5.54 ? 1  SER A HG   1 
ATOM   18   N N    . SER A 1 3  ? -18.052 -1.761  7.829   1.00 2.68 ? 2  SER A N    1 
ATOM   19   C CA   . SER A 1 3  ? -17.033 -2.096  6.801   1.00 2.40 ? 2  SER A CA   1 
ATOM   20   C C    . SER A 1 3  ? -16.324 -0.827  6.336   1.00 1.79 ? 2  SER A C    1 
ATOM   21   O O    . SER A 1 3  ? -16.954 0.208   6.247   1.00 2.09 ? 2  SER A O    1 
ATOM   22   C CB   . SER A 1 3  ? -17.767 -2.744  5.623   1.00 3.24 ? 2  SER A CB   1 
ATOM   23   O OG   . SER A 1 3  ? -17.056 -3.958  5.424   1.00 3.74 ? 2  SER A OG   1 
ATOM   24   H H    . SER A 1 3  ? -18.586 -0.943  7.748   1.00 3.07 ? 2  SER A H    1 
ATOM   25   H HA   . SER A 1 3  ? -16.318 -2.780  7.248   1.00 2.73 ? 2  SER A HA   1 
ATOM   26   H HB2  . SER A 1 3  ? -18.793 -2.970  5.871   1.00 3.71 ? 2  SER A HB2  1 
ATOM   27   H HB3  . SER A 1 3  ? -17.701 -2.134  4.733   1.00 3.57 ? 2  SER A HB3  1 
ATOM   28   H HG   . SER A 1 3  ? -16.118 -3.766  5.487   1.00 4.07 ? 2  SER A HG   1 
ATOM   29   N N    . CYS A 1 4  ? -15.053 -0.930  6.057   1.00 1.29 ? 3  CYS A N    1 
ATOM   30   C CA   . CYS A 1 4  ? -14.305 0.270   5.598   1.00 1.09 ? 3  CYS A CA   1 
ATOM   31   C C    . CYS A 1 4  ? -14.511 0.468   4.097   1.00 0.93 ? 3  CYS A C    1 
ATOM   32   O O    . CYS A 1 4  ? -14.088 -0.360  3.315   1.00 0.91 ? 3  CYS A O    1 
ATOM   33   C CB   . CYS A 1 4  ? -12.821 0.021   5.889   1.00 1.29 ? 3  CYS A CB   1 
ATOM   34   S SG   . CYS A 1 4  ? -12.272 0.355   7.583   1.00 1.50 ? 3  CYS A SG   1 
ATOM   35   H H    . CYS A 1 4  ? -14.596 -1.792  6.148   1.00 1.44 ? 3  CYS A H    1 
ATOM   36   H HA   . CYS A 1 4  ? -14.678 1.127   6.145   1.00 1.46 ? 3  CYS A HA   1 
ATOM   37   H HB2  . CYS A 1 4  ? -12.594 -1.012  5.692   1.00 1.50 ? 3  CYS A HB2  1 
ATOM   38   H HB3  . CYS A 1 4  ? -12.229 0.639   5.226   1.00 1.63 ? 3  CYS A HB3  1 
ATOM   39   N N    . PRO A 1 5  ? -15.152 1.552   3.746   1.00 1.17 ? 4  PRO A N    1 
ATOM   40   C CA   . PRO A 1 5  ? -15.424 1.878   2.338   1.00 1.30 ? 4  PRO A CA   1 
ATOM   41   C C    . PRO A 1 5  ? -14.119 1.934   1.545   1.00 1.09 ? 4  PRO A C    1 
ATOM   42   O O    . PRO A 1 5  ? -13.089 1.557   2.067   1.00 1.40 ? 4  PRO A O    1 
ATOM   43   C CB   . PRO A 1 5  ? -16.089 3.266   2.400   1.00 1.85 ? 4  PRO A CB   1 
ATOM   44   C CG   . PRO A 1 5  ? -16.464 3.521   3.882   1.00 2.04 ? 4  PRO A CG   1 
ATOM   45   C CD   . PRO A 1 5  ? -15.643 2.536   4.724   1.00 1.57 ? 4  PRO A CD   1 
ATOM   46   H HA   . PRO A 1 5  ? -16.093 1.129   1.930   1.00 1.42 ? 4  PRO A HA   1 
ATOM   47   H HB2  . PRO A 1 5  ? -15.396 4.022   2.055   1.00 1.93 ? 4  PRO A HB2  1 
ATOM   48   H HB3  . PRO A 1 5  ? -16.981 3.277   1.793   1.00 2.13 ? 4  PRO A HB3  1 
ATOM   49   H HG2  . PRO A 1 5  ? -16.218 4.539   4.154   1.00 2.31 ? 4  PRO A HG2  1 
ATOM   50   H HG3  . PRO A 1 5  ? -17.518 3.342   4.035   1.00 2.32 ? 4  PRO A HG3  1 
ATOM   51   H HD2  . PRO A 1 5  ? -14.799 3.022   5.189   1.00 1.58 ? 4  PRO A HD2  1 
ATOM   52   H HD3  . PRO A 1 5  ? -16.264 2.036   5.453   1.00 1.68 ? 4  PRO A HD3  1 
ATOM   53   N N    . GLY A 1 6  ? -14.189 2.395   0.326   1.00 1.07 ? 5  GLY A N    1 
ATOM   54   C CA   . GLY A 1 6  ? -12.949 2.476   -0.497  1.00 1.17 ? 5  GLY A CA   1 
ATOM   55   C C    . GLY A 1 6  ? -12.400 1.066   -0.724  1.00 1.00 ? 5  GLY A C    1 
ATOM   56   O O    . GLY A 1 6  ? -12.715 0.174   0.039   1.00 1.12 ? 5  GLY A O    1 
ATOM   57   H H    . GLY A 1 6  ? -15.048 2.687   -0.044  1.00 1.33 ? 5  GLY A H    1 
ATOM   58   H HA2  . GLY A 1 6  ? -13.199 2.937   -1.441  1.00 1.53 ? 5  GLY A HA2  1 
ATOM   59   H HA3  . GLY A 1 6  ? -12.229 3.078   0.036   1.00 1.68 ? 5  GLY A HA3  1 
ATOM   60   N N    . LYS A 1 7  ? -11.606 0.902   -1.746  1.00 0.86 ? 6  LYS A N    1 
ATOM   61   C CA   . LYS A 1 7  ? -11.039 -0.444  -2.021  1.00 0.77 ? 6  LYS A CA   1 
ATOM   62   C C    . LYS A 1 7  ? -10.337 -0.977  -0.774  1.00 0.78 ? 6  LYS A C    1 
ATOM   63   O O    . LYS A 1 7  ? -9.215  -0.591  -0.512  1.00 0.76 ? 6  LYS A O    1 
ATOM   64   C CB   . LYS A 1 7  ? -10.026 -0.291  -3.163  1.00 0.73 ? 6  LYS A CB   1 
ATOM   65   C CG   . LYS A 1 7  ? -9.891  -1.648  -3.857  1.00 0.74 ? 6  LYS A CG   1 
ATOM   66   C CD   . LYS A 1 7  ? -9.547  -1.391  -5.325  1.00 0.80 ? 6  LYS A CD   1 
ATOM   67   C CE   . LYS A 1 7  ? -10.058 -2.579  -6.141  1.00 0.98 ? 6  LYS A CE   1 
ATOM   68   N NZ   . LYS A 1 7  ? -9.325  -3.813  -5.738  1.00 1.01 ? 6  LYS A NZ   1 
ATOM   69   H H    . LYS A 1 7  ? -11.386 1.659   -2.328  1.00 0.92 ? 6  LYS A H    1 
ATOM   70   H HA   . LYS A 1 7  ? -11.855 -1.103  -2.299  1.00 0.87 ? 6  LYS A HA   1 
ATOM   71   H HB2  . LYS A 1 7  ? -10.382 0.449   -3.867  1.00 0.83 ? 6  LYS A HB2  1 
ATOM   72   H HB3  . LYS A 1 7  ? -9.069  0.010   -2.766  1.00 0.73 ? 6  LYS A HB3  1 
ATOM   73   H HG2  . LYS A 1 7  ? -9.102  -2.219  -3.388  1.00 0.75 ? 6  LYS A HG2  1 
ATOM   74   H HG3  . LYS A 1 7  ? -10.823 -2.187  -3.792  1.00 0.85 ? 6  LYS A HG3  1 
ATOM   75   H HD2  . LYS A 1 7  ? -10.029 -0.482  -5.659  1.00 0.88 ? 6  LYS A HD2  1 
ATOM   76   H HD3  . LYS A 1 7  ? -8.478  -1.304  -5.443  1.00 0.77 ? 6  LYS A HD3  1 
ATOM   77   H HE2  . LYS A 1 7  ? -11.109 -2.737  -5.956  1.00 1.25 ? 6  LYS A HE2  1 
ATOM   78   H HE3  . LYS A 1 7  ? -9.883  -2.412  -7.194  1.00 1.52 ? 6  LYS A HE3  1 
ATOM   79   H HZ1  . LYS A 1 7  ? -8.312  -3.598  -5.639  1.00 1.35 ? 6  LYS A HZ1  1 
ATOM   80   H HZ2  . LYS A 1 7  ? -9.698  -4.156  -4.830  1.00 1.51 ? 6  LYS A HZ2  1 
ATOM   81   H HZ3  . LYS A 1 7  ? -9.454  -4.546  -6.465  1.00 1.43 ? 6  LYS A HZ3  1 
ATOM   82   N N    . SER A 1 8  ? -10.998 -1.836  -0.047  1.00 0.96 ? 7  SER A N    1 
ATOM   83   C CA   . SER A 1 8  ? -10.368 -2.390  1.179   1.00 1.10 ? 7  SER A CA   1 
ATOM   84   C C    . SER A 1 8  ? -9.229  -3.331  0.796   1.00 1.02 ? 7  SER A C    1 
ATOM   85   O O    . SER A 1 8  ? -8.332  -3.535  1.591   1.00 1.09 ? 7  SER A O    1 
ATOM   86   C CB   . SER A 1 8  ? -11.450 -3.165  1.939   1.00 1.39 ? 7  SER A CB   1 
ATOM   87   O OG   . SER A 1 8  ? -11.535 -4.389  1.224   1.00 1.48 ? 7  SER A OG   1 
ATOM   88   H H    . SER A 1 8  ? -11.902 -2.112  -0.307  1.00 1.06 ? 7  SER A H    1 
ATOM   89   H HA   . SER A 1 8  ? -9.986  -1.561  1.765   1.00 1.15 ? 7  SER A HA   1 
ATOM   90   H HB2  . SER A 1 8  ? -11.153 -3.367  2.956   1.00 1.54 ? 7  SER A HB2  1 
ATOM   91   H HB3  . SER A 1 8  ? -12.402 -2.653  1.900   1.00 1.51 ? 7  SER A HB3  1 
ATOM   92   H HG   . SER A 1 8  ? -11.429 -5.108  1.852   1.00 1.71 ? 7  SER A HG   1 
ATOM   93   N N    . SER A 1 9  ? -9.287  -3.875  -0.389  1.00 1.00 ? 8  SER A N    1 
ATOM   94   C CA   . SER A 1 9  ? -8.208  -4.801  -0.821  1.00 1.00 ? 8  SER A CA   1 
ATOM   95   C C    . SER A 1 9  ? -7.876  -4.557  -2.292  1.00 0.99 ? 8  SER A C    1 
ATOM   96   O O    . SER A 1 9  ? -8.664  -4.908  -3.147  1.00 1.17 ? 8  SER A O    1 
ATOM   97   C CB   . SER A 1 9  ? -8.729  -6.231  -0.635  1.00 1.12 ? 8  SER A CB   1 
ATOM   98   O OG   . SER A 1 9  ? -10.121 -6.104  -0.890  1.00 1.75 ? 8  SER A OG   1 
ATOM   99   H H    . SER A 1 9  ? -10.036 -3.673  -0.988  1.00 1.06 ? 8  SER A H    1 
ATOM   100  H HA   . SER A 1 9  ? -7.336  -4.612  -0.205  1.00 0.99 ? 8  SER A HA   1 
ATOM   101  H HB2  . SER A 1 9  ? -8.296  -6.907  -1.354  1.00 1.39 ? 8  SER A HB2  1 
ATOM   102  H HB3  . SER A 1 9  ? -8.575  -6.577  0.378   1.00 1.55 ? 8  SER A HB3  1 
ATOM   103  H HG   . SER A 1 9  ? -10.332 -6.644  -1.655  1.00 2.15 ? 8  SER A HG   1 
ATOM   104  N N    . TRP A 1 10 ? -6.736  -3.974  -2.549  1.00 0.90 ? 9  TRP A N    1 
ATOM   105  C CA   . TRP A 1 10 ? -6.356  -3.709  -3.962  1.00 0.91 ? 9  TRP A CA   1 
ATOM   106  C C    . TRP A 1 10 ? -5.789  -4.978  -4.595  1.00 1.05 ? 9  TRP A C    1 
ATOM   107  O O    . TRP A 1 10 ? -5.570  -5.953  -3.905  1.00 1.39 ? 9  TRP A O    1 
ATOM   108  C CB   . TRP A 1 10 ? -5.288  -2.607  -3.952  1.00 0.86 ? 9  TRP A CB   1 
ATOM   109  C CG   . TRP A 1 10 ? -5.968  -1.236  -3.914  1.00 0.75 ? 9  TRP A CG   1 
ATOM   110  C CD1  . TRP A 1 10 ? -6.376  -0.547  -4.993  1.00 0.75 ? 9  TRP A CD1  1 
ATOM   111  C CD2  . TRP A 1 10 ? -6.241  -0.550  -2.806  1.00 0.70 ? 9  TRP A CD2  1 
ATOM   112  N NE1  . TRP A 1 10 ? -6.898  0.568   -4.475  1.00 0.70 ? 9  TRP A NE1  1 
ATOM   113  C CE2  . TRP A 1 10 ? -6.855  0.648   -3.120  1.00 0.67 ? 9  TRP A CE2  1 
ATOM   114  C CE3  . TRP A 1 10 ? -5.999  -0.876  -1.488  1.00 0.72 ? 9  TRP A CE3  1 
ATOM   115  C CZ2  . TRP A 1 10 ? -7.225  1.517   -2.114  1.00 0.66 ? 9  TRP A CZ2  1 
ATOM   116  C CZ3  . TRP A 1 10 ? -6.369  -0.007  -0.483  1.00 0.70 ? 9  TRP A CZ3  1 
ATOM   117  C CH2  . TRP A 1 10 ? -6.983  1.190   -0.796  1.00 0.67 ? 9  TRP A CH2  1 
ATOM   118  H H    . TRP A 1 10 ? -6.138  -3.713  -1.819  1.00 0.92 ? 9  TRP A H    1 
ATOM   119  H HA   . TRP A 1 10 ? -7.246  -3.392  -4.496  1.00 0.91 ? 9  TRP A HA   1 
ATOM   120  H HB2  . TRP A 1 10 ? -4.660  -2.723  -3.081  1.00 0.87 ? 9  TRP A HB2  1 
ATOM   121  H HB3  . TRP A 1 10 ? -4.685  -2.683  -4.844  1.00 0.92 ? 9  TRP A HB3  1 
ATOM   122  H HD1  . TRP A 1 10 ? -6.301  -0.827  -6.034  1.00 0.80 ? 9  TRP A HD1  1 
ATOM   123  H HE1  . TRP A 1 10 ? -7.283  1.278   -5.033  1.00 0.72 ? 9  TRP A HE1  1 
ATOM   124  H HE3  . TRP A 1 10 ? -5.519  -1.813  -1.243  1.00 0.79 ? 9  TRP A HE3  1 
ATOM   125  H HZ2  . TRP A 1 10 ? -7.705  2.453   -2.359  1.00 0.69 ? 9  TRP A HZ2  1 
ATOM   126  H HZ3  . TRP A 1 10 ? -6.179  -0.262  0.549   1.00 0.74 ? 9  TRP A HZ3  1 
ATOM   127  H HH2  . TRP A 1 10 ? -7.272  1.870   -0.008  1.00 0.70 ? 9  TRP A HH2  1 
ATOM   128  N N    . PRO A 1 11 ? -5.574  -4.920  -5.881  1.00 1.00 ? 10 PRO A N    1 
ATOM   129  C CA   . PRO A 1 11 ? -5.031  -6.056  -6.640  1.00 1.12 ? 10 PRO A CA   1 
ATOM   130  C C    . PRO A 1 11 ? -3.591  -6.347  -6.217  1.00 1.01 ? 10 PRO A C    1 
ATOM   131  O O    . PRO A 1 11 ? -3.370  -6.744  -5.091  1.00 1.30 ? 10 PRO A O    1 
ATOM   132  C CB   . PRO A 1 11 ? -5.084  -5.581  -8.104  1.00 1.41 ? 10 PRO A CB   1 
ATOM   133  C CG   . PRO A 1 11 ? -5.338  -4.051  -8.076  1.00 1.52 ? 10 PRO A CG   1 
ATOM   134  C CD   . PRO A 1 11 ? -5.856  -3.712  -6.672  1.00 1.17 ? 10 PRO A CD   1 
ATOM   135  H HA   . PRO A 1 11 ? -5.664  -6.920  -6.475  1.00 1.44 ? 10 PRO A HA   1 
ATOM   136  H HB2  . PRO A 1 11 ? -4.144  -5.795  -8.594  1.00 1.39 ? 10 PRO A HB2  1 
ATOM   137  H HB3  . PRO A 1 11 ? -5.892  -6.073  -8.622  1.00 1.77 ? 10 PRO A HB3  1 
ATOM   138  H HG2  . PRO A 1 11 ? -4.415  -3.522  -8.269  1.00 1.61 ? 10 PRO A HG2  1 
ATOM   139  H HG3  . PRO A 1 11 ? -6.079  -3.785  -8.813  1.00 1.94 ? 10 PRO A HG3  1 
ATOM   140  H HD2  . PRO A 1 11 ? -5.319  -2.879  -6.245  1.00 1.09 ? 10 PRO A HD2  1 
ATOM   141  H HD3  . PRO A 1 11 ? -6.921  -3.532  -6.681  1.00 1.38 ? 10 PRO A HD3  1 
ATOM   142  N N    . HIS A 1 12 ? -2.663  -6.147  -7.113  1.00 1.11 ? 11 HIS A N    1 
ATOM   143  C CA   . HIS A 1 12 ? -1.243  -6.411  -6.764  1.00 1.41 ? 11 HIS A CA   1 
ATOM   144  C C    . HIS A 1 12 ? -0.326  -5.571  -7.650  1.00 1.39 ? 11 HIS A C    1 
ATOM   145  O O    . HIS A 1 12 ? 0.378   -6.124  -8.471  1.00 1.85 ? 11 HIS A O    1 
ATOM   146  C CB   . HIS A 1 12 ? -0.980  -7.901  -7.007  1.00 2.08 ? 11 HIS A CB   1 
ATOM   147  C CG   . HIS A 1 12 ? -2.114  -8.489  -7.850  1.00 2.68 ? 11 HIS A CG   1 
ATOM   148  N ND1  . HIS A 1 12 ? -3.138  -9.076  -7.387  1.00 3.30 ? 11 HIS A ND1  1 
ATOM   149  C CD2  . HIS A 1 12 ? -2.278  -8.516  -9.223  1.00 3.32 ? 11 HIS A CD2  1 
ATOM   150  C CE1  . HIS A 1 12 ? -3.908  -9.457  -8.337  1.00 4.00 ? 11 HIS A CE1  1 
ATOM   151  N NE2  . HIS A 1 12 ? -3.428  -9.137  -9.529  1.00 4.04 ? 11 HIS A NE2  1 
ATOM   152  H H    . HIS A 1 12 ? -2.900  -5.824  -8.007  1.00 1.30 ? 11 HIS A H    1 
ATOM   153  H HA   . HIS A 1 12 ? -1.098  -6.146  -5.721  1.00 1.48 ? 11 HIS A HA   1 
ATOM   154  H HB2  . HIS A 1 12 ? -0.043  -8.022  -7.530  1.00 2.40 ? 11 HIS A HB2  1 
ATOM   155  H HB3  . HIS A 1 12 ? -0.934  -8.418  -6.061  1.00 2.34 ? 11 HIS A HB3  1 
ATOM   156  H HD1  . HIS A 1 12 ? -3.317  -9.219  -6.435  1.00 3.54 ? 11 HIS A HD1  1 
ATOM   157  H HD2  . HIS A 1 12 ? -1.585  -8.099  -9.940  1.00 3.61 ? 11 HIS A HD2  1 
ATOM   158  H HE1  . HIS A 1 12 ? -4.841  -9.980  -8.184  1.00 4.77 ? 11 HIS A HE1  1 
ATOM   159  N N    . LEU A 1 13 ? -0.355  -4.279  -7.470  1.00 1.07 ? 12 LEU A N    1 
ATOM   160  C CA   . LEU A 1 13 ? 0.515   -3.406  -8.301  1.00 1.27 ? 12 LEU A CA   1 
ATOM   161  C C    . LEU A 1 13 ? 1.939   -3.413  -7.750  1.00 1.07 ? 12 LEU A C    1 
ATOM   162  O O    . LEU A 1 13 ? 2.639   -2.432  -7.896  1.00 1.07 ? 12 LEU A O    1 
ATOM   163  C CB   . LEU A 1 13 ? -0.063  -1.987  -8.234  1.00 1.55 ? 12 LEU A CB   1 
ATOM   164  C CG   . LEU A 1 13 ? -0.490  -1.588  -9.643  1.00 2.15 ? 12 LEU A CG   1 
ATOM   165  C CD1  . LEU A 1 13 ? -1.971  -1.955  -9.808  1.00 3.08 ? 12 LEU A CD1  1 
ATOM   166  C CD2  . LEU A 1 13 ? -0.365  -0.074  -9.790  1.00 2.83 ? 12 LEU A CD2  1 
ATOM   167  H H    . LEU A 1 13 ? -0.944  -3.889  -6.792  1.00 0.95 ? 12 LEU A H    1 
ATOM   168  H HA   . LEU A 1 13 ? 0.505   -3.791  -9.316  1.00 1.60 ? 12 LEU A HA   1 
ATOM   169  H HB2  . LEU A 1 13 ? -0.918  -1.972  -7.573  1.00 1.86 ? 12 LEU A HB2  1 
ATOM   170  H HB3  . LEU A 1 13 ? 0.690   -1.301  -7.877  1.00 1.83 ? 12 LEU A HB3  1 
ATOM   171  H HG   . LEU A 1 13 ? 0.132   -2.088  -10.379 1.00 2.37 ? 12 LEU A HG   1 
ATOM   172  H HD11 . LEU A 1 13 ? -2.252  -2.669  -9.049  1.00 3.57 ? 12 LEU A HD11 1 
ATOM   173  H HD12 . LEU A 1 13 ? -2.575  -1.066  -9.707  1.00 3.51 ? 12 LEU A HD12 1 
ATOM   174  H HD13 . LEU A 1 13 ? -2.128  -2.387  -10.785 1.00 3.44 ? 12 LEU A HD13 1 
ATOM   175  H HD21 . LEU A 1 13 ? -0.375  0.384   -8.811  1.00 3.30 ? 12 LEU A HD21 1 
ATOM   176  H HD22 . LEU A 1 13 ? 0.563   0.164   -10.289 1.00 3.13 ? 12 LEU A HD22 1 
ATOM   177  H HD23 . LEU A 1 13 ? -1.193  0.301   -10.372 1.00 3.22 ? 12 LEU A HD23 1 
ATOM   178  N N    . VAL A 1 14 ? 2.328   -4.500  -7.141  1.00 1.03 ? 13 VAL A N    1 
ATOM   179  C CA   . VAL A 1 14 ? 3.703   -4.571  -6.581  1.00 1.05 ? 13 VAL A CA   1 
ATOM   180  C C    . VAL A 1 14 ? 4.728   -4.338  -7.689  1.00 1.09 ? 13 VAL A C    1 
ATOM   181  O O    . VAL A 1 14 ? 4.607   -4.927  -8.745  1.00 1.41 ? 13 VAL A O    1 
ATOM   182  C CB   . VAL A 1 14 ? 3.885   -5.971  -5.993  1.00 1.34 ? 13 VAL A CB   1 
ATOM   183  C CG1  . VAL A 1 14 ? 5.227   -5.997  -5.248  1.00 1.57 ? 13 VAL A CG1  1 
ATOM   184  C CG2  . VAL A 1 14 ? 2.779   -6.231  -4.976  1.00 1.41 ? 13 VAL A CG2  1 
ATOM   185  H H    . VAL A 1 14 ? 1.717   -5.261  -7.051  1.00 1.10 ? 13 VAL A H    1 
ATOM   186  H HA   . VAL A 1 14 ? 3.796   -3.805  -5.819  1.00 1.01 ? 13 VAL A HA   1 
ATOM   187  H HB   . VAL A 1 14 ? 3.850   -6.716  -6.783  1.00 1.47 ? 13 VAL A HB   1 
ATOM   188  H HG11 . VAL A 1 14 ? 5.256   -5.189  -4.532  1.00 1.97 ? 13 VAL A HG11 1 
ATOM   189  H HG12 . VAL A 1 14 ? 5.333   -6.940  -4.732  1.00 1.85 ? 13 VAL A HG12 1 
ATOM   190  H HG13 . VAL A 1 14 ? 6.034   -5.880  -5.956  1.00 1.92 ? 13 VAL A HG13 1 
ATOM   191  H HG21 . VAL A 1 14 ? 2.242   -5.314  -4.786  1.00 1.83 ? 13 VAL A HG21 1 
ATOM   192  H HG22 . VAL A 1 14 ? 2.097   -6.973  -5.366  1.00 1.78 ? 13 VAL A HG22 1 
ATOM   193  H HG23 . VAL A 1 14 ? 3.214   -6.591  -4.055  1.00 1.65 ? 13 VAL A HG23 1 
ATOM   194  N N    . GLY A 1 15 ? 5.695   -3.501  -7.430  1.00 0.92 ? 14 GLY A N    1 
ATOM   195  C CA   . GLY A 1 15 ? 6.727   -3.231  -8.470  1.00 0.99 ? 14 GLY A CA   1 
ATOM   196  C C    . GLY A 1 15 ? 6.176   -2.224  -9.482  1.00 1.01 ? 14 GLY A C    1 
ATOM   197  O O    . GLY A 1 15 ? 6.903   -1.808  -10.362 1.00 1.36 ? 14 GLY A O    1 
ATOM   198  H H    . GLY A 1 15 ? 5.742   -3.055  -6.559  1.00 0.89 ? 14 GLY A H    1 
ATOM   199  H HA2  . GLY A 1 15 ? 7.603   -2.830  -7.982  1.00 1.26 ? 14 GLY A HA2  1 
ATOM   200  H HA3  . GLY A 1 15 ? 6.965   -4.163  -8.961  1.00 1.46 ? 14 GLY A HA3  1 
ATOM   201  N N    . VAL A 1 16 ? 4.931   -1.862  -9.336  1.00 0.84 ? 15 VAL A N    1 
ATOM   202  C CA   . VAL A 1 16 ? 4.339   -0.887  -10.288 1.00 1.03 ? 15 VAL A CA   1 
ATOM   203  C C    . VAL A 1 16 ? 4.666   0.537   -9.846  1.00 1.07 ? 15 VAL A C    1 
ATOM   204  O O    . VAL A 1 16 ? 3.799   1.388   -9.888  1.00 1.27 ? 15 VAL A O    1 
ATOM   205  C CB   . VAL A 1 16 ? 2.827   -1.101  -10.277 1.00 1.24 ? 15 VAL A CB   1 
ATOM   206  C CG1  . VAL A 1 16 ? 2.231   -0.309  -11.448 1.00 1.65 ? 15 VAL A CG1  1 
ATOM   207  C CG2  . VAL A 1 16 ? 2.532   -2.579  -10.514 1.00 1.58 ? 15 VAL A CG2  1 
ATOM   208  H H    . VAL A 1 16 ? 4.392   -2.232  -8.606  1.00 0.79 ? 15 VAL A H    1 
ATOM   209  H HA   . VAL A 1 16 ? 4.757   -1.078  -11.269 1.00 1.39 ? 15 VAL A HA   1 
ATOM   210  H HB   . VAL A 1 16 ? 2.413   -0.784  -9.328  1.00 1.20 ? 15 VAL A HB   1 
ATOM   211  H HG11 . VAL A 1 16 ? 2.523   0.728   -11.368 1.00 2.16 ? 15 VAL A HG11 1 
ATOM   212  H HG12 . VAL A 1 16 ? 2.596   -0.715  -12.380 1.00 1.97 ? 15 VAL A HG12 1 
ATOM   213  H HG13 . VAL A 1 16 ? 1.153   -0.382  -11.421 1.00 1.95 ? 15 VAL A HG13 1 
ATOM   214  H HG21 . VAL A 1 16 ? 3.367   -3.172  -10.172 1.00 1.99 ? 15 VAL A HG21 1 
ATOM   215  H HG22 . VAL A 1 16 ? 1.644   -2.861  -9.969  1.00 2.04 ? 15 VAL A HG22 1 
ATOM   216  H HG23 . VAL A 1 16 ? 2.377   -2.752  -11.569 1.00 1.83 ? 15 VAL A HG23 1 
ATOM   217  N N    . GLY A 1 17 ? 5.886   0.763   -9.441  1.00 1.25 ? 16 GLY A N    1 
ATOM   218  C CA   . GLY A 1 17 ? 6.269   2.132   -8.997  1.00 1.77 ? 16 GLY A CA   1 
ATOM   219  C C    . GLY A 1 17 ? 5.468   2.505   -7.749  1.00 0.94 ? 16 GLY A C    1 
ATOM   220  O O    . GLY A 1 17 ? 4.261   2.358   -7.749  1.00 0.87 ? 16 GLY A O    1 
ATOM   221  H H    . GLY A 1 17 ? 6.545   0.037   -9.429  1.00 1.21 ? 16 GLY A H    1 
ATOM   222  H HA2  . GLY A 1 17 ? 7.326   2.134   -8.776  1.00 2.43 ? 16 GLY A HA2  1 
ATOM   223  H HA3  . GLY A 1 17 ? 6.054   2.822   -9.800  1.00 2.52 ? 16 GLY A HA3  1 
ATOM   224  N N    . GLY A 1 18 ? 6.142   2.970   -6.732  1.00 0.99 ? 17 GLY A N    1 
ATOM   225  C CA   . GLY A 1 18 ? 5.417   3.351   -5.488  1.00 0.93 ? 17 GLY A CA   1 
ATOM   226  C C    . GLY A 1 18 ? 4.454   4.499   -5.794  1.00 0.81 ? 17 GLY A C    1 
ATOM   227  O O    . GLY A 1 18 ? 3.277   4.380   -5.514  1.00 0.71 ? 17 GLY A O    1 
ATOM   228  H H    . GLY A 1 18 ? 7.115   3.069   -6.787  1.00 1.54 ? 17 GLY A H    1 
ATOM   229  H HA2  . GLY A 1 18 ? 4.872   2.488   -5.135  1.00 1.56 ? 17 GLY A HA2  1 
ATOM   230  H HA3  . GLY A 1 18 ? 6.146   3.660   -4.752  1.00 1.39 ? 17 GLY A HA3  1 
ATOM   231  N N    . SER A 1 19 ? 4.964   5.563   -6.352  1.00 0.95 ? 18 SER A N    1 
ATOM   232  C CA   . SER A 1 19 ? 4.079   6.712   -6.676  1.00 0.99 ? 18 SER A CA   1 
ATOM   233  C C    . SER A 1 19 ? 2.846   6.221   -7.429  1.00 0.87 ? 18 SER A C    1 
ATOM   234  O O    . SER A 1 19 ? 1.745   6.595   -7.077  1.00 0.90 ? 18 SER A O    1 
ATOM   235  C CB   . SER A 1 19 ? 4.881   7.674   -7.560  1.00 1.20 ? 18 SER A CB   1 
ATOM   236  O OG   . SER A 1 19 ? 6.190   7.120   -7.536  1.00 1.90 ? 18 SER A OG   1 
ATOM   237  H H    . SER A 1 19 ? 5.922   5.604   -6.556  1.00 1.11 ? 18 SER A H    1 
ATOM   238  H HA   . SER A 1 19 ? 3.784   7.182   -5.744  1.00 1.02 ? 18 SER A HA   1 
ATOM   239  H HB2  . SER A 1 19 ? 4.516   7.677   -8.575  1.00 1.56 ? 18 SER A HB2  1 
ATOM   240  H HB3  . SER A 1 19 ? 4.900   8.671   -7.142  1.00 1.61 ? 18 SER A HB3  1 
ATOM   241  H HG   . SER A 1 19 ? 6.710   7.616   -6.899  1.00 2.24 ? 18 SER A HG   1 
ATOM   242  N N    . VAL A 1 20 ? 3.051   5.408   -8.429  1.00 0.84 ? 19 VAL A N    1 
ATOM   243  C CA   . VAL A 1 20 ? 1.889   4.895   -9.201  1.00 0.87 ? 19 VAL A CA   1 
ATOM   244  C C    . VAL A 1 20 ? 0.867   4.281   -8.247  1.00 0.79 ? 19 VAL A C    1 
ATOM   245  O O    . VAL A 1 20 ? -0.267  4.716   -8.229  1.00 0.89 ? 19 VAL A O    1 
ATOM   246  C CB   . VAL A 1 20 ? 2.412   3.826   -10.162 1.00 0.95 ? 19 VAL A CB   1 
ATOM   247  C CG1  . VAL A 1 20 ? 1.403   3.694   -11.311 1.00 1.19 ? 19 VAL A CG1  1 
ATOM   248  C CG2  . VAL A 1 20 ? 3.738   4.298   -10.755 1.00 1.14 ? 19 VAL A CG2  1 
ATOM   249  H H    . VAL A 1 20 ? 3.962   5.139   -8.670  1.00 0.88 ? 19 VAL A H    1 
ATOM   250  H HA   . VAL A 1 20 ? 1.446   5.729   -9.736  1.00 0.98 ? 19 VAL A HA   1 
ATOM   251  H HB   . VAL A 1 20 ? 2.550   2.886   -9.638  1.00 0.93 ? 19 VAL A HB   1 
ATOM   252  H HG11 . VAL A 1 20 ? 0.425   3.480   -10.908 1.00 1.40 ? 19 VAL A HG11 1 
ATOM   253  H HG12 . VAL A 1 20 ? 1.370   4.619   -11.868 1.00 1.62 ? 19 VAL A HG12 1 
ATOM   254  H HG13 . VAL A 1 20 ? 1.707   2.890   -11.965 1.00 1.79 ? 19 VAL A HG13 1 
ATOM   255  H HG21 . VAL A 1 20 ? 3.810   5.372   -10.663 1.00 1.43 ? 19 VAL A HG21 1 
ATOM   256  H HG22 . VAL A 1 20 ? 4.555   3.834   -10.223 1.00 1.64 ? 19 VAL A HG22 1 
ATOM   257  H HG23 . VAL A 1 20 ? 3.783   4.023   -11.798 1.00 1.56 ? 19 VAL A HG23 1 
ATOM   258  N N    . ALA A 1 21 ? 1.283   3.302   -7.490  1.00 0.67 ? 20 ALA A N    1 
ATOM   259  C CA   . ALA A 1 21 ? 0.334   2.664   -6.541  1.00 0.67 ? 20 ALA A CA   1 
ATOM   260  C C    . ALA A 1 21 ? -0.302  3.733   -5.657  1.00 0.61 ? 20 ALA A C    1 
ATOM   261  O O    . ALA A 1 21 ? -1.482  3.649   -5.377  1.00 0.67 ? 20 ALA A O    1 
ATOM   262  C CB   . ALA A 1 21 ? 1.138   1.684   -5.678  1.00 0.71 ? 20 ALA A CB   1 
ATOM   263  H H    . ALA A 1 21 ? 2.210   2.990   -7.547  1.00 0.66 ? 20 ALA A H    1 
ATOM   264  H HA   . ALA A 1 21 ? -0.428  2.153   -7.119  1.00 0.78 ? 20 ALA A HA   1 
ATOM   265  H HB1  . ALA A 1 21 ? 2.059   1.430   -6.182  1.00 1.09 ? 20 ALA A HB1  1 
ATOM   266  H HB2  . ALA A 1 21 ? 1.363   2.142   -4.726  1.00 1.20 ? 20 ALA A HB2  1 
ATOM   267  H HB3  . ALA A 1 21 ? 0.557   0.787   -5.515  1.00 1.42 ? 20 ALA A HB3  1 
ATOM   268  N N    . LYS A 1 22 ? 0.477   4.695   -5.245  1.00 0.61 ? 21 LYS A N    1 
ATOM   269  C CA   . LYS A 1 22 ? -0.082  5.768   -4.382  1.00 0.64 ? 21 LYS A CA   1 
ATOM   270  C C    . LYS A 1 22 ? -1.204  6.491   -5.122  1.00 0.65 ? 21 LYS A C    1 
ATOM   271  O O    . LYS A 1 22 ? -2.141  6.939   -4.492  1.00 0.69 ? 21 LYS A O    1 
ATOM   272  C CB   . LYS A 1 22 ? 1.058   6.747   -4.075  1.00 0.73 ? 21 LYS A CB   1 
ATOM   273  C CG   . LYS A 1 22 ? 0.483   7.891   -3.235  1.00 0.87 ? 21 LYS A CG   1 
ATOM   274  C CD   . LYS A 1 22 ? 1.459   9.067   -3.316  1.00 1.04 ? 21 LYS A CD   1 
ATOM   275  C CE   . LYS A 1 22 ? 1.033   10.104  -2.276  1.00 1.24 ? 21 LYS A CE   1 
ATOM   276  N NZ   . LYS A 1 22 ? 1.325   9.589   -0.908  1.00 1.42 ? 21 LYS A NZ   1 
ATOM   277  H H    . LYS A 1 22 ? 1.422   4.709   -5.503  1.00 0.66 ? 21 LYS A H    1 
ATOM   278  H HA   . LYS A 1 22 ? -0.465  5.307   -3.477  1.00 0.65 ? 21 LYS A HA   1 
ATOM   279  H HB2  . LYS A 1 22 ? 1.836   6.240   -3.521  1.00 0.78 ? 21 LYS A HB2  1 
ATOM   280  H HB3  . LYS A 1 22 ? 1.460   7.142   -4.995  1.00 0.82 ? 21 LYS A HB3  1 
ATOM   281  H HG2  . LYS A 1 22 ? -0.480  8.183   -3.628  1.00 1.01 ? 21 LYS A HG2  1 
ATOM   282  H HG3  . LYS A 1 22 ? 0.381   7.576   -2.208  1.00 0.96 ? 21 LYS A HG3  1 
ATOM   283  H HD2  . LYS A 1 22 ? 2.462   8.725   -3.105  1.00 1.12 ? 21 LYS A HD2  1 
ATOM   284  H HD3  . LYS A 1 22 ? 1.420   9.507   -4.301  1.00 1.19 ? 21 LYS A HD3  1 
ATOM   285  H HE2  . LYS A 1 22 ? 1.583   11.022  -2.416  1.00 1.58 ? 21 LYS A HE2  1 
ATOM   286  H HE3  . LYS A 1 22 ? -0.028  10.290  -2.347  1.00 1.62 ? 21 LYS A HE3  1 
ATOM   287  H HZ1  . LYS A 1 22 ? 2.311   9.262   -0.865  1.00 1.60 ? 21 LYS A HZ1  1 
ATOM   288  H HZ2  . LYS A 1 22 ? 1.182   10.350  -0.213  1.00 1.96 ? 21 LYS A HZ2  1 
ATOM   289  H HZ3  . LYS A 1 22 ? 0.688   8.797   -0.692  1.00 1.78 ? 21 LYS A HZ3  1 
ATOM   290  N N    . ALA A 1 23 ? -1.086  6.587   -6.418  1.00 0.70 ? 22 ALA A N    1 
ATOM   291  C CA   . ALA A 1 23 ? -2.144  7.278   -7.198  1.00 0.80 ? 22 ALA A CA   1 
ATOM   292  C C    . ALA A 1 23 ? -3.411  6.428   -7.212  1.00 0.77 ? 22 ALA A C    1 
ATOM   293  O O    . ALA A 1 23 ? -4.490  6.963   -7.052  1.00 0.88 ? 22 ALA A O    1 
ATOM   294  C CB   . ALA A 1 23 ? -1.620  7.456   -8.629  1.00 0.94 ? 22 ALA A CB   1 
ATOM   295  H H    . ALA A 1 23 ? -0.306  6.206   -6.873  1.00 0.74 ? 22 ALA A H    1 
ATOM   296  H HA   . ALA A 1 23 ? -2.341  8.235   -6.724  1.00 0.85 ? 22 ALA A HA   1 
ATOM   297  H HB1  . ALA A 1 23 ? -0.581  7.163   -8.669  1.00 1.17 ? 22 ALA A HB1  1 
ATOM   298  H HB2  . ALA A 1 23 ? -2.196  6.840   -9.302  1.00 1.43 ? 22 ALA A HB2  1 
ATOM   299  H HB3  . ALA A 1 23 ? -1.712  8.492   -8.919  1.00 1.50 ? 22 ALA A HB3  1 
ATOM   300  N N    . ILE A 1 24 ? -3.257  5.145   -7.399  1.00 0.73 ? 23 ILE A N    1 
ATOM   301  C CA   . ILE A 1 24 ? -4.452  4.262   -7.423  1.00 0.77 ? 23 ILE A CA   1 
ATOM   302  C C    . ILE A 1 24 ? -5.084  4.211   -6.034  1.00 0.68 ? 23 ILE A C    1 
ATOM   303  O O    . ILE A 1 24 ? -6.293  4.267   -5.928  1.00 0.72 ? 23 ILE A O    1 
ATOM   304  C CB   . ILE A 1 24 ? -3.983  2.865   -7.831  1.00 0.84 ? 23 ILE A CB   1 
ATOM   305  C CG1  . ILE A 1 24 ? -3.242  2.958   -9.162  1.00 0.98 ? 23 ILE A CG1  1 
ATOM   306  C CG2  . ILE A 1 24 ? -5.228  1.995   -8.046  1.00 1.00 ? 23 ILE A CG2  1 
ATOM   307  C CD1  . ILE A 1 24 ? -3.204  1.557   -9.775  1.00 1.13 ? 23 ILE A CD1  1 
ATOM   308  H H    . ILE A 1 24 ? -2.360  4.768   -7.523  1.00 0.76 ? 23 ILE A H    1 
ATOM   309  H HA   . ILE A 1 24 ? -5.158  4.670   -8.139  1.00 0.86 ? 23 ILE A HA   1 
ATOM   310  H HB   . ILE A 1 24 ? -3.331  2.452   -7.067  1.00 0.76 ? 23 ILE A HB   1 
ATOM   311  H HG12 . ILE A 1 24 ? -3.763  3.635   -9.823  1.00 1.09 ? 23 ILE A HG12 1 
ATOM   312  H HG13 . ILE A 1 24 ? -2.235  3.307   -8.997  1.00 0.94 ? 23 ILE A HG13 1 
ATOM   313  H HG21 . ILE A 1 24 ? -6.084  2.476   -7.597  1.00 1.51 ? 23 ILE A HG21 1 
ATOM   314  H HG22 . ILE A 1 24 ? -5.400  1.869   -9.104  1.00 1.33 ? 23 ILE A HG22 1 
ATOM   315  H HG23 . ILE A 1 24 ? -5.076  1.029   -7.587  1.00 1.51 ? 23 ILE A HG23 1 
ATOM   316  H HD11 . ILE A 1 24 ? -4.168  1.085   -9.656  1.00 1.61 ? 23 ILE A HD11 1 
ATOM   317  H HD12 . ILE A 1 24 ? -2.968  1.631   -10.827 1.00 1.47 ? 23 ILE A HD12 1 
ATOM   318  H HD13 . ILE A 1 24 ? -2.449  0.967   -9.278  1.00 1.56 ? 23 ILE A HD13 1 
ATOM   319  N N    . ILE A 1 25 ? -4.268  4.110   -5.020  1.00 0.63 ? 24 ILE A N    1 
ATOM   320  C CA   . ILE A 1 25 ? -4.822  4.056   -3.641  1.00 0.59 ? 24 ILE A CA   1 
ATOM   321  C C    . ILE A 1 25 ? -5.420  5.410   -3.270  1.00 0.57 ? 24 ILE A C    1 
ATOM   322  O O    . ILE A 1 25 ? -6.509  5.452   -2.735  1.00 0.61 ? 24 ILE A O    1 
ATOM   323  C CB   . ILE A 1 25 ? -3.665  3.720   -2.698  1.00 0.60 ? 24 ILE A CB   1 
ATOM   324  C CG1  . ILE A 1 25 ? -3.245  2.272   -2.926  1.00 0.80 ? 24 ILE A CG1  1 
ATOM   325  C CG2  . ILE A 1 25 ? -4.183  3.838   -1.259  1.00 0.64 ? 24 ILE A CG2  1 
ATOM   326  C CD1  . ILE A 1 25 ? -1.944  2.033   -2.156  1.00 0.89 ? 24 ILE A CD1  1 
ATOM   327  H H    . ILE A 1 25 ? -3.300  4.070   -5.166  1.00 0.68 ? 24 ILE A H    1 
ATOM   328  H HA   . ILE A 1 25 ? -5.590  3.290   -3.618  1.00 0.65 ? 24 ILE A HA   1 
ATOM   329  H HB   . ILE A 1 25 ? -2.828  4.384   -2.880  1.00 0.60 ? 24 ILE A HB   1 
ATOM   330  H HG12 . ILE A 1 25 ? -4.015  1.609   -2.563  1.00 0.89 ? 24 ILE A HG12 1 
ATOM   331  H HG13 . ILE A 1 25 ? -3.079  2.099   -3.978  1.00 0.95 ? 24 ILE A HG13 1 
ATOM   332  H HG21 . ILE A 1 25 ? -3.977  4.879   -1.463  1.00 1.12 ? 24 ILE A HG21 1 
ATOM   333  H HG22 . ILE A 1 25 ? -3.688  4.110   -0.339  1.00 1.24 ? 24 ILE A HG22 1 
ATOM   334  H HG23 . ILE A 1 25 ? -3.529  2.986   -1.147  1.00 1.21 ? 24 ILE A HG23 1 
ATOM   335  H HD11 . ILE A 1 25 ? -1.711  2.906   -1.565  1.00 1.20 ? 24 ILE A HD11 1 
ATOM   336  H HD12 . ILE A 1 25 ? -2.063  1.179   -1.506  1.00 1.52 ? 24 ILE A HD12 1 
ATOM   337  H HD13 . ILE A 1 25 ? -1.142  1.846   -2.854  1.00 1.38 ? 24 ILE A HD13 1 
ATOM   338  N N    . GLU A 1 26 ? -4.709  6.467   -3.555  1.00 0.62 ? 25 GLU A N    1 
ATOM   339  C CA   . GLU A 1 26 ? -5.238  7.814   -3.217  1.00 0.69 ? 25 GLU A CA   1 
ATOM   340  C C    . GLU A 1 26 ? -6.439  8.133   -4.104  1.00 0.74 ? 25 GLU A C    1 
ATOM   341  O O    . GLU A 1 26 ? -7.308  8.873   -3.686  1.00 0.88 ? 25 GLU A O    1 
ATOM   342  C CB   . GLU A 1 26 ? -4.115  8.827   -3.474  1.00 0.80 ? 25 GLU A CB   1 
ATOM   343  C CG   . GLU A 1 26 ? -3.180  8.808   -2.264  1.00 0.82 ? 25 GLU A CG   1 
ATOM   344  C CD   . GLU A 1 26 ? -3.653  9.839   -1.238  1.00 1.11 ? 25 GLU A CD   1 
ATOM   345  O OE1  . GLU A 1 26 ? -4.027  10.912  -1.680  1.00 1.74 ? 25 GLU A OE1  1 
ATOM   346  O OE2  . GLU A 1 26 ? -3.612  9.494   -0.068  1.00 1.60 ? 25 GLU A OE2  1 
ATOM   347  H H    . GLU A 1 26 ? -3.834  6.374   -3.988  1.00 0.68 ? 25 GLU A H    1 
ATOM   348  H HA   . GLU A 1 26 ? -5.536  7.807   -2.173  1.00 0.69 ? 25 GLU A HA   1 
ATOM   349  H HB2  . GLU A 1 26 ? -3.571  8.550   -4.365  1.00 0.87 ? 25 GLU A HB2  1 
ATOM   350  H HB3  . GLU A 1 26 ? -4.534  9.815   -3.592  1.00 0.89 ? 25 GLU A HB3  1 
ATOM   351  H HG2  . GLU A 1 26 ? -3.189  7.824   -1.819  1.00 0.95 ? 25 GLU A HG2  1 
ATOM   352  H HG3  . GLU A 1 26 ? -2.177  9.052   -2.581  1.00 1.03 ? 25 GLU A HG3  1 
ATOM   353  N N    . ARG A 1 27 ? -6.460  7.580   -5.286  1.00 0.80 ? 26 ARG A N    1 
ATOM   354  C CA   . ARG A 1 27 ? -7.602  7.851   -6.198  1.00 0.90 ? 26 ARG A CA   1 
ATOM   355  C C    . ARG A 1 27 ? -8.814  7.027   -5.768  1.00 0.81 ? 26 ARG A C    1 
ATOM   356  O O    . ARG A 1 27 ? -9.925  7.511   -5.858  1.00 0.85 ? 26 ARG A O    1 
ATOM   357  C CB   . ARG A 1 27 ? -7.167  7.443   -7.611  1.00 1.06 ? 26 ARG A CB   1 
ATOM   358  C CG   . ARG A 1 27 ? -6.811  8.717   -8.380  1.00 1.55 ? 26 ARG A CG   1 
ATOM   359  C CD   . ARG A 1 27 ? -7.031  8.446   -9.869  1.00 2.08 ? 26 ARG A CD   1 
ATOM   360  N NE   . ARG A 1 27 ? -5.698  8.270   -10.510 1.00 2.59 ? 26 ARG A NE   1 
ATOM   361  C CZ   . ARG A 1 27 ? -5.233  9.208   -11.290 1.00 3.14 ? 26 ARG A CZ   1 
ATOM   362  N NH1  . ARG A 1 27 ? -6.070  9.890   -12.023 1.00 3.65 ? 26 ARG A NH1  1 
ATOM   363  N NH2  . ARG A 1 27 ? -3.947  9.431   -11.311 1.00 3.70 ? 26 ARG A NH2  1 
ATOM   364  H H    . ARG A 1 27 ? -5.731  6.991   -5.569  1.00 0.89 ? 26 ARG A H    1 
ATOM   365  H HA   . ARG A 1 27 ? -7.832  8.910   -6.143  1.00 0.98 ? 26 ARG A HA   1 
ATOM   366  H HB2  . ARG A 1 27 ? -6.304  6.794   -7.554  1.00 1.28 ? 26 ARG A HB2  1 
ATOM   367  H HB3  . ARG A 1 27 ? -7.976  6.933   -8.111  1.00 1.33 ? 26 ARG A HB3  1 
ATOM   368  H HG2  . ARG A 1 27 ? -7.448  9.529   -8.056  1.00 2.15 ? 26 ARG A HG2  1 
ATOM   369  H HG3  . ARG A 1 27 ? -5.776  8.972   -8.208  1.00 1.93 ? 26 ARG A HG3  1 
ATOM   370  H HD2  . ARG A 1 27 ? -7.601  7.540   -10.009 1.00 2.52 ? 26 ARG A HD2  1 
ATOM   371  H HD3  . ARG A 1 27 ? -7.529  9.283   -10.337 1.00 2.61 ? 26 ARG A HD3  1 
ATOM   372  H HE   . ARG A 1 27 ? -5.174  7.457   -10.348 1.00 2.99 ? 26 ARG A HE   1 
ATOM   373  H HH11 . ARG A 1 27 ? -7.049  9.691   -11.981 1.00 3.70 ? 26 ARG A HH11 1 
ATOM   374  H HH12 . ARG A 1 27 ? -5.732  10.612  -12.626 1.00 4.29 ? 26 ARG A HH12 1 
ATOM   375  H HH21 . ARG A 1 27 ? -3.336  8.888   -10.735 1.00 3.78 ? 26 ARG A HH21 1 
ATOM   376  H HH22 . ARG A 1 27 ? -3.574  10.145  -11.903 1.00 4.34 ? 26 ARG A HH22 1 
ATOM   377  N N    . GLN A 1 28 ? -8.580  5.825   -5.319  1.00 0.76 ? 27 GLN A N    1 
ATOM   378  C CA   . GLN A 1 28 ? -9.718  4.974   -4.884  1.00 0.75 ? 27 GLN A CA   1 
ATOM   379  C C    . GLN A 1 28 ? -10.212 5.429   -3.514  1.00 0.69 ? 27 GLN A C    1 
ATOM   380  O O    . GLN A 1 28 ? -11.405 5.473   -3.295  1.00 0.78 ? 27 GLN A O    1 
ATOM   381  C CB   . GLN A 1 28 ? -9.209  3.532   -4.801  1.00 0.78 ? 27 GLN A CB   1 
ATOM   382  C CG   . GLN A 1 28 ? -10.420 2.618   -4.609  1.00 0.89 ? 27 GLN A CG   1 
ATOM   383  C CD   . GLN A 1 28 ? -11.015 2.264   -5.973  1.00 1.37 ? 27 GLN A CD   1 
ATOM   384  O OE1  . GLN A 1 28 ? -10.330 2.354   -6.972  1.00 1.83 ? 27 GLN A OE1  1 
ATOM   385  N NE2  . GLN A 1 28 ? -12.255 1.867   -6.056  1.00 2.05 ? 27 GLN A NE2  1 
ATOM   386  H H    . GLN A 1 28 ? -7.662  5.486   -5.268  1.00 0.80 ? 27 GLN A H    1 
ATOM   387  H HA   . GLN A 1 28 ? -10.508 5.071   -5.617  1.00 0.84 ? 27 GLN A HA   1 
ATOM   388  H HB2  . GLN A 1 28 ? -8.693  3.273   -5.716  1.00 0.87 ? 27 GLN A HB2  1 
ATOM   389  H HB3  . GLN A 1 28 ? -8.541  3.430   -3.963  1.00 0.79 ? 27 GLN A HB3  1 
ATOM   390  H HG2  . GLN A 1 28 ? -10.112 1.714   -4.103  1.00 1.04 ? 27 GLN A HG2  1 
ATOM   391  H HG3  . GLN A 1 28 ? -11.165 3.127   -4.016  1.00 0.93 ? 27 GLN A HG3  1 
ATOM   392  H HE21 . GLN A 1 28 ? -12.802 1.797   -5.247  1.00 2.53 ? 27 GLN A HE21 1 
ATOM   393  H HE22 . GLN A 1 28 ? -12.639 1.639   -6.929  1.00 2.40 ? 27 GLN A HE22 1 
ATOM   394  N N    . ASN A 1 29 ? -9.300  5.750   -2.637  1.00 0.66 ? 28 ASN A N    1 
ATOM   395  C CA   . ASN A 1 29 ? -9.714  6.201   -1.283  1.00 0.67 ? 28 ASN A CA   1 
ATOM   396  C C    . ASN A 1 29 ? -9.088  7.558   -0.974  1.00 0.67 ? 28 ASN A C    1 
ATOM   397  O O    . ASN A 1 29 ? -8.130  7.628   -0.230  1.00 0.62 ? 28 ASN A O    1 
ATOM   398  C CB   . ASN A 1 29 ? -9.216  5.155   -0.279  1.00 0.68 ? 28 ASN A CB   1 
ATOM   399  C CG   . ASN A 1 29 ? -10.064 5.224   0.992   1.00 0.81 ? 28 ASN A CG   1 
ATOM   400  O OD1  . ASN A 1 29 ? -10.402 6.304   1.435   1.00 1.21 ? 28 ASN A OD1  1 
ATOM   401  N ND2  . ASN A 1 29 ? -10.419 4.122   1.595   1.00 0.78 ? 28 ASN A ND2  1 
ATOM   402  H H    . ASN A 1 29 ? -8.350  5.694   -2.870  1.00 0.71 ? 28 ASN A H    1 
ATOM   403  H HA   . ASN A 1 29 ? -10.797 6.277   -1.272  1.00 0.77 ? 28 ASN A HA   1 
ATOM   404  H HB2  . ASN A 1 29 ? -9.298  4.170   -0.715  1.00 0.76 ? 28 ASN A HB2  1 
ATOM   405  H HB3  . ASN A 1 29 ? -8.185  5.356   -0.033  1.00 0.63 ? 28 ASN A HB3  1 
ATOM   406  H HD21 . ASN A 1 29 ? -10.143 3.255   1.233   1.00 0.94 ? 28 ASN A HD21 1 
ATOM   407  H HD22 . ASN A 1 29 ? -10.962 4.164   2.410   1.00 0.87 ? 28 ASN A HD22 1 
ATOM   408  N N    . PRO A 1 30 ? -9.650  8.584   -1.552  1.00 0.78 ? 29 PRO A N    1 
ATOM   409  C CA   . PRO A 1 30 ? -9.168  9.960   -1.357  1.00 0.90 ? 29 PRO A CA   1 
ATOM   410  C C    . PRO A 1 30 ? -9.221  10.347  0.121   1.00 0.95 ? 29 PRO A C    1 
ATOM   411  O O    . PRO A 1 30 ? -8.877  11.464  0.454   1.00 1.07 ? 29 PRO A O    1 
ATOM   412  C CB   . PRO A 1 30 ? -10.152 10.816  -2.180  1.00 1.07 ? 29 PRO A CB   1 
ATOM   413  C CG   . PRO A 1 30 ? -10.977 9.841   -3.059  1.00 1.04 ? 29 PRO A CG   1 
ATOM   414  C CD   . PRO A 1 30 ? -10.806 8.444   -2.450  1.00 0.88 ? 29 PRO A CD   1 
ATOM   415  H HA   . PRO A 1 30 ? -8.157  10.032  -1.741  1.00 0.87 ? 29 PRO A HA   1 
ATOM   416  H HB2  . PRO A 1 30 ? -10.806 11.364  -1.515  1.00 1.17 ? 29 PRO A HB2  1 
ATOM   417  H HB3  . PRO A 1 30 ? -9.607  11.501  -2.811  1.00 1.15 ? 29 PRO A HB3  1 
ATOM   418  H HG2  . PRO A 1 30 ? -12.020 10.127  -3.047  1.00 1.15 ? 29 PRO A HG2  1 
ATOM   419  H HG3  . PRO A 1 30 ? -10.603 9.846   -4.070  1.00 1.07 ? 29 PRO A HG3  1 
ATOM   420  H HD2  . PRO A 1 30 ? -11.670 8.158   -1.870  1.00 0.91 ? 29 PRO A HD2  1 
ATOM   421  H HD3  . PRO A 1 30 ? -10.580 7.709   -3.211  1.00 0.84 ? 29 PRO A HD3  1 
ATOM   422  N N    . ASN A 1 31 ? -9.642  9.438   0.958   1.00 0.92 ? 30 ASN A N    1 
ATOM   423  C CA   . ASN A 1 31 ? -9.714  9.760   2.408   1.00 1.05 ? 30 ASN A CA   1 
ATOM   424  C C    . ASN A 1 31 ? -8.654  8.972   3.174   1.00 0.97 ? 30 ASN A C    1 
ATOM   425  O O    . ASN A 1 31 ? -8.767  8.839   4.377   1.00 1.15 ? 30 ASN A O    1 
ATOM   426  C CB   . ASN A 1 31 ? -11.113 9.362   2.895   1.00 1.10 ? 30 ASN A CB   1 
ATOM   427  C CG   . ASN A 1 31 ? -12.070 10.542  2.722   1.00 1.31 ? 30 ASN A CG   1 
ATOM   428  O OD1  . ASN A 1 31 ? -13.227 10.439  3.079   1.00 1.73 ? 30 ASN A OD1  1 
ATOM   429  N ND2  . ASN A 1 31 ? -11.639 11.654  2.191   1.00 1.87 ? 30 ASN A ND2  1 
ATOM   430  H H    . ASN A 1 31 ? -9.911  8.553   0.635   1.00 0.86 ? 30 ASN A H    1 
ATOM   431  H HA   . ASN A 1 31 ? -9.544  10.825  2.523   1.00 1.19 ? 30 ASN A HA   1 
ATOM   432  H HB2  . ASN A 1 31 ? -11.468 8.520   2.317   1.00 1.02 ? 30 ASN A HB2  1 
ATOM   433  H HB3  . ASN A 1 31 ? -11.066 9.088   3.938   1.00 1.30 ? 30 ASN A HB3  1 
ATOM   434  H HD21 . ASN A 1 31 ? -10.705 11.731  1.904   1.00 2.45 ? 30 ASN A HD21 1 
ATOM   435  H HD22 . ASN A 1 31 ? -12.250 12.411  2.078   1.00 2.05 ? 30 ASN A HD22 1 
ATOM   436  N N    . VAL A 1 32 ? -7.666  8.477   2.478   1.00 0.83 ? 31 VAL A N    1 
ATOM   437  C CA   . VAL A 1 32 ? -6.605  7.701   3.172   1.00 0.81 ? 31 VAL A CA   1 
ATOM   438  C C    . VAL A 1 32 ? -5.235  8.065   2.602   1.00 0.85 ? 31 VAL A C    1 
ATOM   439  O O    . VAL A 1 32 ? -5.126  8.290   1.413   1.00 1.04 ? 31 VAL A O    1 
ATOM   440  C CB   . VAL A 1 32 ? -6.888  6.217   2.931   1.00 0.86 ? 31 VAL A CB   1 
ATOM   441  C CG1  . VAL A 1 32 ? -8.377  5.970   3.213   1.00 1.04 ? 31 VAL A CG1  1 
ATOM   442  C CG2  . VAL A 1 32 ? -6.632  5.896   1.461   1.00 0.96 ? 31 VAL A CG2  1 
ATOM   443  H H    . VAL A 1 32 ? -7.626  8.615   1.509   1.00 0.83 ? 31 VAL A H    1 
ATOM   444  H HA   . VAL A 1 32 ? -6.645  7.946   4.228   1.00 0.93 ? 31 VAL A HA   1 
ATOM   445  H HB   . VAL A 1 32 ? -6.252  5.606   3.564   1.00 0.94 ? 31 VAL A HB   1 
ATOM   446  H HG11 . VAL A 1 32 ? -8.971  6.683   2.661   1.00 1.33 ? 31 VAL A HG11 1 
ATOM   447  H HG12 . VAL A 1 32 ? -8.639  4.969   2.907   1.00 1.55 ? 31 VAL A HG12 1 
ATOM   448  H HG13 . VAL A 1 32 ? -8.566  6.086   4.270   1.00 1.56 ? 31 VAL A HG13 1 
ATOM   449  H HG21 . VAL A 1 32 ? -5.940  6.616   1.051   1.00 1.53 ? 31 VAL A HG21 1 
ATOM   450  H HG22 . VAL A 1 32 ? -6.211  4.904   1.378   1.00 1.35 ? 31 VAL A HG22 1 
ATOM   451  H HG23 . VAL A 1 32 ? -7.563  5.939   0.916   1.00 1.39 ? 31 VAL A HG23 1 
ATOM   452  N N    . LYS A 1 33 ? -4.241  8.114   3.445   1.00 0.92 ? 32 LYS A N    1 
ATOM   453  C CA   . LYS A 1 33 ? -2.882  8.463   2.954   1.00 1.12 ? 32 LYS A CA   1 
ATOM   454  C C    . LYS A 1 33 ? -2.007  7.212   2.914   1.00 0.91 ? 32 LYS A C    1 
ATOM   455  O O    . LYS A 1 33 ? -2.407  6.190   3.435   1.00 1.18 ? 32 LYS A O    1 
ATOM   456  C CB   . LYS A 1 33 ? -2.288  9.484   3.932   1.00 1.64 ? 32 LYS A CB   1 
ATOM   457  C CG   . LYS A 1 33 ? -1.188  10.252  3.199   1.00 2.17 ? 32 LYS A CG   1 
ATOM   458  C CD   . LYS A 1 33 ? -1.215  11.699  3.695   1.00 2.73 ? 32 LYS A CD   1 
ATOM   459  C CE   . LYS A 1 33 ? -2.625  12.247  3.465   1.00 3.29 ? 32 LYS A CE   1 
ATOM   460  N NZ   . LYS A 1 33 ? -2.623  13.725  3.657   1.00 3.91 ? 32 LYS A NZ   1 
ATOM   461  H H    . LYS A 1 33 ? -4.389  7.923   4.395   1.00 0.99 ? 32 LYS A H    1 
ATOM   462  H HA   . LYS A 1 33 ? -2.982  8.880   1.957   1.00 1.30 ? 32 LYS A HA   1 
ATOM   463  H HB2  . LYS A 1 33 ? -3.060  10.167  4.258   1.00 2.06 ? 32 LYS A HB2  1 
ATOM   464  H HB3  . LYS A 1 33 ? -1.867  8.972   4.784   1.00 2.08 ? 32 LYS A HB3  1 
ATOM   465  H HG2  . LYS A 1 33 ? -0.227  9.807   3.414   1.00 2.45 ? 32 LYS A HG2  1 
ATOM   466  H HG3  . LYS A 1 33 ? -1.372  10.231  2.136   1.00 2.66 ? 32 LYS A HG3  1 
ATOM   467  H HD2  . LYS A 1 33 ? -0.975  11.728  4.749   1.00 3.27 ? 32 LYS A HD2  1 
ATOM   468  H HD3  . LYS A 1 33 ? -0.502  12.290  3.141   1.00 2.85 ? 32 LYS A HD3  1 
ATOM   469  H HE2  . LYS A 1 33 ? -2.947  12.038  2.456   1.00 3.56 ? 32 LYS A HE2  1 
ATOM   470  H HE3  . LYS A 1 33 ? -3.314  11.815  4.175   1.00 3.61 ? 32 LYS A HE3  1 
ATOM   471  H HZ1  . LYS A 1 33 ? -1.955  14.161  2.990   1.00 4.54 ? 32 LYS A HZ1  1 
ATOM   472  H HZ2  . LYS A 1 33 ? -3.579  14.098  3.483   1.00 4.03 ? 32 LYS A HZ2  1 
ATOM   473  H HZ3  . LYS A 1 33 ? -2.337  13.948  4.631   1.00 4.08 ? 32 LYS A HZ3  1 
ATOM   474  N N    . ALA A 1 34 ? -0.855  7.316   2.310   1.00 0.82 ? 33 ALA A N    1 
ATOM   475  C CA   . ALA A 1 34 ? 0.042   6.132   2.237   1.00 0.89 ? 33 ALA A CA   1 
ATOM   476  C C    . ALA A 1 34 ? 1.441   6.510   2.718   1.00 0.93 ? 33 ALA A C    1 
ATOM   477  O O    . ALA A 1 34 ? 1.772   7.679   2.732   1.00 1.17 ? 33 ALA A O    1 
ATOM   478  C CB   . ALA A 1 34 ? 0.097   5.686   0.772   1.00 1.19 ? 33 ALA A CB   1 
ATOM   479  H H    . ALA A 1 34 ? -0.583  8.167   1.907   1.00 1.00 ? 33 ALA A H    1 
ATOM   480  H HA   . ALA A 1 34 ? -0.374  5.358   2.873   1.00 1.03 ? 33 ALA A HA   1 
ATOM   481  H HB1  . ALA A 1 34 ? -0.908  5.539   0.403   1.00 1.65 ? 33 ALA A HB1  1 
ATOM   482  H HB2  . ALA A 1 34 ? 0.590   6.445   0.182   1.00 1.61 ? 33 ALA A HB2  1 
ATOM   483  H HB3  . ALA A 1 34 ? 0.646   4.760   0.698   1.00 1.67 ? 33 ALA A HB3  1 
ATOM   484  N N    . VAL A 1 35 ? 2.220   5.531   3.093   1.00 0.97 ? 34 VAL A N    1 
ATOM   485  C CA   . VAL A 1 35 ? 3.594   5.832   3.570   1.00 1.08 ? 34 VAL A CA   1 
ATOM   486  C C    . VAL A 1 35 ? 4.601   4.923   2.870   1.00 1.05 ? 34 VAL A C    1 
ATOM   487  O O    . VAL A 1 35 ? 4.394   3.727   2.826   1.00 1.15 ? 34 VAL A O    1 
ATOM   488  C CB   . VAL A 1 35 ? 3.622   5.574   5.076   1.00 1.30 ? 34 VAL A CB   1 
ATOM   489  C CG1  . VAL A 1 35 ? 5.049   5.839   5.572   1.00 1.82 ? 34 VAL A CG1  1 
ATOM   490  C CG2  . VAL A 1 35 ? 2.692   6.567   5.768   1.00 1.84 ? 34 VAL A CG2  1 
ATOM   491  H H    . VAL A 1 35 ? 1.900   4.605   3.060   1.00 1.12 ? 34 VAL A H    1 
ATOM   492  H HA   . VAL A 1 35 ? 3.808   6.869   3.344   1.00 1.13 ? 34 VAL A HA   1 
ATOM   493  H HB   . VAL A 1 35 ? 3.307   4.558   5.283   1.00 1.87 ? 34 VAL A HB   1 
ATOM   494  H HG11 . VAL A 1 35 ? 5.320   6.861   5.356   1.00 2.31 ? 34 VAL A HG11 1 
ATOM   495  H HG12 . VAL A 1 35 ? 5.095   5.671   6.639   1.00 1.99 ? 34 VAL A HG12 1 
ATOM   496  H HG13 . VAL A 1 35 ? 5.735   5.171   5.072   1.00 2.47 ? 34 VAL A HG13 1 
ATOM   497  H HG21 . VAL A 1 35 ? 1.708   6.503   5.328   1.00 2.25 ? 34 VAL A HG21 1 
ATOM   498  H HG22 . VAL A 1 35 ? 2.633   6.331   6.820   1.00 2.35 ? 34 VAL A HG22 1 
ATOM   499  H HG23 . VAL A 1 35 ? 3.078   7.567   5.644   1.00 2.33 ? 34 VAL A HG23 1 
ATOM   500  N N    . ILE A 1 36 ? 5.648   5.498   2.346   1.00 1.07 ? 35 ILE A N    1 
ATOM   501  C CA   . ILE A 1 36 ? 6.667   4.668   1.649   1.00 1.09 ? 35 ILE A CA   1 
ATOM   502  C C    . ILE A 1 36 ? 7.717   4.187   2.648   1.00 1.13 ? 35 ILE A C    1 
ATOM   503  O O    . ILE A 1 36 ? 8.171   4.972   3.456   1.00 1.33 ? 35 ILE A O    1 
ATOM   504  C CB   . ILE A 1 36 ? 7.324   5.551   0.587   1.00 1.23 ? 35 ILE A CB   1 
ATOM   505  C CG1  . ILE A 1 36 ? 6.243   6.112   -0.332  1.00 1.25 ? 35 ILE A CG1  1 
ATOM   506  C CG2  . ILE A 1 36 ? 8.246   4.663   -0.259  1.00 1.43 ? 35 ILE A CG2  1 
ATOM   507  C CD1  . ILE A 1 36 ? 6.914   6.549   -1.635  1.00 1.55 ? 35 ILE A CD1  1 
ATOM   508  H H    . ILE A 1 36 ? 5.764   6.470   2.412   1.00 1.16 ? 35 ILE A H    1 
ATOM   509  H HA   . ILE A 1 36 ? 6.159   3.819   1.202   1.00 1.07 ? 35 ILE A HA   1 
ATOM   510  H HB   . ILE A 1 36 ? 7.871   6.362   1.061   1.00 1.31 ? 35 ILE A HB   1 
ATOM   511  H HG12 . ILE A 1 36 ? 5.505   5.350   -0.535  1.00 1.34 ? 35 ILE A HG12 1 
ATOM   512  H HG13 . ILE A 1 36 ? 5.772   6.964   0.135   1.00 1.26 ? 35 ILE A HG13 1 
ATOM   513  H HG21 . ILE A 1 36 ? 8.253   3.662   0.147   1.00 1.65 ? 35 ILE A HG21 1 
ATOM   514  H HG22 . ILE A 1 36 ? 7.884   4.637   -1.277  1.00 1.89 ? 35 ILE A HG22 1 
ATOM   515  H HG23 . ILE A 1 36 ? 9.248   5.066   -0.243  1.00 1.87 ? 35 ILE A HG23 1 
ATOM   516  H HD11 . ILE A 1 36 ? 7.960   6.278   -1.609  1.00 2.02 ? 35 ILE A HD11 1 
ATOM   517  H HD12 . ILE A 1 36 ? 6.435   6.059   -2.469  1.00 1.96 ? 35 ILE A HD12 1 
ATOM   518  H HD13 . ILE A 1 36 ? 6.823   7.619   -1.746  1.00 1.81 ? 35 ILE A HD13 1 
ATOM   519  N N    . LEU A 1 37 ? 8.072   2.934   2.574   1.00 1.03 ? 36 LEU A N    1 
ATOM   520  C CA   . LEU A 1 37 ? 9.091   2.408   3.521   1.00 1.11 ? 36 LEU A CA   1 
ATOM   521  C C    . LEU A 1 37 ? 9.824   1.222   2.896   1.00 1.12 ? 36 LEU A C    1 
ATOM   522  O O    . LEU A 1 37 ? 9.248   0.525   2.084   1.00 1.10 ? 36 LEU A O    1 
ATOM   523  C CB   . LEU A 1 37 ? 8.352   1.957   4.786   1.00 1.11 ? 36 LEU A CB   1 
ATOM   524  C CG   . LEU A 1 37 ? 7.004   1.383   4.362   1.00 1.08 ? 36 LEU A CG   1 
ATOM   525  C CD1  . LEU A 1 37 ? 7.220   -0.085  3.974   1.00 1.15 ? 36 LEU A CD1  1 
ATOM   526  C CD2  . LEU A 1 37 ? 6.053   1.415   5.555   1.00 1.24 ? 36 LEU A CD2  1 
ATOM   527  H H    . LEU A 1 37 ? 7.671   2.344   1.900   1.00 1.00 ? 36 LEU A H    1 
ATOM   528  H HA   . LEU A 1 37 ? 9.792   3.208   3.735   1.00 1.21 ? 36 LEU A HA   1 
ATOM   529  H HB2  . LEU A 1 37 ? 8.930   1.199   5.296   1.00 1.14 ? 36 LEU A HB2  1 
ATOM   530  H HB3  . LEU A 1 37 ? 8.195   2.801   5.440   1.00 1.19 ? 36 LEU A HB3  1 
ATOM   531  H HG   . LEU A 1 37 ? 6.593   1.959   3.540   1.00 1.21 ? 36 LEU A HG   1 
ATOM   532  H HD11 . LEU A 1 37 ? 8.045   -0.490  4.541   1.00 1.76 ? 36 LEU A HD11 1 
ATOM   533  H HD12 . LEU A 1 37 ? 6.324   -0.650  4.187   1.00 1.22 ? 36 LEU A HD12 1 
ATOM   534  H HD13 . LEU A 1 37 ? 7.443   -0.148  2.919   1.00 1.67 ? 36 LEU A HD13 1 
ATOM   535  H HD21 . LEU A 1 37 ? 6.618   1.327   6.471   1.00 1.66 ? 36 LEU A HD21 1 
ATOM   536  H HD22 . LEU A 1 37 ? 5.509   2.349   5.557   1.00 1.66 ? 36 LEU A HD22 1 
ATOM   537  H HD23 . LEU A 1 37 ? 5.355   0.594   5.482   1.00 1.62 ? 36 LEU A HD23 1 
ATOM   538  N N    . GLU A 1 38 ? 11.055  1.024   3.281   1.00 1.20 ? 37 GLU A N    1 
ATOM   539  C CA   . GLU A 1 38 ? 11.826  -0.112  2.712   1.00 1.24 ? 37 GLU A CA   1 
ATOM   540  C C    . GLU A 1 38 ? 11.442  -1.410  3.421   1.00 1.22 ? 37 GLU A C    1 
ATOM   541  O O    . GLU A 1 38 ? 10.509  -1.411  4.198   1.00 1.31 ? 37 GLU A O    1 
ATOM   542  C CB   . GLU A 1 38 ? 13.314  0.184   2.940   1.00 1.41 ? 37 GLU A CB   1 
ATOM   543  C CG   . GLU A 1 38 ? 13.756  1.205   1.891   1.00 1.95 ? 37 GLU A CG   1 
ATOM   544  C CD   . GLU A 1 38 ? 15.260  1.069   1.649   1.00 2.44 ? 37 GLU A CD   1 
ATOM   545  O OE1  . GLU A 1 38 ? 15.959  0.935   2.640   1.00 2.83 ? 37 GLU A OE1  1 
ATOM   546  O OE2  . GLU A 1 38 ? 15.627  1.106   0.486   1.00 2.95 ? 37 GLU A OE2  1 
ATOM   547  H H    . GLU A 1 38 ? 11.469  1.620   3.940   1.00 1.25 ? 37 GLU A H    1 
ATOM   548  H HA   . GLU A 1 38 ? 11.593  -0.181  1.655   1.00 1.25 ? 37 GLU A HA   1 
ATOM   549  H HB2  . GLU A 1 38 ? 13.457  0.590   3.932   1.00 1.75 ? 37 GLU A HB2  1 
ATOM   550  H HB3  . GLU A 1 38 ? 13.889  -0.722  2.829   1.00 1.77 ? 37 GLU A HB3  1 
ATOM   551  H HG2  . GLU A 1 38 ? 13.223  1.025   0.968   1.00 2.45 ? 37 GLU A HG2  1 
ATOM   552  H HG3  . GLU A 1 38 ? 13.539  2.202   2.244   1.00 2.41 ? 37 GLU A HG3  1 
ATOM   553  N N    . GLU A 1 39 ? 12.157  -2.466  3.141   1.00 1.28 ? 38 GLU A N    1 
ATOM   554  C CA   . GLU A 1 39 ? 11.836  -3.762  3.795   1.00 1.29 ? 38 GLU A CA   1 
ATOM   555  C C    . GLU A 1 39 ? 12.709  -3.949  5.034   1.00 1.39 ? 38 GLU A C    1 
ATOM   556  O O    . GLU A 1 39 ? 13.694  -3.252  5.178   1.00 1.86 ? 38 GLU A O    1 
ATOM   557  C CB   . GLU A 1 39 ? 12.130  -4.872  2.777   1.00 1.71 ? 38 GLU A CB   1 
ATOM   558  C CG   . GLU A 1 39 ? 11.514  -6.169  3.304   1.00 2.05 ? 38 GLU A CG   1 
ATOM   559  C CD   . GLU A 1 39 ? 11.492  -7.214  2.188   1.00 2.66 ? 38 GLU A CD   1 
ATOM   560  O OE1  . GLU A 1 39 ? 10.788  -6.961  1.224   1.00 3.29 ? 38 GLU A OE1  1 
ATOM   561  O OE2  . GLU A 1 39 ? 12.181  -8.206  2.361   1.00 3.02 ? 38 GLU A OE2  1 
ATOM   562  H H    . GLU A 1 39 ? 12.900  -2.405  2.505   1.00 1.42 ? 38 GLU A H    1 
ATOM   563  H HA   . GLU A 1 39 ? 10.787  -3.748  4.076   1.00 1.31 ? 38 GLU A HA   1 
ATOM   564  H HB2  . GLU A 1 39 ? 11.691  -4.618  1.824   1.00 2.26 ? 38 GLU A HB2  1 
ATOM   565  H HB3  . GLU A 1 39 ? 13.197  -4.996  2.670   1.00 2.14 ? 38 GLU A HB3  1 
ATOM   566  H HG2  . GLU A 1 39 ? 12.103  -6.537  4.132   1.00 2.54 ? 38 GLU A HG2  1 
ATOM   567  H HG3  . GLU A 1 39 ? 10.504  -5.979  3.637   1.00 2.33 ? 38 GLU A HG3  1 
ATOM   568  N N    . GLY A 1 40 ? 12.337  -4.867  5.883   1.00 1.71 ? 39 GLY A N    1 
ATOM   569  C CA   . GLY A 1 40 ? 13.148  -5.097  7.113   1.00 2.09 ? 39 GLY A CA   1 
ATOM   570  C C    . GLY A 1 40 ? 12.457  -6.147  7.987   1.00 1.86 ? 39 GLY A C    1 
ATOM   571  O O    . GLY A 1 40 ? 13.065  -7.149  8.304   1.00 2.02 ? 39 GLY A O    1 
ATOM   572  H H    . GLY A 1 40 ? 11.532  -5.399  5.716   1.00 2.10 ? 39 GLY A H    1 
ATOM   573  H HA2  . GLY A 1 40 ? 14.125  -5.444  6.814   1.00 2.41 ? 39 GLY A HA2  1 
ATOM   574  H HA3  . GLY A 1 40 ? 13.229  -4.161  7.646   1.00 2.69 ? 39 GLY A HA3  1 
ATOM   575  N N    . THR A 1 41 ? 11.227  -5.897  8.347   1.00 1.90 ? 40 THR A N    1 
ATOM   576  C CA   . THR A 1 41 ? 10.503  -6.877  9.195   1.00 2.19 ? 40 THR A CA   1 
ATOM   577  C C    . THR A 1 41 ? 9.974   -8.022  8.329   1.00 2.18 ? 40 THR A C    1 
ATOM   578  O O    . THR A 1 41 ? 9.693   -7.813  7.166   1.00 1.99 ? 40 THR A O    1 
ATOM   579  C CB   . THR A 1 41 ? 9.331   -6.138  9.848   1.00 2.47 ? 40 THR A CB   1 
ATOM   580  O OG1  . THR A 1 41 ? 9.459   -4.799  9.402   1.00 3.03 ? 40 THR A OG1  1 
ATOM   581  C CG2  . THR A 1 41 ? 9.531   -6.047  11.364  1.00 2.97 ? 40 THR A CG2  1 
ATOM   582  H H    . THR A 1 41 ? 10.787  -5.070  8.060   1.00 2.01 ? 40 THR A H    1 
ATOM   583  H HA   . THR A 1 41 ? 11.196  -7.253  9.936   1.00 2.60 ? 40 THR A HA   1 
ATOM   584  H HB   . THR A 1 41 ? 8.368   -6.540  9.559   1.00 2.63 ? 40 THR A HB   1 
ATOM   585  H HG1  . THR A 1 41 ? 8.842   -4.665  8.679   1.00 3.37 ? 40 THR A HG1  1 
ATOM   586  H HG21 . THR A 1 41 ? 10.220  -6.816  11.683  1.00 3.26 ? 40 THR A HG21 1 
ATOM   587  H HG22 . THR A 1 41 ? 9.932   -5.076  11.617  1.00 3.30 ? 40 THR A HG22 1 
ATOM   588  H HG23 . THR A 1 41 ? 8.582   -6.185  11.862  1.00 3.40 ? 40 THR A HG23 1 
ATOM   589  N N    . PRO A 1 42 ? 9.855   -9.187  8.915   1.00 2.79 ? 41 PRO A N    1 
ATOM   590  C CA   . PRO A 1 42 ? 9.359   -10.372 8.198   1.00 3.28 ? 41 PRO A CA   1 
ATOM   591  C C    . PRO A 1 42 ? 7.962   -10.108 7.639   1.00 3.33 ? 41 PRO A C    1 
ATOM   592  O O    . PRO A 1 42 ? 7.015   -10.072 8.398   1.00 3.74 ? 41 PRO A O    1 
ATOM   593  C CB   . PRO A 1 42 ? 9.311   -11.469 9.279   1.00 4.03 ? 41 PRO A CB   1 
ATOM   594  C CG   . PRO A 1 42 ? 10.093  -10.932 10.505  1.00 4.05 ? 41 PRO A CG   1 
ATOM   595  C CD   . PRO A 1 42 ? 10.205  -9.411  10.329  1.00 3.33 ? 41 PRO A CD   1 
ATOM   596  H HA   . PRO A 1 42 ? 10.056  -10.618 7.406   1.00 3.34 ? 41 PRO A HA   1 
ATOM   597  H HB2  . PRO A 1 42 ? 8.284   -11.673 9.551   1.00 4.31 ? 41 PRO A HB2  1 
ATOM   598  H HB3  . PRO A 1 42 ? 9.782   -12.368 8.914   1.00 4.45 ? 41 PRO A HB3  1 
ATOM   599  H HG2  . PRO A 1 42 ? 9.556   -11.164 11.414  1.00 4.50 ? 41 PRO A HG2  1 
ATOM   600  H HG3  . PRO A 1 42 ? 11.079  -11.369 10.535  1.00 4.28 ? 41 PRO A HG3  1 
ATOM   601  H HD2  . PRO A 1 42 ? 9.497   -8.890  10.955  1.00 3.47 ? 41 PRO A HD2  1 
ATOM   602  H HD3  . PRO A 1 42 ? 11.216  -9.077  10.508  1.00 3.30 ? 41 PRO A HD3  1 
ATOM   603  N N    . VAL A 1 43 ? 7.866   -9.932  6.349   1.00 3.21 ? 42 VAL A N    1 
ATOM   604  C CA   . VAL A 1 43 ? 6.532   -9.672  5.746   1.00 3.55 ? 42 VAL A CA   1 
ATOM   605  C C    . VAL A 1 43 ? 5.999   -10.945 5.094   1.00 4.33 ? 42 VAL A C    1 
ATOM   606  O O    . VAL A 1 43 ? 6.772   -11.842 4.820   1.00 4.54 ? 42 VAL A O    1 
ATOM   607  C CB   . VAL A 1 43 ? 6.711   -8.582  4.689   1.00 3.34 ? 42 VAL A CB   1 
ATOM   608  C CG1  . VAL A 1 43 ? 5.419   -7.757  4.642   1.00 3.40 ? 42 VAL A CG1  1 
ATOM   609  C CG2  . VAL A 1 43 ? 7.844   -7.656  5.118   1.00 3.22 ? 42 VAL A CG2  1 
ATOM   610  H H    . VAL A 1 43 ? 8.665   -9.972  5.783   1.00 3.11 ? 42 VAL A H    1 
ATOM   611  H HA   . VAL A 1 43 ? 5.864   -9.351  6.539   1.00 3.67 ? 42 VAL A HA   1 
ATOM   612  H HB   . VAL A 1 43 ? 6.938   -9.030  3.726   1.00 3.73 ? 42 VAL A HB   1 
ATOM   613  H HG11 . VAL A 1 43 ? 4.582   -8.410  4.442   1.00 3.55 ? 42 VAL A HG11 1 
ATOM   614  H HG12 . VAL A 1 43 ? 5.272   -7.264  5.591   1.00 3.64 ? 42 VAL A HG12 1 
ATOM   615  H HG13 . VAL A 1 43 ? 5.493   -7.017  3.860   1.00 3.67 ? 42 VAL A HG13 1 
ATOM   616  H HG21 . VAL A 1 43 ? 8.258   -8.002  6.054   1.00 3.62 ? 42 VAL A HG21 1 
ATOM   617  H HG22 . VAL A 1 43 ? 8.615   -7.655  4.361   1.00 3.26 ? 42 VAL A HG22 1 
ATOM   618  H HG23 . VAL A 1 43 ? 7.461   -6.654  5.243   1.00 3.36 ? 42 VAL A HG23 1 
ATOM   619  N N    . THR A 1 44 ? 4.715   -10.996 4.864   1.00 4.96 ? 43 THR A N    1 
ATOM   620  C CA   . THR A 1 44 ? 4.136   -12.209 4.231   1.00 5.81 ? 43 THR A CA   1 
ATOM   621  C C    . THR A 1 44 ? 5.003   -12.643 3.051   1.00 6.28 ? 43 THR A C    1 
ATOM   622  O O    . THR A 1 44 ? 4.963   -12.006 2.017   1.00 6.46 ? 43 THR A O    1 
ATOM   623  C CB   . THR A 1 44 ? 2.732   -11.843 3.739   1.00 6.45 ? 43 THR A CB   1 
ATOM   624  O OG1  . THR A 1 44 ? 2.371   -12.898 2.864   1.00 6.54 ? 43 THR A OG1  1 
ATOM   625  C CG2  . THR A 1 44 ? 2.789   -10.610 2.831   1.00 7.09 ? 43 THR A CG2  1 
ATOM   626  H H    . THR A 1 44 ? 4.140   -10.242 5.107   1.00 5.00 ? 43 THR A H    1 
ATOM   627  H HA   . THR A 1 44 ? 4.102   -12.994 4.978   1.00 5.87 ? 43 THR A HA   1 
ATOM   628  H HB   . THR A 1 44 ? 2.014   -11.757 4.544   1.00 6.70 ? 43 THR A HB   1 
ATOM   629  H HG1  . THR A 1 44 ? 2.207   -12.522 1.997   1.00 6.62 ? 43 THR A HG1  1 
ATOM   630  H HG21 . THR A 1 44 ? 3.703   -10.066 3.019   1.00 7.37 ? 43 THR A HG21 1 
ATOM   631  H HG22 . THR A 1 44 ? 2.763   -10.922 1.797   1.00 7.26 ? 43 THR A HG22 1 
ATOM   632  H HG23 . THR A 1 44 ? 1.943   -9.972  3.036   1.00 7.41 ? 43 THR A HG23 1 
ATOM   633  N N    . LYS A 1 45 ? 5.753   -13.696 3.229   1.00 6.76 ? 44 LYS A N    1 
ATOM   634  C CA   . LYS A 1 45 ? 6.621   -14.169 2.120   1.00 7.44 ? 44 LYS A CA   1 
ATOM   635  C C    . LYS A 1 45 ? 5.761   -14.591 0.931   1.00 7.88 ? 44 LYS A C    1 
ATOM   636  O O    . LYS A 1 45 ? 4.666   -14.063 0.840   1.00 8.19 ? 44 LYS A O    1 
ATOM   637  C CB   . LYS A 1 45 ? 7.416   -15.372 2.642   1.00 7.96 ? 44 LYS A CB   1 
ATOM   638  C CG   . LYS A 1 45 ? 8.484   -14.849 3.603   1.00 8.04 ? 44 LYS A CG   1 
ATOM   639  C CD   . LYS A 1 45 ? 8.565   -15.814 4.787   1.00 8.62 ? 44 LYS A CD   1 
ATOM   640  C CE   . LYS A 1 45 ? 8.415   -17.236 4.245   1.00 9.20 ? 44 LYS A CE   1 
ATOM   641  N NZ   . LYS A 1 45 ? 7.203   -17.872 4.833   1.00 9.31 ? 44 LYS A NZ   1 
ATOM   642  O OXT  . LYS A 1 45 ? 6.247   -15.420 0.179   1.00 8.12 ? 44 LYS A OXT  1 
ATOM   643  H H    . LYS A 1 45 ? 5.746   -14.169 4.087   1.00 6.86 ? 44 LYS A H    1 
ATOM   644  H HA   . LYS A 1 45 ? 7.278   -13.354 1.833   1.00 7.53 ? 44 LYS A HA   1 
ATOM   645  H HB2  . LYS A 1 45 ? 6.752   -16.050 3.162   1.00 8.14 ? 44 LYS A HB2  1 
ATOM   646  H HB3  . LYS A 1 45 ? 7.890   -15.883 1.818   1.00 8.37 ? 44 LYS A HB3  1 
ATOM   647  H HG2  . LYS A 1 45 ? 9.438   -14.803 3.099   1.00 8.17 ? 44 LYS A HG2  1 
ATOM   648  H HG3  . LYS A 1 45 ? 8.208   -13.867 3.956   1.00 7.88 ? 44 LYS A HG3  1 
ATOM   649  H HD2  . LYS A 1 45 ? 9.520   -15.707 5.281   1.00 8.78 ? 44 LYS A HD2  1 
ATOM   650  H HD3  . LYS A 1 45 ? 7.767   -15.607 5.484   1.00 8.75 ? 44 LYS A HD3  1 
ATOM   651  H HE2  . LYS A 1 45 ? 8.298   -17.215 3.171   1.00 9.64 ? 44 LYS A HE2  1 
ATOM   652  H HE3  . LYS A 1 45 ? 9.274   -17.831 4.515   1.00 9.37 ? 44 LYS A HE3  1 
ATOM   653  H HZ1  . LYS A 1 45 ? 6.519   -17.135 5.100   1.00 9.55 ? 44 LYS A HZ1  1 
ATOM   654  H HZ2  . LYS A 1 45 ? 6.772   -18.509 4.133   1.00 9.44 ? 44 LYS A HZ2  1 
ATOM   655  H HZ3  . LYS A 1 45 ? 7.473   -18.416 5.677   1.00 9.26 ? 44 LYS A HZ3  1 
ATOM   656  N N    . ASP B 2 1  ? 0.102   1.635   14.084  1.00 5.64 ? 45 ASP B N    1 
ATOM   657  C CA   . ASP B 2 1  ? -1.173  2.355   13.839  1.00 5.03 ? 45 ASP B CA   1 
ATOM   658  C C    . ASP B 2 1  ? -1.599  2.143   12.388  1.00 4.15 ? 45 ASP B C    1 
ATOM   659  O O    . ASP B 2 1  ? -1.525  3.069   11.605  1.00 4.37 ? 45 ASP B O    1 
ATOM   660  C CB   . ASP B 2 1  ? -0.957  3.851   14.100  1.00 5.64 ? 45 ASP B CB   1 
ATOM   661  C CG   . ASP B 2 1  ? -2.281  4.599   13.921  1.00 6.49 ? 45 ASP B CG   1 
ATOM   662  O OD1  . ASP B 2 1  ? -3.224  3.940   13.517  1.00 6.88 ? 45 ASP B OD1  1 
ATOM   663  O OD2  . ASP B 2 1  ? -2.272  5.787   14.199  1.00 6.96 ? 45 ASP B OD2  1 
ATOM   664  H H1   . ASP B 2 1  ? 0.366   1.097   13.234  1.00 6.27 ? 45 ASP B H1   1 
ATOM   665  H H2   . ASP B 2 1  ? 0.851   2.322   14.306  1.00 5.80 ? 45 ASP B H2   1 
ATOM   666  H H3   . ASP B 2 1  ? -0.016  0.982   14.885  1.00 5.63 ? 45 ASP B H3   1 
ATOM   667  H HA   . ASP B 2 1  ? -1.923  1.941   14.507  1.00 5.24 ? 45 ASP B HA   1 
ATOM   668  H HB2  . ASP B 2 1  ? -0.597  3.993   15.108  1.00 5.85 ? 45 ASP B HB2  1 
ATOM   669  H HB3  . ASP B 2 1  ? -0.231  4.237   13.400  1.00 5.68 ? 45 ASP B HB3  1 
ATOM   670  N N    . PHE B 2 2  ? -2.026  0.952   12.068  1.00 3.64 ? 46 PHE B N    1 
ATOM   671  C CA   . PHE B 2 2  ? -2.454  0.682   10.670  1.00 3.23 ? 46 PHE B CA   1 
ATOM   672  C C    . PHE B 2 2  ? -3.978  0.720   10.577  1.00 2.27 ? 46 PHE B C    1 
ATOM   673  O O    . PHE B 2 2  ? -4.610  -0.303  10.748  1.00 2.44 ? 46 PHE B O    1 
ATOM   674  C CB   . PHE B 2 2  ? -1.945  -0.716  10.298  1.00 3.95 ? 46 PHE B CB   1 
ATOM   675  C CG   . PHE B 2 2  ? -1.305  -1.369  11.524  1.00 4.57 ? 46 PHE B CG   1 
ATOM   676  C CD1  . PHE B 2 2  ? -2.095  -1.903  12.526  1.00 5.01 ? 46 PHE B CD1  1 
ATOM   677  C CD2  . PHE B 2 2  ? 0.070   -1.433  11.648  1.00 5.16 ? 46 PHE B CD2  1 
ATOM   678  C CE1  . PHE B 2 2  ? -1.519  -2.491  13.633  1.00 5.87 ? 46 PHE B CE1  1 
ATOM   679  C CE2  . PHE B 2 2  ? 0.646   -2.021  12.755  1.00 6.02 ? 46 PHE B CE2  1 
ATOM   680  C CZ   . PHE B 2 2  ? -0.148  -2.549  13.748  1.00 6.31 ? 46 PHE B CZ   1 
ATOM   681  H H    . PHE B 2 2  ? -2.064  0.242   12.742  1.00 3.94 ? 46 PHE B H    1 
ATOM   682  H HA   . PHE B 2 2  ? -2.021  1.445   10.032  1.00 3.68 ? 46 PHE B HA   1 
ATOM   683  H HB2  . PHE B 2 2  ? -2.772  -1.321  9.956   1.00 4.38 ? 46 PHE B HB2  1 
ATOM   684  H HB3  . PHE B 2 2  ? -1.209  -0.634  9.511   1.00 4.11 ? 46 PHE B HB3  1 
ATOM   685  H HD1  . PHE B 2 2  ? -3.171  -1.859  12.441  1.00 4.96 ? 46 PHE B HD1  1 
ATOM   686  H HD2  . PHE B 2 2  ? 0.698   -1.020  10.872  1.00 5.23 ? 46 PHE B HD2  1 
ATOM   687  H HE1  . PHE B 2 2  ? -2.144  -2.905  14.410  1.00 6.42 ? 46 PHE B HE1  1 
ATOM   688  H HE2  . PHE B 2 2  ? 1.721   -2.066  12.844  1.00 6.67 ? 46 PHE B HE2  1 
ATOM   689  H HZ   . PHE B 2 2  ? 0.302   -3.009  14.614  1.00 7.11 ? 46 PHE B HZ   1 
ATOM   690  N N    . ARG B 2 3  ? -4.523  1.875   10.311  1.00 1.79 ? 47 ARG B N    1 
ATOM   691  C CA   . ARG B 2 3  ? -6.002  1.978   10.208  1.00 1.28 ? 47 ARG B CA   1 
ATOM   692  C C    . ARG B 2 3  ? -6.419  2.001   8.739   1.00 1.05 ? 47 ARG B C    1 
ATOM   693  O O    . ARG B 2 3  ? -5.563  1.988   7.877   1.00 1.09 ? 47 ARG B O    1 
ATOM   694  C CB   . ARG B 2 3  ? -6.420  3.288   10.889  1.00 1.89 ? 47 ARG B CB   1 
ATOM   695  C CG   . ARG B 2 3  ? -6.419  3.051   12.400  1.00 2.46 ? 47 ARG B CG   1 
ATOM   696  C CD   . ARG B 2 3  ? -7.330  1.857   12.690  1.00 3.29 ? 47 ARG B CD   1 
ATOM   697  N NE   . ARG B 2 3  ? -8.673  2.150   12.118  1.00 3.86 ? 47 ARG B NE   1 
ATOM   698  C CZ   . ARG B 2 3  ? -9.247  3.292   12.382  1.00 4.20 ? 47 ARG B CZ   1 
ATOM   699  N NH1  . ARG B 2 3  ? -9.312  3.693   13.623  1.00 4.73 ? 47 ARG B NH1  1 
ATOM   700  N NH2  . ARG B 2 3  ? -9.735  3.997   11.399  1.00 4.47 ? 47 ARG B NH2  1 
ATOM   701  H H    . ARG B 2 3  ? -3.962  2.669   10.182  1.00 2.23 ? 47 ARG B H    1 
ATOM   702  H HA   . ARG B 2 3  ? -6.434  1.116   10.705  1.00 1.56 ? 47 ARG B HA   1 
ATOM   703  H HB2  . ARG B 2 3  ? -5.718  4.070   10.638  1.00 2.32 ? 47 ARG B HB2  1 
ATOM   704  H HB3  . ARG B 2 3  ? -7.412  3.567   10.567  1.00 2.28 ? 47 ARG B HB3  1 
ATOM   705  H HG2  . ARG B 2 3  ? -5.414  2.838   12.735  1.00 2.74 ? 47 ARG B HG2  1 
ATOM   706  H HG3  . ARG B 2 3  ? -6.798  3.925   12.907  1.00 2.72 ? 47 ARG B HG3  1 
ATOM   707  H HD2  . ARG B 2 3  ? -6.945  0.964   12.219  1.00 3.77 ? 47 ARG B HD2  1 
ATOM   708  H HD3  . ARG B 2 3  ? -7.434  1.709   13.755  1.00 3.56 ? 47 ARG B HD3  1 
ATOM   709  H HE   . ARG B 2 3  ? -9.123  1.492   11.547  1.00 4.30 ? 47 ARG B HE   1 
ATOM   710  H HH11 . ARG B 2 3  ? -8.927  3.127   14.352  1.00 4.90 ? 47 ARG B HH11 1 
ATOM   711  H HH12 . ARG B 2 3  ? -9.747  4.565   13.845  1.00 5.23 ? 47 ARG B HH12 1 
ATOM   712  H HH21 . ARG B 2 3  ? -9.666  3.659   10.459  1.00 4.45 ? 47 ARG B HH21 1 
ATOM   713  H HH22 . ARG B 2 3  ? -10.178 4.875   11.584  1.00 4.99 ? 47 ARG B HH22 1 
ATOM   714  N N    . CYS B 2 4  ? -7.700  2.035   8.491   1.00 0.94 ? 48 CYS B N    1 
ATOM   715  C CA   . CYS B 2 4  ? -8.170  2.058   7.081   1.00 0.89 ? 48 CYS B CA   1 
ATOM   716  C C    . CYS B 2 4  ? -7.837  3.406   6.445   1.00 0.87 ? 48 CYS B C    1 
ATOM   717  O O    . CYS B 2 4  ? -8.195  3.631   5.306   1.00 1.10 ? 48 CYS B O    1 
ATOM   718  C CB   . CYS B 2 4  ? -9.687  1.852   7.100   1.00 0.98 ? 48 CYS B CB   1 
ATOM   719  S SG   . CYS B 2 4  ? -10.261 0.181   7.494   1.00 1.01 ? 48 CYS B SG   1 
ATOM   720  H H    . CYS B 2 4  ? -8.346  2.044   9.228   1.00 1.01 ? 48 CYS B H    1 
ATOM   721  H HA   . CYS B 2 4  ? -7.667  1.259   6.546   1.00 0.99 ? 48 CYS B HA   1 
ATOM   722  H HB2  . CYS B 2 4  ? -10.120 2.506   7.838   1.00 1.13 ? 48 CYS B HB2  1 
ATOM   723  H HB3  . CYS B 2 4  ? -10.087 2.115   6.129   1.00 1.16 ? 48 CYS B HB3  1 
ATOM   724  N N    . ASN B 2 5  ? -7.171  4.255   7.179   1.00 0.82 ? 49 ASN B N    1 
ATOM   725  C CA   . ASN B 2 5  ? -6.817  5.585   6.617   1.00 0.92 ? 49 ASN B CA   1 
ATOM   726  C C    . ASN B 2 5  ? -5.304  5.687   6.440   1.00 0.95 ? 49 ASN B C    1 
ATOM   727  O O    . ASN B 2 5  ? -4.804  6.770   6.210   1.00 1.08 ? 49 ASN B O    1 
ATOM   728  C CB   . ASN B 2 5  ? -7.297  6.646   7.614   1.00 1.05 ? 49 ASN B CB   1 
ATOM   729  C CG   . ASN B 2 5  ? -6.544  6.481   8.936   1.00 1.12 ? 49 ASN B CG   1 
ATOM   730  O OD1  . ASN B 2 5  ? -5.720  5.596   9.055   1.00 1.67 ? 49 ASN B OD1  1 
ATOM   731  N ND2  . ASN B 2 5  ? -6.791  7.291   9.928   1.00 1.60 ? 49 ASN B ND2  1 
ATOM   732  H H    . ASN B 2 5  ? -6.907  4.018   8.092   1.00 0.90 ? 49 ASN B H    1 
ATOM   733  H HA   . ASN B 2 5  ? -7.313  5.688   5.658   1.00 1.00 ? 49 ASN B HA   1 
ATOM   734  H HB2  . ASN B 2 5  ? -7.107  7.630   7.210   1.00 1.22 ? 49 ASN B HB2  1 
ATOM   735  H HB3  . ASN B 2 5  ? -8.356  6.525   7.788   1.00 1.14 ? 49 ASN B HB3  1 
ATOM   736  H HD21 . ASN B 2 5  ? -7.457  8.004   9.826   1.00 2.20 ? 49 ASN B HD21 1 
ATOM   737  H HD22 . ASN B 2 5  ? -6.311  7.188   10.776  1.00 1.76 ? 49 ASN B HD22 1 
ATOM   738  N N    . ARG B 2 6  ? -4.622  4.580   6.549   1.00 0.94 ? 50 ARG B N    1 
ATOM   739  C CA   . ARG B 2 6  ? -3.145  4.616   6.386   1.00 1.04 ? 50 ARG B CA   1 
ATOM   740  C C    . ARG B 2 6  ? -2.679  3.401   5.590   1.00 0.91 ? 50 ARG B C    1 
ATOM   741  O O    . ARG B 2 6  ? -2.866  2.287   6.039   1.00 1.03 ? 50 ARG B O    1 
ATOM   742  C CB   . ARG B 2 6  ? -2.529  4.587   7.791   1.00 1.30 ? 50 ARG B CB   1 
ATOM   743  C CG   . ARG B 2 6  ? -2.862  5.913   8.477   1.00 1.50 ? 50 ARG B CG   1 
ATOM   744  C CD   . ARG B 2 6  ? -2.418  5.809   9.937   1.00 1.78 ? 50 ARG B CD   1 
ATOM   745  N NE   . ARG B 2 6  ? -0.935  5.673   9.960   1.00 1.82 ? 50 ARG B NE   1 
ATOM   746  C CZ   . ARG B 2 6  ? -0.195  6.740   10.096  1.00 2.34 ? 50 ARG B CZ   1 
ATOM   747  N NH1  . ARG B 2 6  ? -0.747  7.913   9.940   1.00 3.11 ? 50 ARG B NH1  1 
ATOM   748  N NH2  . ARG B 2 6  ? 1.069   6.598   10.382  1.00 2.64 ? 50 ARG B NH2  1 
ATOM   749  H H    . ARG B 2 6  ? -5.078  3.734   6.735   1.00 0.94 ? 50 ARG B H    1 
ATOM   750  H HA   . ARG B 2 6  ? -2.887  5.529   5.860   1.00 1.10 ? 50 ARG B HA   1 
ATOM   751  H HB2  . ARG B 2 6  ? -2.948  3.766   8.356   1.00 1.38 ? 50 ARG B HB2  1 
ATOM   752  H HB3  . ARG B 2 6  ? -1.458  4.475   7.719   1.00 1.40 ? 50 ARG B HB3  1 
ATOM   753  H HG2  . ARG B 2 6  ? -2.334  6.720   7.988   1.00 1.54 ? 50 ARG B HG2  1 
ATOM   754  H HG3  . ARG B 2 6  ? -3.926  6.091   8.435   1.00 1.57 ? 50 ARG B HG3  1 
ATOM   755  H HD2  . ARG B 2 6  ? -2.688  6.702   10.480  1.00 2.17 ? 50 ARG B HD2  1 
ATOM   756  H HD3  . ARG B 2 6  ? -2.850  4.936   10.403  1.00 2.15 ? 50 ARG B HD3  1 
ATOM   757  H HE   . ARG B 2 6  ? -0.518  4.791   9.873   1.00 1.93 ? 50 ARG B HE   1 
ATOM   758  H HH11 . ARG B 2 6  ? -1.719  7.982   9.720   1.00 3.39 ? 50 ARG B HH11 1 
ATOM   759  H HH12 . ARG B 2 6  ? -0.195  8.741   10.041  1.00 3.67 ? 50 ARG B HH12 1 
ATOM   760  H HH21 . ARG B 2 6  ? 1.458   5.684   10.494  1.00 2.72 ? 50 ARG B HH21 1 
ATOM   761  H HH22 . ARG B 2 6  ? 1.651   7.405   10.490  1.00 3.16 ? 50 ARG B HH22 1 
ATOM   762  N N    . VAL B 2 7  ? -2.092  3.634   4.448   1.00 0.81 ? 51 VAL B N    1 
ATOM   763  C CA   . VAL B 2 7  ? -1.616  2.493   3.625   1.00 0.74 ? 51 VAL B CA   1 
ATOM   764  C C    . VAL B 2 7  ? -0.090  2.427   3.669   1.00 0.79 ? 51 VAL B C    1 
ATOM   765  O O    . VAL B 2 7  ? 0.556   3.410   3.367   1.00 0.93 ? 51 VAL B O    1 
ATOM   766  C CB   . VAL B 2 7  ? -2.086  2.736   2.190   1.00 0.64 ? 51 VAL B CB   1 
ATOM   767  C CG1  . VAL B 2 7  ? -2.081  1.387   1.458   1.00 0.69 ? 51 VAL B CG1  1 
ATOM   768  C CG2  . VAL B 2 7  ? -3.524  3.246   2.220   1.00 0.75 ? 51 VAL B CG2  1 
ATOM   769  H H    . VAL B 2 7  ? -1.968  4.555   4.136   1.00 0.89 ? 51 VAL B H    1 
ATOM   770  H HA   . VAL B 2 7  ? -2.041  1.582   4.034   1.00 0.80 ? 51 VAL B HA   1 
ATOM   771  H HB   . VAL B 2 7  ? -1.442  3.460   1.703   1.00 0.70 ? 51 VAL B HB   1 
ATOM   772  H HG11 . VAL B 2 7  ? -1.788  0.606   2.145   1.00 1.28 ? 51 VAL B HG11 1 
ATOM   773  H HG12 . VAL B 2 7  ? -3.071  1.180   1.079   1.00 1.17 ? 51 VAL B HG12 1 
ATOM   774  H HG13 . VAL B 2 7  ? -1.381  1.426   0.637   1.00 1.30 ? 51 VAL B HG13 1 
ATOM   775  H HG21 . VAL B 2 7  ? -4.141  2.551   2.769   1.00 1.26 ? 51 VAL B HG21 1 
ATOM   776  H HG22 . VAL B 2 7  ? -3.552  4.213   2.702   1.00 1.28 ? 51 VAL B HG22 1 
ATOM   777  H HG23 . VAL B 2 7  ? -3.894  3.337   1.210   1.00 1.15 ? 51 VAL B HG23 1 
ATOM   778  N N    . ARG B 2 8  ? 0.441   1.294   4.038   1.00 0.86 ? 52 ARG B N    1 
ATOM   779  C CA   . ARG B 2 8  ? 1.922   1.170   4.099   1.00 0.94 ? 52 ARG B CA   1 
ATOM   780  C C    . ARG B 2 8  ? 2.448   0.536   2.813   1.00 0.91 ? 52 ARG B C    1 
ATOM   781  O O    . ARG B 2 8  ? 1.852   -0.403  2.324   1.00 1.17 ? 52 ARG B O    1 
ATOM   782  C CB   . ARG B 2 8  ? 2.258   0.272   5.297   1.00 1.11 ? 52 ARG B CB   1 
ATOM   783  C CG   . ARG B 2 8  ? 1.394   0.720   6.477   1.00 1.22 ? 52 ARG B CG   1 
ATOM   784  C CD   . ARG B 2 8  ? 2.079   0.254   7.764   1.00 1.36 ? 52 ARG B CD   1 
ATOM   785  N NE   . ARG B 2 8  ? 1.364   0.868   8.918   1.00 1.46 ? 52 ARG B NE   1 
ATOM   786  C CZ   . ARG B 2 8  ? 1.706   2.061   9.323   1.00 1.61 ? 52 ARG B CZ   1 
ATOM   787  N NH1  . ARG B 2 8  ? 1.715   3.041   8.460   1.00 2.27 ? 52 ARG B NH1  1 
ATOM   788  N NH2  . ARG B 2 8  ? 2.026   2.234   10.575  1.00 1.89 ? 52 ARG B NH2  1 
ATOM   789  H H    . ARG B 2 8  ? -0.129  0.532   4.271   1.00 0.96 ? 52 ARG B H    1 
ATOM   790  H HA   . ARG B 2 8  ? 2.337   2.165   4.221   1.00 0.95 ? 52 ARG B HA   1 
ATOM   791  H HB2  . ARG B 2 8  ? 2.042   -0.758  5.053   1.00 1.19 ? 52 ARG B HB2  1 
ATOM   792  H HB3  . ARG B 2 8  ? 3.301   0.379   5.552   1.00 1.18 ? 52 ARG B HB3  1 
ATOM   793  H HG2  . ARG B 2 8  ? 1.304   1.797   6.478   1.00 1.29 ? 52 ARG B HG2  1 
ATOM   794  H HG3  . ARG B 2 8  ? 0.415   0.271   6.407   1.00 1.33 ? 52 ARG B HG3  1 
ATOM   795  H HD2  . ARG B 2 8  ? 2.020   -0.820  7.858   1.00 1.47 ? 52 ARG B HD2  1 
ATOM   796  H HD3  . ARG B 2 8  ? 3.109   0.580   7.784   1.00 1.48 ? 52 ARG B HD3  1 
ATOM   797  H HE   . ARG B 2 8  ? 0.643   0.381   9.369   1.00 1.61 ? 52 ARG B HE   1 
ATOM   798  H HH11 . ARG B 2 8  ? 1.463   2.871   7.508   1.00 2.81 ? 52 ARG B HH11 1 
ATOM   799  H HH12 . ARG B 2 8  ? 1.976   3.961   8.752   1.00 2.54 ? 52 ARG B HH12 1 
ATOM   800  H HH21 . ARG B 2 8  ? 2.007   1.459   11.209  1.00 2.30 ? 52 ARG B HH21 1 
ATOM   801  H HH22 . ARG B 2 8  ? 2.292   3.141   10.904  1.00 2.16 ? 52 ARG B HH22 1 
ATOM   802  N N    . ILE B 2 9  ? 3.534   1.053   2.305   1.00 0.88 ? 53 ILE B N    1 
ATOM   803  C CA   . ILE B 2 9  ? 4.101   0.482   1.055   1.00 0.85 ? 53 ILE B CA   1 
ATOM   804  C C    . ILE B 2 9  ? 5.559   0.089   1.280   1.00 0.87 ? 53 ILE B C    1 
ATOM   805  O O    . ILE B 2 9  ? 6.354   0.933   1.644   1.00 0.93 ? 53 ILE B O    1 
ATOM   806  C CB   . ILE B 2 9  ? 4.015   1.566   -0.022  1.00 0.85 ? 53 ILE B CB   1 
ATOM   807  C CG1  . ILE B 2 9  ? 2.559   1.996   -0.179  1.00 1.02 ? 53 ILE B CG1  1 
ATOM   808  C CG2  . ILE B 2 9  ? 4.469   0.946   -1.350  1.00 0.88 ? 53 ILE B CG2  1 
ATOM   809  C CD1  . ILE B 2 9  ? 2.548   3.412   -0.757  1.00 1.09 ? 53 ILE B CD1  1 
ATOM   810  H H    . ILE B 2 9  ? 3.973   1.810   2.745   1.00 1.06 ? 53 ILE B H    1 
ATOM   811  H HA   . ILE B 2 9  ? 3.515   -0.391  0.787   1.00 0.89 ? 53 ILE B HA   1 
ATOM   812  H HB   . ILE B 2 9  ? 4.628   2.417   0.254   1.00 0.85 ? 53 ILE B HB   1 
ATOM   813  H HG12 . ILE B 2 9  ? 2.051   1.320   -0.852  1.00 1.19 ? 53 ILE B HG12 1 
ATOM   814  H HG13 . ILE B 2 9  ? 2.071   1.994   0.782   1.00 1.09 ? 53 ILE B HG13 1 
ATOM   815  H HG21 . ILE B 2 9  ? 4.798   -0.068  -1.181  1.00 1.56 ? 53 ILE B HG21 1 
ATOM   816  H HG22 . ILE B 2 9  ? 3.643   0.945   -2.047  1.00 1.18 ? 53 ILE B HG22 1 
ATOM   817  H HG23 . ILE B 2 9  ? 5.283   1.527   -1.758  1.00 1.31 ? 53 ILE B HG23 1 
ATOM   818  H HD11 . ILE B 2 9  ? 3.551   3.692   -1.044  1.00 1.48 ? 53 ILE B HD11 1 
ATOM   819  H HD12 . ILE B 2 9  ? 1.904   3.443   -1.623  1.00 1.43 ? 53 ILE B HD12 1 
ATOM   820  H HD13 . ILE B 2 9  ? 2.183   4.102   -0.012  1.00 1.60 ? 53 ILE B HD13 1 
ATOM   821  N N    . TRP B 2 10 ? 5.875   -1.159  1.063   1.00 0.89 ? 54 TRP B N    1 
ATOM   822  C CA   . TRP B 2 10 ? 7.279   -1.602  1.266   1.00 0.97 ? 54 TRP B CA   1 
ATOM   823  C C    . TRP B 2 10 ? 8.044   -1.549  -0.054  1.00 0.90 ? 54 TRP B C    1 
ATOM   824  O O    . TRP B 2 10 ? 7.438   -1.679  -1.100  1.00 0.87 ? 54 TRP B O    1 
ATOM   825  C CB   . TRP B 2 10 ? 7.237   -3.045  1.782   1.00 1.11 ? 54 TRP B CB   1 
ATOM   826  C CG   . TRP B 2 10 ? 6.409   -3.106  3.066   1.00 1.12 ? 54 TRP B CG   1 
ATOM   827  C CD1  . TRP B 2 10 ? 5.069   -3.210  3.120   1.00 1.38 ? 54 TRP B CD1  1 
ATOM   828  C CD2  . TRP B 2 10 ? 6.911   -3.075  4.295   1.00 0.99 ? 54 TRP B CD2  1 
ATOM   829  N NE1  . TRP B 2 10 ? 4.810   -3.239  4.429   1.00 1.33 ? 54 TRP B NE1  1 
ATOM   830  C CE2  . TRP B 2 10 ? 5.903   -3.161  5.234   1.00 1.11 ? 54 TRP B CE2  1 
ATOM   831  C CE3  . TRP B 2 10 ? 8.226   -2.976  4.699   1.00 0.90 ? 54 TRP B CE3  1 
ATOM   832  C CZ2  . TRP B 2 10 ? 6.212   -3.148  6.579   1.00 1.09 ? 54 TRP B CZ2  1 
ATOM   833  C CZ3  . TRP B 2 10 ? 8.535   -2.964  6.042   1.00 1.00 ? 54 TRP B CZ3  1 
ATOM   834  C CH2  . TRP B 2 10 ? 7.530   -3.050  6.982   1.00 1.06 ? 54 TRP B CH2  1 
ATOM   835  H H    . TRP B 2 10 ? 5.193   -1.798  0.770   1.00 0.90 ? 54 TRP B H    1 
ATOM   836  H HA   . TRP B 2 10 ? 7.740   -0.937  1.989   1.00 1.01 ? 54 TRP B HA   1 
ATOM   837  H HB2  . TRP B 2 10 ? 6.789   -3.682  1.033   1.00 1.16 ? 54 TRP B HB2  1 
ATOM   838  H HB3  . TRP B 2 10 ? 8.240   -3.383  1.988   1.00 1.21 ? 54 TRP B HB3  1 
ATOM   839  H HD1  . TRP B 2 10 ? 4.369   -3.256  2.299   1.00 1.61 ? 54 TRP B HD1  1 
ATOM   840  H HE1  . TRP B 2 10 ? 3.901   -3.313  4.784   1.00 1.50 ? 54 TRP B HE1  1 
ATOM   841  H HE3  . TRP B 2 10 ? 9.010   -2.904  3.962   1.00 0.87 ? 54 TRP B HE3  1 
ATOM   842  H HZ2  . TRP B 2 10 ? 5.425   -3.214  7.315   1.00 1.20 ? 54 TRP B HZ2  1 
ATOM   843  H HZ3  . TRP B 2 10 ? 9.565   -2.887  6.358   1.00 1.12 ? 54 TRP B HZ3  1 
ATOM   844  H HH2  . TRP B 2 10 ? 7.773   -3.042  8.033   1.00 1.18 ? 54 TRP B HH2  1 
ATOM   845  N N    . VAL B 2 11 ? 9.333   -1.363  0.021   1.00 0.93 ? 55 VAL B N    1 
ATOM   846  C CA   . VAL B 2 11 ? 10.137  -1.303  -1.227  1.00 0.91 ? 55 VAL B CA   1 
ATOM   847  C C    . VAL B 2 11 ? 11.387  -2.169  -1.082  1.00 1.00 ? 55 VAL B C    1 
ATOM   848  O O    . VAL B 2 11 ? 12.149  -1.963  -0.160  1.00 1.12 ? 55 VAL B O    1 
ATOM   849  C CB   . VAL B 2 11 ? 10.540  0.157   -1.443  1.00 0.95 ? 55 VAL B CB   1 
ATOM   850  C CG1  . VAL B 2 11 ? 9.276   1.017   -1.322  1.00 0.94 ? 55 VAL B CG1  1 
ATOM   851  C CG2  . VAL B 2 11 ? 11.499  0.577   -0.332  1.00 1.09 ? 55 VAL B CG2  1 
ATOM   852  H H    . VAL B 2 11 ? 9.767   -1.262  0.894   1.00 1.01 ? 55 VAL B H    1 
ATOM   853  H HA   . VAL B 2 11 ? 9.522   -1.669  -2.042  1.00 0.87 ? 55 VAL B HA   1 
ATOM   854  H HB   . VAL B 2 11 ? 11.016  0.275   -2.412  1.00 1.03 ? 55 VAL B HB   1 
ATOM   855  H HG11 . VAL B 2 11 ? 8.403   0.384   -1.384  1.00 1.32 ? 55 VAL B HG11 1 
ATOM   856  H HG12 . VAL B 2 11 ? 9.280   1.533   -0.373  1.00 1.41 ? 55 VAL B HG12 1 
ATOM   857  H HG13 . VAL B 2 11 ? 9.254   1.740   -2.124  1.00 1.36 ? 55 VAL B HG13 1 
ATOM   858  H HG21 . VAL B 2 11 ? 11.037  0.398   0.628   1.00 1.57 ? 55 VAL B HG21 1 
ATOM   859  H HG22 . VAL B 2 11 ? 12.410  0.001   -0.406  1.00 1.59 ? 55 VAL B HG22 1 
ATOM   860  H HG23 . VAL B 2 11 ? 11.727  1.627   -0.431  1.00 1.33 ? 55 VAL B HG23 1 
ATOM   861  N N    . ASN B 2 12 ? 11.563  -3.101  -1.978  1.00 1.01 ? 56 ASN B N    1 
ATOM   862  C CA   . ASN B 2 12 ? 12.760  -3.979  -1.891  1.00 1.15 ? 56 ASN B CA   1 
ATOM   863  C C    . ASN B 2 12 ? 13.923  -3.352  -2.657  1.00 1.19 ? 56 ASN B C    1 
ATOM   864  O O    . ASN B 2 12 ? 13.755  -2.995  -3.807  1.00 1.14 ? 56 ASN B O    1 
ATOM   865  C CB   . ASN B 2 12 ? 12.388  -5.327  -2.521  1.00 1.21 ? 56 ASN B CB   1 
ATOM   866  C CG   . ASN B 2 12 ? 11.661  -5.089  -3.845  1.00 1.17 ? 56 ASN B CG   1 
ATOM   867  O OD1  . ASN B 2 12 ? 12.259  -4.604  -4.784  1.00 1.64 ? 56 ASN B OD1  1 
ATOM   868  N ND2  . ASN B 2 12 ? 10.401  -5.411  -3.959  1.00 1.39 ? 56 ASN B ND2  1 
ATOM   869  H H    . ASN B 2 12 ? 10.913  -3.222  -2.702  1.00 0.99 ? 56 ASN B H    1 
ATOM   870  H HA   . ASN B 2 12 ? 13.021  -4.089  -0.843  1.00 1.28 ? 56 ASN B HA   1 
ATOM   871  H HB2  . ASN B 2 12 ? 13.287  -5.900  -2.699  1.00 1.28 ? 56 ASN B HB2  1 
ATOM   872  H HB3  . ASN B 2 12 ? 11.742  -5.871  -1.850  1.00 1.31 ? 56 ASN B HB3  1 
ATOM   873  H HD21 . ASN B 2 12 ? 9.924   -5.803  -3.197  1.00 1.90 ? 56 ASN B HD21 1 
ATOM   874  H HD22 . ASN B 2 12 ? 9.932   -5.261  -4.806  1.00 1.45 ? 56 ASN B HD22 1 
ATOM   875  N N    . LYS B 2 13 ? 15.053  -3.236  -2.015  1.00 1.41 ? 57 LYS B N    1 
ATOM   876  C CA   . LYS B 2 13 ? 16.225  -2.634  -2.703  1.00 1.54 ? 57 LYS B CA   1 
ATOM   877  C C    . LYS B 2 13 ? 16.358  -3.216  -4.107  1.00 1.36 ? 57 LYS B C    1 
ATOM   878  O O    . LYS B 2 13 ? 16.967  -2.593  -4.954  1.00 1.52 ? 57 LYS B O    1 
ATOM   879  C CB   . LYS B 2 13 ? 17.469  -2.981  -1.875  1.00 1.85 ? 57 LYS B CB   1 
ATOM   880  C CG   . LYS B 2 13 ? 18.658  -3.078  -2.831  1.00 2.19 ? 57 LYS B CG   1 
ATOM   881  C CD   . LYS B 2 13 ? 19.878  -3.520  -2.022  1.00 2.61 ? 57 LYS B CD   1 
ATOM   882  C CE   . LYS B 2 13 ? 20.925  -2.409  -2.106  1.00 3.20 ? 57 LYS B CE   1 
ATOM   883  N NZ   . LYS B 2 13 ? 21.317  -1.984  -0.733  1.00 3.89 ? 57 LYS B NZ   1 
ATOM   884  H H    . LYS B 2 13 ? 15.128  -3.542  -1.087  1.00 1.56 ? 57 LYS B H    1 
ATOM   885  H HA   . LYS B 2 13 ? 16.070  -1.561  -2.755  1.00 1.65 ? 57 LYS B HA   1 
ATOM   886  H HB2  . LYS B 2 13 ? 17.647  -2.207  -1.142  1.00 2.14 ? 57 LYS B HB2  1 
ATOM   887  H HB3  . LYS B 2 13 ? 17.326  -3.929  -1.379  1.00 1.95 ? 57 LYS B HB3  1 
ATOM   888  H HG2  . LYS B 2 13 ? 18.447  -3.803  -3.605  1.00 2.48 ? 57 LYS B HG2  1 
ATOM   889  H HG3  . LYS B 2 13 ? 18.849  -2.113  -3.276  1.00 2.48 ? 57 LYS B HG3  1 
ATOM   890  H HD2  . LYS B 2 13 ? 19.593  -3.680  -0.991  1.00 2.96 ? 57 LYS B HD2  1 
ATOM   891  H HD3  . LYS B 2 13 ? 20.282  -4.430  -2.436  1.00 2.91 ? 57 LYS B HD3  1 
ATOM   892  H HE2  . LYS B 2 13 ? 21.809  -2.767  -2.613  1.00 3.47 ? 57 LYS B HE2  1 
ATOM   893  H HE3  . LYS B 2 13 ? 20.520  -1.552  -2.622  1.00 3.56 ? 57 LYS B HE3  1 
ATOM   894  H HZ1  . LYS B 2 13 ? 20.467  -1.701  -0.203  1.00 4.26 ? 57 LYS B HZ1  1 
ATOM   895  H HZ2  . LYS B 2 13 ? 21.782  -2.775  -0.245  1.00 4.15 ? 57 LYS B HZ2  1 
ATOM   896  H HZ3  . LYS B 2 13 ? 21.972  -1.179  -0.793  1.00 4.22 ? 57 LYS B HZ3  1 
ATOM   897  N N    . ARG B 2 14 ? 15.796  -4.374  -4.322  1.00 1.32 ? 58 ARG B N    1 
ATOM   898  C CA   . ARG B 2 14 ? 15.891  -4.993  -5.670  1.00 1.36 ? 58 ARG B CA   1 
ATOM   899  C C    . ARG B 2 14 ? 15.434  -3.994  -6.730  1.00 1.36 ? 58 ARG B C    1 
ATOM   900  O O    . ARG B 2 14 ? 15.611  -4.249  -7.905  1.00 1.56 ? 58 ARG B O    1 
ATOM   901  C CB   . ARG B 2 14 ? 14.971  -6.220  -5.678  1.00 1.75 ? 58 ARG B CB   1 
ATOM   902  C CG   . ARG B 2 14 ? 15.676  -7.341  -4.911  1.00 2.17 ? 58 ARG B CG   1 
ATOM   903  C CD   . ARG B 2 14 ? 14.753  -8.561  -4.908  1.00 2.44 ? 58 ARG B CD   1 
ATOM   904  N NE   . ARG B 2 14 ? 13.409  -8.125  -4.438  1.00 2.98 ? 58 ARG B NE   1 
ATOM   905  C CZ   . ARG B 2 14 ? 12.418  -8.974  -4.451  1.00 3.65 ? 58 ARG B CZ   1 
ATOM   906  N NH1  . ARG B 2 14 ? 12.681  -10.252 -4.402  1.00 4.39 ? 58 ARG B NH1  1 
ATOM   907  N NH2  . ARG B 2 14 ? 11.197  -8.519  -4.514  1.00 4.02 ? 58 ARG B NH2  1 
ATOM   908  H H    . ARG B 2 14 ? 15.317  -4.832  -3.600  1.00 1.47 ? 58 ARG B H    1 
ATOM   909  H HA   . ARG B 2 14 ? 16.925  -5.271  -5.840  1.00 1.44 ? 58 ARG B HA   1 
ATOM   910  H HB2  . ARG B 2 14 ? 14.034  -5.976  -5.196  1.00 1.77 ? 58 ARG B HB2  1 
ATOM   911  H HB3  . ARG B 2 14 ? 14.789  -6.534  -6.694  1.00 1.98 ? 58 ARG B HB3  1 
ATOM   912  H HG2  . ARG B 2 14 ? 16.609  -7.586  -5.399  1.00 2.50 ? 58 ARG B HG2  1 
ATOM   913  H HG3  . ARG B 2 14 ? 15.863  -7.028  -3.895  1.00 2.60 ? 58 ARG B HG3  1 
ATOM   914  H HD2  . ARG B 2 14 ? 14.654  -8.962  -5.906  1.00 2.79 ? 58 ARG B HD2  1 
ATOM   915  H HD3  . ARG B 2 14 ? 15.126  -9.316  -4.232  1.00 2.79 ? 58 ARG B HD3  1 
ATOM   916  H HE   . ARG B 2 14 ? 13.269  -7.209  -4.122  1.00 3.25 ? 58 ARG B HE   1 
ATOM   917  H HH11 . ARG B 2 14 ? 13.630  -10.565 -4.354  1.00 4.52 ? 58 ARG B HH11 1 
ATOM   918  H HH12 . ARG B 2 14 ? 11.934  -10.917 -4.409  1.00 5.06 ? 58 ARG B HH12 1 
ATOM   919  H HH21 . ARG B 2 14 ? 11.032  -7.532  -4.551  1.00 3.89 ? 58 ARG B HH21 1 
ATOM   920  H HH22 . ARG B 2 14 ? 10.425  -9.154  -4.524  1.00 4.73 ? 58 ARG B HH22 1 
ATOM   921  N N    . GLY B 2 15 ? 14.868  -2.898  -6.301  1.00 1.42 ? 59 GLY B N    1 
ATOM   922  C CA   . GLY B 2 15 ? 14.399  -1.882  -7.286  1.00 1.89 ? 59 GLY B CA   1 
ATOM   923  C C    . GLY B 2 15 ? 12.905  -2.081  -7.544  1.00 1.37 ? 59 GLY B C    1 
ATOM   924  O O    . GLY B 2 15 ? 12.455  -1.844  -8.647  1.00 1.35 ? 59 GLY B O    1 
ATOM   925  H H    . GLY B 2 15 ? 14.752  -2.746  -5.341  1.00 1.29 ? 59 GLY B H    1 
ATOM   926  H HA2  . GLY B 2 15 ? 14.581  -0.902  -6.872  1.00 2.53 ? 59 GLY B HA2  1 
ATOM   927  H HA3  . GLY B 2 15 ? 14.958  -2.013  -8.200  1.00 2.40 ? 59 GLY B HA3  1 
ATOM   928  N N    . LEU B 2 16 ? 12.184  -2.504  -6.542  1.00 1.11 ? 60 LEU B N    1 
ATOM   929  C CA   . LEU B 2 16 ? 10.725  -2.715  -6.732  1.00 0.85 ? 60 LEU B CA   1 
ATOM   930  C C    . LEU B 2 16 ? 9.960   -2.201  -5.514  1.00 0.79 ? 60 LEU B C    1 
ATOM   931  O O    . LEU B 2 16 ? 10.543  -2.070  -4.456  1.00 0.86 ? 60 LEU B O    1 
ATOM   932  C CB   . LEU B 2 16 ? 10.499  -4.224  -6.891  1.00 1.08 ? 60 LEU B CB   1 
ATOM   933  C CG   . LEU B 2 16 ? 11.181  -4.666  -8.182  1.00 1.16 ? 60 LEU B CG   1 
ATOM   934  C CD1  . LEU B 2 16 ? 11.033  -6.190  -8.294  1.00 1.64 ? 60 LEU B CD1  1 
ATOM   935  C CD2  . LEU B 2 16 ? 10.453  -4.038  -9.367  1.00 1.63 ? 60 LEU B CD2  1 
ATOM   936  H H    . LEU B 2 16 ? 12.601  -2.680  -5.671  1.00 1.25 ? 60 LEU B H    1 
ATOM   937  H HA   . LEU B 2 16 ? 10.421  -2.173  -7.620  1.00 0.95 ? 60 LEU B HA   1 
ATOM   938  H HB2  . LEU B 2 16 ? 10.928  -4.749  -6.049  1.00 1.32 ? 60 LEU B HB2  1 
ATOM   939  H HB3  . LEU B 2 16 ? 9.441   -4.431  -6.950  1.00 1.24 ? 60 LEU B HB3  1 
ATOM   940  H HG   . LEU B 2 16 ? 12.222  -4.363  -8.178  1.00 1.25 ? 60 LEU B HG   1 
ATOM   941  H HD11 . LEU B 2 16 ? 10.091  -6.493  -7.863  1.00 1.88 ? 60 LEU B HD11 1 
ATOM   942  H HD12 . LEU B 2 16 ? 11.062  -6.478  -9.334  1.00 2.11 ? 60 LEU B HD12 1 
ATOM   943  H HD13 . LEU B 2 16 ? 11.843  -6.670  -7.765  1.00 2.16 ? 60 LEU B HD13 1 
ATOM   944  H HD21 . LEU B 2 16 ? 9.615   -3.458  -9.009  1.00 2.13 ? 60 LEU B HD21 1 
ATOM   945  H HD22 . LEU B 2 16 ? 11.132  -3.394  -9.905  1.00 2.22 ? 60 LEU B HD22 1 
ATOM   946  H HD23 . LEU B 2 16 ? 10.098  -4.817  -10.026 1.00 1.76 ? 60 LEU B HD23 1 
ATOM   947  N N    . VAL B 2 17 ? 8.695   -1.925  -5.687  1.00 0.73 ? 61 VAL B N    1 
ATOM   948  C CA   . VAL B 2 17 ? 7.895   -1.421  -4.540  1.00 0.69 ? 61 VAL B CA   1 
ATOM   949  C C    . VAL B 2 17 ? 6.888   -2.482  -4.105  1.00 0.73 ? 61 VAL B C    1 
ATOM   950  O O    . VAL B 2 17 ? 5.869   -2.636  -4.749  1.00 0.88 ? 61 VAL B O    1 
ATOM   951  C CB   . VAL B 2 17 ? 7.157   -0.167  -5.015  1.00 0.67 ? 61 VAL B CB   1 
ATOM   952  C CG1  . VAL B 2 17 ? 6.106   0.188   -3.956  1.00 0.78 ? 61 VAL B CG1  1 
ATOM   953  C CG2  . VAL B 2 17 ? 8.147   0.990   -5.097  1.00 0.88 ? 61 VAL B CG2  1 
ATOM   954  H H    . VAL B 2 17 ? 8.278   -2.049  -6.565  1.00 0.78 ? 61 VAL B H    1 
ATOM   955  H HA   . VAL B 2 17 ? 8.576   -1.196  -3.728  1.00 0.72 ? 61 VAL B HA   1 
ATOM   956  H HB   . VAL B 2 17 ? 6.705   -0.344  -5.986  1.00 0.72 ? 61 VAL B HB   1 
ATOM   957  H HG11 . VAL B 2 17 ? 6.502   -0.018  -2.973  1.00 1.35 ? 61 VAL B HG11 1 
ATOM   958  H HG12 . VAL B 2 17 ? 5.858   1.236   -4.033  1.00 1.37 ? 61 VAL B HG12 1 
ATOM   959  H HG13 . VAL B 2 17 ? 5.217   -0.405  -4.117  1.00 1.20 ? 61 VAL B HG13 1 
ATOM   960  H HG21 . VAL B 2 17 ? 9.129   0.645   -4.811  1.00 1.25 ? 61 VAL B HG21 1 
ATOM   961  H HG22 . VAL B 2 17 ? 8.180   1.365   -6.110  1.00 1.28 ? 61 VAL B HG22 1 
ATOM   962  H HG23 . VAL B 2 17 ? 7.834   1.780   -4.431  1.00 1.51 ? 61 VAL B HG23 1 
ATOM   963  N N    . VAL B 2 18 ? 7.188   -3.177  -3.042  1.00 0.83 ? 62 VAL B N    1 
ATOM   964  C CA   . VAL B 2 18 ? 6.248   -4.227  -2.567  1.00 0.89 ? 62 VAL B CA   1 
ATOM   965  C C    . VAL B 2 18 ? 5.113   -3.590  -1.766  1.00 0.88 ? 62 VAL B C    1 
ATOM   966  O O    . VAL B 2 18 ? 5.201   -3.527  -0.556  1.00 0.97 ? 62 VAL B O    1 
ATOM   967  C CB   . VAL B 2 18 ? 7.042   -5.180  -1.674  1.00 1.00 ? 62 VAL B CB   1 
ATOM   968  C CG1  . VAL B 2 18 ? 7.779   -6.171  -2.585  1.00 1.09 ? 62 VAL B CG1  1 
ATOM   969  C CG2  . VAL B 2 18 ? 8.091   -4.383  -0.905  1.00 1.02 ? 62 VAL B CG2  1 
ATOM   970  H H    . VAL B 2 18 ? 8.025   -3.010  -2.560  1.00 0.99 ? 62 VAL B H    1 
ATOM   971  H HA   . VAL B 2 18 ? 5.849   -4.737  -3.437  1.00 0.92 ? 62 VAL B HA   1 
ATOM   972  H HB   . VAL B 2 18 ? 6.376   -5.689  -0.983  1.00 1.06 ? 62 VAL B HB   1 
ATOM   973  H HG11 . VAL B 2 18 ? 8.278   -5.630  -3.375  1.00 1.48 ? 62 VAL B HG11 1 
ATOM   974  H HG12 . VAL B 2 18 ? 8.510   -6.718  -2.005  1.00 1.44 ? 62 VAL B HG12 1 
ATOM   975  H HG13 . VAL B 2 18 ? 7.069   -6.863  -3.014  1.00 1.56 ? 62 VAL B HG13 1 
ATOM   976  H HG21 . VAL B 2 18 ? 8.109   -3.367  -1.269  1.00 1.24 ? 62 VAL B HG21 1 
ATOM   977  H HG22 . VAL B 2 18 ? 7.843   -4.384  0.147   1.00 1.51 ? 62 VAL B HG22 1 
ATOM   978  H HG23 . VAL B 2 18 ? 9.062   -4.834  -1.047  1.00 1.55 ? 62 VAL B HG23 1 
ATOM   979  N N    . SER B 2 19 ? 4.093   -3.142  -2.446  1.00 0.81 ? 63 SER B N    1 
ATOM   980  C CA   . SER B 2 19 ? 2.955   -2.512  -1.727  1.00 0.83 ? 63 SER B CA   1 
ATOM   981  C C    . SER B 2 19 ? 1.917   -3.573  -1.363  1.00 0.92 ? 63 SER B C    1 
ATOM   982  O O    . SER B 2 19 ? 1.424   -4.258  -2.237  1.00 0.98 ? 63 SER B O    1 
ATOM   983  C CB   . SER B 2 19 ? 2.331   -1.483  -2.677  1.00 0.80 ? 63 SER B CB   1 
ATOM   984  O OG   . SER B 2 19 ? 1.951   -0.426  -1.806  1.00 1.43 ? 63 SER B OG   1 
ATOM   985  H H    . SER B 2 19 ? 4.078   -3.220  -3.424  1.00 0.80 ? 63 SER B H    1 
ATOM   986  H HA   . SER B 2 19 ? 3.343   -2.039  -0.834  1.00 0.89 ? 63 SER B HA   1 
ATOM   987  H HB2  . SER B 2 19 ? 3.050   -1.113  -3.390  1.00 1.10 ? 63 SER B HB2  1 
ATOM   988  H HB3  . SER B 2 19 ? 1.454   -1.882  -3.169  1.00 1.11 ? 63 SER B HB3  1 
ATOM   989  H HG   . SER B 2 19 ? 0.992   -0.374  -1.803  1.00 1.83 ? 63 SER B HG   1 
ATOM   990  N N    . PRO B 2 20 ? 1.618   -3.679  -0.093  1.00 1.04 ? 64 PRO B N    1 
ATOM   991  C CA   . PRO B 2 20 ? 0.636   -4.658  0.399   1.00 1.15 ? 64 PRO B CA   1 
ATOM   992  C C    . PRO B 2 20 ? -0.710  -4.461  -0.303  1.00 0.95 ? 64 PRO B C    1 
ATOM   993  O O    . PRO B 2 20 ? -1.244  -3.370  -0.285  1.00 0.89 ? 64 PRO B O    1 
ATOM   994  C CB   . PRO B 2 20 ? 0.517   -4.342  1.902   1.00 1.33 ? 64 PRO B CB   1 
ATOM   995  C CG   . PRO B 2 20 ? 1.703   -3.411  2.263   1.00 1.44 ? 64 PRO B CG   1 
ATOM   996  C CD   . PRO B 2 20 ? 2.227   -2.828  0.943   1.00 1.19 ? 64 PRO B CD   1 
ATOM   997  H HA   . PRO B 2 20 ? 1.023   -5.653  0.230   1.00 1.33 ? 64 PRO B HA   1 
ATOM   998  H HB2  . PRO B 2 20 ? -0.422  -3.843  2.101   1.00 1.24 ? 64 PRO B HB2  1 
ATOM   999  H HB3  . PRO B 2 20 ? 0.583   -5.251  2.478   1.00 1.55 ? 64 PRO B HB3  1 
ATOM   1000 H HG2  . PRO B 2 20 ? 1.364   -2.616  2.912   1.00 1.52 ? 64 PRO B HG2  1 
ATOM   1001 H HG3  . PRO B 2 20 ? 2.485   -3.977  2.745   1.00 1.66 ? 64 PRO B HG3  1 
ATOM   1002 H HD2  . PRO B 2 20 ? 1.897   -1.810  0.803   1.00 1.11 ? 64 PRO B HD2  1 
ATOM   1003 H HD3  . PRO B 2 20 ? 3.303   -2.908  0.885   1.00 1.30 ? 64 PRO B HD3  1 
ATOM   1004 N N    . PRO B 2 21 ? -1.212  -5.516  -0.893  1.00 1.04 ? 65 PRO B N    1 
ATOM   1005 C CA   . PRO B 2 21 ? -2.499  -5.474  -1.605  1.00 1.02 ? 65 PRO B CA   1 
ATOM   1006 C C    . PRO B 2 21 ? -3.608  -4.982  -0.675  1.00 0.86 ? 65 PRO B C    1 
ATOM   1007 O O    . PRO B 2 21 ? -4.619  -4.510  -1.155  1.00 0.90 ? 65 PRO B O    1 
ATOM   1008 C CB   . PRO B 2 21 ? -2.742  -6.937  -2.021  1.00 1.35 ? 65 PRO B CB   1 
ATOM   1009 C CG   . PRO B 2 21 ? -1.403  -7.692  -1.817  1.00 1.57 ? 65 PRO B CG   1 
ATOM   1010 C CD   . PRO B 2 21 ? -0.543  -6.828  -0.886  1.00 1.36 ? 65 PRO B CD   1 
ATOM   1011 H HA   . PRO B 2 21 ? -2.399  -4.824  -2.465  1.00 1.05 ? 65 PRO B HA   1 
ATOM   1012 H HB2  . PRO B 2 21 ? -3.514  -7.373  -1.401  1.00 1.38 ? 65 PRO B HB2  1 
ATOM   1013 H HB3  . PRO B 2 21 ? -3.031  -6.984  -3.059  1.00 1.50 ? 65 PRO B HB3  1 
ATOM   1014 H HG2  . PRO B 2 21 ? -1.589  -8.657  -1.365  1.00 1.77 ? 65 PRO B HG2  1 
ATOM   1015 H HG3  . PRO B 2 21 ? -0.902  -7.818  -2.765  1.00 1.73 ? 65 PRO B HG3  1 
ATOM   1016 H HD2  . PRO B 2 21 ? -0.538  -7.217  0.120   1.00 1.43 ? 65 PRO B HD2  1 
ATOM   1017 H HD3  . PRO B 2 21 ? 0.458   -6.720  -1.275  1.00 1.45 ? 65 PRO B HD3  1 
ATOM   1018 N N    . ARG B 2 22 ? -3.399  -5.101  0.607   1.00 0.89 ? 66 ARG B N    1 
ATOM   1019 C CA   . ARG B 2 22 ? -4.442  -4.641  1.561   1.00 0.87 ? 66 ARG B CA   1 
ATOM   1020 C C    . ARG B 2 22 ? -3.911  -3.468  2.381   1.00 0.96 ? 66 ARG B C    1 
ATOM   1021 O O    . ARG B 2 22 ? -2.740  -3.159  2.287   1.00 1.18 ? 66 ARG B O    1 
ATOM   1022 C CB   . ARG B 2 22 ? -4.775  -5.816  2.489   1.00 1.04 ? 66 ARG B CB   1 
ATOM   1023 C CG   . ARG B 2 22 ? -4.412  -7.114  1.765   1.00 1.59 ? 66 ARG B CG   1 
ATOM   1024 C CD   . ARG B 2 22 ? -3.596  -7.977  2.728   1.00 2.18 ? 66 ARG B CD   1 
ATOM   1025 N NE   . ARG B 2 22 ? -4.469  -8.336  3.882   1.00 2.36 ? 66 ARG B NE   1 
ATOM   1026 C CZ   . ARG B 2 22 ? -4.342  -9.508  4.441   1.00 2.91 ? 66 ARG B CZ   1 
ATOM   1027 N NH1  . ARG B 2 22 ? -3.319  -10.253 4.121   1.00 3.34 ? 66 ARG B NH1  1 
ATOM   1028 N NH2  . ARG B 2 22 ? -5.241  -9.897  5.303   1.00 3.58 ? 66 ARG B NH2  1 
ATOM   1029 H H    . ARG B 2 22 ? -2.563  -5.492  0.939   1.00 1.06 ? 66 ARG B H    1 
ATOM   1030 H HA   . ARG B 2 22 ? -5.309  -4.332  0.986   1.00 0.91 ? 66 ARG B HA   1 
ATOM   1031 H HB2  . ARG B 2 22 ? -4.202  -5.733  3.403   1.00 1.20 ? 66 ARG B HB2  1 
ATOM   1032 H HB3  . ARG B 2 22 ? -5.830  -5.813  2.718   1.00 1.26 ? 66 ARG B HB3  1 
ATOM   1033 H HG2  . ARG B 2 22 ? -5.315  -7.636  1.478   1.00 1.88 ? 66 ARG B HG2  1 
ATOM   1034 H HG3  . ARG B 2 22 ? -3.822  -6.894  0.889   1.00 1.89 ? 66 ARG B HG3  1 
ATOM   1035 H HD2  . ARG B 2 22 ? -3.276  -8.888  2.245   1.00 2.73 ? 66 ARG B HD2  1 
ATOM   1036 H HD3  . ARG B 2 22 ? -2.744  -7.427  3.101   1.00 2.66 ? 66 ARG B HD3  1 
ATOM   1037 H HE   . ARG B 2 22 ? -5.132  -7.698  4.217   1.00 2.63 ? 66 ARG B HE   1 
ATOM   1038 H HH11 . ARG B 2 22 ? -2.649  -9.923  3.457   1.00 3.37 ? 66 ARG B HH11 1 
ATOM   1039 H HH12 . ARG B 2 22 ? -3.205  -11.154 4.541   1.00 3.99 ? 66 ARG B HH12 1 
ATOM   1040 H HH21 . ARG B 2 22 ? -6.013  -9.300  5.524   1.00 3.77 ? 66 ARG B HH21 1 
ATOM   1041 H HH22 . ARG B 2 22 ? -5.161  -10.791 5.742   1.00 4.20 ? 66 ARG B HH22 1 
ATOM   1042 N N    . ILE B 2 23 ? -4.766  -2.852  3.151   1.00 0.94 ? 67 ILE B N    1 
ATOM   1043 C CA   . ILE B 2 23 ? -4.309  -1.703  3.973   1.00 1.15 ? 67 ILE B CA   1 
ATOM   1044 C C    . ILE B 2 23 ? -3.640  -2.208  5.249   1.00 1.31 ? 67 ILE B C    1 
ATOM   1045 O O    . ILE B 2 23 ? -2.472  -2.540  5.216   1.00 1.75 ? 67 ILE B O    1 
ATOM   1046 C CB   . ILE B 2 23 ? -5.545  -0.875  4.327   1.00 1.19 ? 67 ILE B CB   1 
ATOM   1047 C CG1  . ILE B 2 23 ? -6.535  -0.941  3.167   1.00 1.09 ? 67 ILE B CG1  1 
ATOM   1048 C CG2  . ILE B 2 23 ? -5.105  0.586   4.485   1.00 1.70 ? 67 ILE B CG2  1 
ATOM   1049 C CD1  . ILE B 2 23 ? -7.463  0.270   3.271   1.00 1.18 ? 67 ILE B CD1  1 
ATOM   1050 H H    . ILE B 2 23 ? -5.700  -3.146  3.186   1.00 0.90 ? 67 ILE B H    1 
ATOM   1051 H HA   . ILE B 2 23 ? -3.602  -1.128  3.383   1.00 1.30 ? 67 ILE B HA   1 
ATOM   1052 H HB   . ILE B 2 23 ? -6.005  -1.256  5.234   1.00 1.44 ? 67 ILE B HB   1 
ATOM   1053 H HG12 . ILE B 2 23 ? -5.999  -0.916  2.229   1.00 1.50 ? 67 ILE B HG12 1 
ATOM   1054 H HG13 . ILE B 2 23 ? -7.116  -1.848  3.233   1.00 1.60 ? 67 ILE B HG13 1 
ATOM   1055 H HG21 . ILE B 2 23 ? -4.333  0.808   3.763   1.00 2.15 ? 67 ILE B HG21 1 
ATOM   1056 H HG22 . ILE B 2 23 ? -5.951  1.236   4.321   1.00 2.00 ? 67 ILE B HG22 1 
ATOM   1057 H HG23 . ILE B 2 23 ? -4.720  0.740   5.483   1.00 2.18 ? 67 ILE B HG23 1 
ATOM   1058 H HD11 . ILE B 2 23 ? -6.872  1.169   3.369   1.00 1.65 ? 67 ILE B HD11 1 
ATOM   1059 H HD12 . ILE B 2 23 ? -8.071  0.335   2.379   1.00 1.63 ? 67 ILE B HD12 1 
ATOM   1060 H HD13 . ILE B 2 23 ? -8.101  0.162   4.135   1.00 1.73 ? 67 ILE B HD13 1 
ATOM   1061 N N    . GLY B 2 24 ? -4.380  -2.258  6.323   1.00 1.72 ? 68 GLY B N    1 
ATOM   1062 C CA   . GLY B 2 24 ? -3.784  -2.744  7.599   1.00 1.97 ? 68 GLY B CA   1 
ATOM   1063 C C    . GLY B 2 24 ? -4.105  -4.229  7.777   1.00 2.80 ? 68 GLY B C    1 
ATOM   1064 O O    . GLY B 2 24 ? -4.203  -4.628  8.926   1.00 3.41 ? 68 GLY B O    1 
ATOM   1065 O OXT  . GLY B 2 24 ? -4.234  -4.881  6.754   1.00 3.31 ? 68 GLY B OXT  1 
ATOM   1066 H H    . GLY B 2 24 ? -5.317  -1.978  6.290   1.00 2.20 ? 68 GLY B H    1 
ATOM   1067 H HA2  . GLY B 2 24 ? -2.716  -2.594  7.553   1.00 2.08 ? 68 GLY B HA2  1 
ATOM   1068 H HA3  . GLY B 2 24 ? -4.207  -2.169  8.410   1.00 2.17 ? 68 GLY B HA3  1 
# 
